data_2VZT
#
_entry.id   2VZT
#
_cell.length_a   86.690
_cell.length_b   122.230
_cell.length_c   91.860
_cell.angle_alpha   90.00
_cell.angle_beta   90.52
_cell.angle_gamma   90.00
#
_symmetry.space_group_name_H-M   'P 1 21 1'
#
loop_
_entity.id
_entity.type
_entity.pdbx_description
1 polymer EXO-BETA-D-GLUCOSAMINIDASE
2 non-polymer 'CADMIUM ION'
3 non-polymer '4-nitrophenyl 2-amino-2-deoxy-beta-D-glucopyranoside'
4 non-polymer 'ACETATE ION'
5 water water
#
_entity_poly.entity_id   1
_entity_poly.type   'polypeptide(L)'
_entity_poly.pdbx_seq_one_letter_code
;VSFRQKRTRIPLLAMTVTALAAAVCGVTTAPAATGAEVAVPLSVGAAAGNATPIPGYVIQSSAQVSDDSAVSKPGFPTSG
WYPVSSRSTVYAGLLQNGKYADPFYSTNMQNVPAAQFSVPWWYRTDLNVDDTSSRTYLDFSGVLSKADVWVNGTKVATKD
QVNGAYTRHDLDITAQVHTGVNSVAFKVYPNDPNRDLSMGWIDWAQTPPDQNMGIVRDVLVRRSGAVALRSAHVIQKLNS
ALDHADLTVKADVRNDSANAVQTTVAGTVAGKPISQTVSLAAKERKTVTFPLVGLDRPNVWWPAGMGGQHRYDLDLTASV
GGTPSDAAKSKFGVRDVKATLNSSGGRQYSVNGKPLLIRGGGYTPDLFLRWNETAAADKLKYVLNLGLNTVRLEGHIEPD
EFFDIADDLGVLTMPGWECCDKWEGQVNGEEKGEPWVESDYPIAKASMFSEAERLRDHPSVISFHIGSDFAPDRRIEQGY
LDAMKAADFLLPVIPAASARPSPITGASGMKMNGPYDYVPPVYWYDKSQKDRGGAWSFNSATSAGVDIPTMDTLKRMMSA
SELDTMWKNPSAKQYHRSSSDTFGNLKLFGDALTKRYGASANLNDFVRKAQLSQYENVRAEFESHSRNYTDSTNPSTGLI
YWMLNSPWTSLHWQLFDAYMDQNGAYYGAKKANEPLHIQYSHDNRSVVVINQTSNAVSGLTATTKLYNLDGTEKYSNTKT
GLSVGALGAKATAVTVPAVSGLSTTYLAKNVLTDSSGKEVSRNVYWLSTKADTLNWGGSDWYYTPQSAFADLSGLNNLGQ
SAVGATANSVAGADGTTTTTVTLKNTSGGRLPAFYVDSKVVDSAGKPVLPVEWNDNAVSLWPGETTTLTAKYRTADLKGS
KPSVRISGWNTGTQTVPADGSGPGPSDPVDYQAEDATIVQGAVESNHAGYTGTGFVNYDNVAGSSVEWTVTVPSAGTYDV
VVRYANGTTTSRPLDFSVNGSISASGVAFGSTGTWPAWTTKTVRVTLAAGVNKIKAVATTANGGPNVDKITL
;
_entity_poly.pdbx_strand_id   A,B
#
loop_
_chem_comp.id
_chem_comp.type
_chem_comp.name
_chem_comp.formula
ACT non-polymer 'ACETATE ION' 'C2 H3 O2 -1'
CD non-polymer 'CADMIUM ION' 'Cd 2'
PNJ D-saccharide '4-nitrophenyl 2-amino-2-deoxy-beta-D-glucopyranoside' 'C12 H16 N2 O7'
#
# COMPACT_ATOMS: atom_id res chain seq x y z
N GLY A 49 -0.15 20.44 -10.56
CA GLY A 49 0.89 19.47 -10.11
C GLY A 49 0.76 18.09 -10.73
N ASN A 50 -0.21 17.91 -11.63
CA ASN A 50 -0.35 16.69 -12.44
C ASN A 50 0.89 16.41 -13.31
N ALA A 51 1.36 15.17 -13.30
CA ALA A 51 2.27 14.62 -14.33
C ALA A 51 1.85 13.18 -14.63
N THR A 52 1.17 12.96 -15.76
CA THR A 52 0.62 11.67 -16.12
C THR A 52 1.36 11.12 -17.37
N PRO A 53 1.97 9.90 -17.27
CA PRO A 53 2.62 9.32 -18.45
C PRO A 53 1.58 8.98 -19.51
N ILE A 54 1.96 9.18 -20.77
CA ILE A 54 1.14 8.68 -21.87
C ILE A 54 1.20 7.14 -21.85
N PRO A 55 0.03 6.46 -21.66
CA PRO A 55 0.09 4.99 -21.50
C PRO A 55 0.48 4.19 -22.74
N GLY A 56 0.24 4.73 -23.93
CA GLY A 56 0.47 3.99 -25.16
C GLY A 56 0.29 4.87 -26.37
N TYR A 57 0.62 4.34 -27.54
CA TYR A 57 0.63 5.04 -28.81
C TYR A 57 0.07 4.05 -29.83
N VAL A 58 -0.28 4.58 -31.02
CA VAL A 58 -0.34 3.78 -32.26
C VAL A 58 0.84 4.24 -33.14
N ILE A 59 1.52 3.29 -33.78
CA ILE A 59 2.69 3.65 -34.59
C ILE A 59 2.55 3.14 -35.99
N GLN A 60 3.25 3.84 -36.90
CA GLN A 60 3.33 3.49 -38.31
C GLN A 60 4.53 4.16 -38.96
N SER A 61 5.00 3.54 -40.03
CA SER A 61 6.06 4.13 -40.86
C SER A 61 5.63 5.44 -41.53
N SER A 62 6.57 6.37 -41.62
CA SER A 62 6.34 7.61 -42.38
C SER A 62 6.22 7.37 -43.90
N ALA A 63 6.53 6.14 -44.36
CA ALA A 63 6.22 5.70 -45.74
C ALA A 63 4.71 5.77 -45.98
N GLN A 64 3.93 5.81 -44.91
CA GLN A 64 2.49 5.86 -45.07
C GLN A 64 1.89 7.21 -44.81
N VAL A 65 2.72 8.21 -44.56
CA VAL A 65 2.25 9.55 -44.22
C VAL A 65 2.89 10.56 -45.16
N SER A 66 2.05 11.19 -45.99
CA SER A 66 2.54 12.06 -47.06
C SER A 66 2.47 13.53 -46.64
N ASP A 67 1.63 13.80 -45.62
CA ASP A 67 1.48 15.10 -44.97
C ASP A 67 1.73 14.99 -43.46
N ASP A 68 2.89 15.44 -42.99
CA ASP A 68 3.26 15.38 -41.56
C ASP A 68 2.25 16.09 -40.64
N SER A 69 1.81 17.28 -41.06
CA SER A 69 0.88 18.11 -40.29
C SER A 69 -0.43 17.40 -39.93
N ALA A 70 -0.85 16.49 -40.82
CA ALA A 70 -2.11 15.75 -40.68
C ALA A 70 -2.17 14.84 -39.46
N VAL A 71 -1.03 14.24 -39.09
CA VAL A 71 -1.03 13.18 -38.08
C VAL A 71 -1.61 13.62 -36.72
N SER A 72 -1.16 14.77 -36.23
CA SER A 72 -1.53 15.26 -34.90
C SER A 72 -2.83 16.07 -34.84
N LYS A 73 -3.56 16.14 -35.96
CA LYS A 73 -4.89 16.71 -36.00
C LYS A 73 -5.95 15.71 -35.47
N PRO A 74 -6.72 16.12 -34.45
CA PRO A 74 -7.77 15.22 -33.94
C PRO A 74 -8.65 14.71 -35.09
N GLY A 75 -8.96 13.40 -35.11
CA GLY A 75 -9.66 12.80 -36.25
C GLY A 75 -8.83 12.08 -37.32
N PHE A 76 -7.51 12.29 -37.33
CA PHE A 76 -6.64 11.62 -38.29
C PHE A 76 -6.83 10.09 -38.22
N PRO A 77 -7.07 9.46 -39.40
CA PRO A 77 -7.29 8.00 -39.43
C PRO A 77 -6.01 7.20 -39.25
N THR A 78 -6.12 6.10 -38.54
CA THR A 78 -4.93 5.33 -38.14
C THR A 78 -5.22 3.85 -38.28
N SER A 79 -6.02 3.52 -39.28
CA SER A 79 -6.37 2.13 -39.63
C SER A 79 -5.12 1.40 -40.15
N GLY A 80 -4.86 0.23 -39.56
CA GLY A 80 -3.60 -0.49 -39.79
C GLY A 80 -2.38 -0.03 -39.01
N TRP A 81 -2.49 1.04 -38.20
CA TRP A 81 -1.43 1.45 -37.26
C TRP A 81 -1.30 0.44 -36.10
N TYR A 82 -0.11 0.33 -35.51
CA TYR A 82 0.11 -0.66 -34.46
C TYR A 82 -0.03 -0.09 -33.03
N PRO A 83 -0.97 -0.64 -32.23
CA PRO A 83 -1.04 -0.15 -30.85
C PRO A 83 0.18 -0.67 -30.06
N VAL A 84 0.84 0.22 -29.33
CA VAL A 84 2.05 -0.17 -28.55
C VAL A 84 1.97 0.49 -27.18
N SER A 85 2.55 -0.16 -26.19
CA SER A 85 2.57 0.44 -24.85
C SER A 85 3.66 1.53 -24.78
N SER A 86 3.72 2.22 -23.67
CA SER A 86 4.79 3.13 -23.36
C SER A 86 6.17 2.44 -23.42
N ARG A 87 7.20 3.19 -23.78
CA ARG A 87 8.59 2.72 -23.72
C ARG A 87 8.95 1.68 -24.80
N SER A 88 8.31 1.79 -25.96
CA SER A 88 8.52 0.82 -27.03
C SER A 88 9.45 1.36 -28.10
N THR A 89 10.46 0.56 -28.45
CA THR A 89 11.11 0.74 -29.73
C THR A 89 10.12 0.31 -30.81
N VAL A 90 10.40 0.65 -32.06
CA VAL A 90 9.52 0.26 -33.16
C VAL A 90 9.36 -1.25 -33.24
N TYR A 91 10.49 -1.96 -33.29
CA TYR A 91 10.47 -3.42 -33.38
C TYR A 91 9.85 -4.09 -32.16
N ALA A 92 10.11 -3.57 -30.96
CA ALA A 92 9.39 -4.08 -29.79
C ALA A 92 7.88 -3.90 -29.99
N GLY A 93 7.46 -2.76 -30.56
CA GLY A 93 6.04 -2.55 -30.88
C GLY A 93 5.47 -3.54 -31.89
N LEU A 94 6.25 -3.83 -32.93
CA LEU A 94 5.80 -4.82 -33.94
C LEU A 94 5.65 -6.26 -33.35
N LEU A 95 6.63 -6.65 -32.51
CA LEU A 95 6.58 -7.93 -31.76
C LEU A 95 5.35 -8.02 -30.85
N GLN A 96 5.01 -6.92 -30.20
CA GLN A 96 3.82 -6.83 -29.38
C GLN A 96 2.56 -7.18 -30.16
N ASN A 97 2.55 -6.86 -31.46
CA ASN A 97 1.39 -7.03 -32.33
C ASN A 97 1.41 -8.24 -33.25
N GLY A 98 2.31 -9.17 -33.04
CA GLY A 98 2.25 -10.27 -33.98
C GLY A 98 3.43 -10.57 -34.85
N LYS A 99 4.24 -9.62 -35.26
CA LYS A 99 4.21 -9.16 -36.64
C LYS A 99 5.41 -10.00 -37.18
N TYR A 100 6.33 -10.33 -36.27
CA TYR A 100 7.50 -11.16 -36.54
C TYR A 100 7.64 -12.23 -35.46
N ALA A 101 8.34 -13.32 -35.77
CA ALA A 101 8.54 -14.39 -34.80
C ALA A 101 9.54 -13.96 -33.71
N ASP A 102 9.61 -14.75 -32.64
CA ASP A 102 10.47 -14.51 -31.46
C ASP A 102 11.97 -14.43 -31.85
N PRO A 103 12.60 -13.26 -31.64
CA PRO A 103 14.03 -13.10 -31.99
C PRO A 103 14.96 -13.83 -31.03
N PHE A 104 14.40 -14.30 -29.91
CA PHE A 104 15.16 -15.08 -28.94
C PHE A 104 15.40 -16.51 -29.44
N TYR A 105 14.74 -16.90 -30.54
CA TYR A 105 14.87 -18.24 -31.08
C TYR A 105 15.56 -18.26 -32.42
N SER A 106 16.60 -19.07 -32.51
CA SER A 106 17.34 -19.30 -33.75
C SER A 106 17.71 -18.02 -34.47
N THR A 107 17.55 -18.02 -35.80
CA THR A 107 17.87 -16.84 -36.61
C THR A 107 16.64 -16.01 -36.96
N ASN A 108 15.56 -16.10 -36.16
CA ASN A 108 14.34 -15.31 -36.40
C ASN A 108 14.61 -13.84 -36.67
N MET A 109 15.58 -13.26 -35.96
CA MET A 109 15.83 -11.82 -36.06
C MET A 109 16.35 -11.43 -37.42
N GLN A 110 17.00 -12.38 -38.08
CA GLN A 110 17.57 -12.17 -39.42
C GLN A 110 16.52 -12.02 -40.51
N ASN A 111 15.38 -12.69 -40.32
CA ASN A 111 14.23 -12.63 -41.24
C ASN A 111 13.41 -11.31 -41.21
N VAL A 112 13.84 -10.33 -40.40
CA VAL A 112 13.14 -9.03 -40.34
C VAL A 112 13.77 -8.12 -41.38
N PRO A 113 12.98 -7.60 -42.33
CA PRO A 113 13.52 -6.59 -43.25
C PRO A 113 13.90 -5.30 -42.50
N ALA A 114 15.18 -4.91 -42.51
CA ALA A 114 15.61 -3.73 -41.76
C ALA A 114 15.43 -2.41 -42.53
N ALA A 115 15.30 -2.50 -43.85
CA ALA A 115 15.12 -1.32 -44.71
C ALA A 115 14.03 -0.40 -44.22
N GLN A 116 12.90 -0.98 -43.79
CA GLN A 116 11.76 -0.23 -43.25
C GLN A 116 12.08 0.65 -42.06
N PHE A 117 13.22 0.38 -41.40
CA PHE A 117 13.67 1.18 -40.24
C PHE A 117 14.73 2.24 -40.62
N SER A 118 14.84 2.57 -41.90
CA SER A 118 15.77 3.61 -42.38
C SER A 118 15.03 4.89 -42.70
N VAL A 119 13.73 4.86 -42.43
CA VAL A 119 12.85 6.02 -42.51
C VAL A 119 12.17 6.32 -41.16
N PRO A 120 11.80 7.58 -40.92
CA PRO A 120 11.04 7.85 -39.69
C PRO A 120 9.75 7.01 -39.46
N TRP A 121 9.43 6.80 -38.17
CA TRP A 121 8.17 6.22 -37.76
C TRP A 121 7.47 7.21 -36.84
N TRP A 122 6.16 7.27 -36.94
CA TRP A 122 5.32 8.12 -36.10
C TRP A 122 4.82 7.39 -34.85
N TYR A 123 4.82 8.10 -33.72
CA TYR A 123 4.19 7.70 -32.48
C TYR A 123 3.07 8.70 -32.21
N ARG A 124 1.83 8.21 -32.22
CA ARG A 124 0.67 9.09 -32.13
C ARG A 124 -0.24 8.72 -30.97
N THR A 125 -0.81 9.74 -30.34
CA THR A 125 -1.80 9.56 -29.29
C THR A 125 -2.81 10.70 -29.24
N ASP A 126 -4.02 10.40 -28.76
CA ASP A 126 -4.96 11.44 -28.32
C ASP A 126 -4.76 11.77 -26.84
N LEU A 127 -5.17 12.99 -26.44
CA LEU A 127 -5.19 13.42 -25.04
C LEU A 127 -6.51 14.14 -24.83
N ASN A 128 -7.34 13.65 -23.92
CA ASN A 128 -8.51 14.40 -23.50
C ASN A 128 -8.10 15.51 -22.55
N VAL A 129 -8.47 16.76 -22.86
CA VAL A 129 -8.24 17.90 -21.95
C VAL A 129 -9.58 18.56 -21.63
N ASP A 130 -10.04 18.34 -20.40
CA ASP A 130 -11.32 18.85 -19.89
C ASP A 130 -11.33 20.34 -19.63
N ASP A 131 -10.16 20.87 -19.31
CA ASP A 131 -10.03 22.21 -18.72
C ASP A 131 -8.66 22.81 -19.04
N THR A 132 -8.66 23.91 -19.82
CA THR A 132 -7.43 24.52 -20.30
C THR A 132 -6.96 25.70 -19.42
N SER A 133 -7.55 25.81 -18.23
CA SER A 133 -7.15 26.79 -17.22
C SER A 133 -5.68 26.59 -16.81
N SER A 134 -5.28 25.34 -16.60
CA SER A 134 -3.88 25.00 -16.36
C SER A 134 -3.06 24.97 -17.66
N ARG A 135 -1.84 25.48 -17.57
CA ARG A 135 -0.79 25.27 -18.57
C ARG A 135 -0.51 23.77 -18.82
N THR A 136 0.00 23.45 -20.02
CA THR A 136 0.23 22.04 -20.45
C THR A 136 1.65 21.89 -21.03
N TYR A 137 2.35 20.84 -20.60
CA TYR A 137 3.74 20.59 -20.97
C TYR A 137 3.90 19.14 -21.36
N LEU A 138 4.79 18.91 -22.34
CA LEU A 138 5.33 17.58 -22.60
C LEU A 138 6.75 17.52 -22.05
N ASP A 139 6.96 16.60 -21.13
CA ASP A 139 8.24 16.44 -20.44
C ASP A 139 8.68 15.01 -20.63
N PHE A 140 9.80 14.81 -21.33
CA PHE A 140 10.23 13.48 -21.77
C PHE A 140 11.72 13.38 -22.07
N SER A 141 12.17 12.14 -22.20
CA SER A 141 13.49 11.81 -22.72
C SER A 141 13.36 10.38 -23.27
N GLY A 142 14.48 9.79 -23.72
CA GLY A 142 14.48 8.48 -24.36
C GLY A 142 14.07 8.37 -25.82
N VAL A 143 14.23 9.44 -26.60
CA VAL A 143 13.93 9.39 -28.04
C VAL A 143 15.16 8.93 -28.85
N LEU A 144 15.04 7.79 -29.57
CA LEU A 144 16.17 7.28 -30.36
C LEU A 144 15.76 7.35 -31.82
N SER A 145 16.41 8.19 -32.67
CA SER A 145 17.55 9.08 -32.30
C SER A 145 17.20 10.55 -31.96
N LYS A 146 16.07 11.02 -32.49
CA LYS A 146 15.68 12.42 -32.53
C LYS A 146 14.23 12.41 -33.04
N ALA A 147 13.51 13.51 -32.88
CA ALA A 147 12.11 13.60 -33.30
C ALA A 147 11.64 15.01 -33.59
N ASP A 148 10.66 15.13 -34.50
CA ASP A 148 9.82 16.31 -34.62
C ASP A 148 8.64 16.07 -33.73
N VAL A 149 8.25 17.08 -32.98
CA VAL A 149 7.05 16.97 -32.11
C VAL A 149 5.91 17.89 -32.61
N TRP A 150 4.72 17.30 -32.74
CA TRP A 150 3.55 17.96 -33.28
C TRP A 150 2.38 17.90 -32.28
N VAL A 151 1.71 19.03 -32.09
CA VAL A 151 0.46 19.07 -31.33
C VAL A 151 -0.62 19.76 -32.15
N ASN A 152 -1.74 19.07 -32.37
CA ASN A 152 -2.91 19.65 -33.05
C ASN A 152 -2.64 20.32 -34.42
N GLY A 153 -1.72 19.78 -35.20
CA GLY A 153 -1.38 20.33 -36.51
C GLY A 153 -0.24 21.35 -36.54
N THR A 154 0.33 21.65 -35.37
CA THR A 154 1.45 22.58 -35.23
C THR A 154 2.69 21.81 -34.80
N LYS A 155 3.79 22.04 -35.51
CA LYS A 155 5.08 21.48 -35.17
C LYS A 155 5.65 22.31 -33.99
N VAL A 156 5.71 21.72 -32.79
CA VAL A 156 6.19 22.43 -31.58
C VAL A 156 7.70 22.34 -31.33
N ALA A 157 8.36 21.38 -31.99
CA ALA A 157 9.78 21.14 -31.83
C ALA A 157 10.25 20.27 -32.97
N THR A 158 11.50 20.48 -33.37
CA THR A 158 12.09 19.71 -34.50
C THR A 158 13.20 18.78 -33.98
N LYS A 159 13.61 17.86 -34.84
CA LYS A 159 14.70 16.91 -34.61
C LYS A 159 16.06 17.56 -34.34
N ASP A 160 16.20 18.86 -34.62
CA ASP A 160 17.46 19.58 -34.33
C ASP A 160 17.52 19.93 -32.83
N GLN A 161 16.35 20.11 -32.25
CA GLN A 161 16.18 20.40 -30.83
C GLN A 161 15.95 19.11 -30.01
N VAL A 162 14.96 18.32 -30.42
CA VAL A 162 14.68 17.02 -29.77
C VAL A 162 15.61 15.92 -30.34
N ASN A 163 16.78 15.78 -29.76
CA ASN A 163 17.92 15.08 -30.39
C ASN A 163 18.82 14.48 -29.30
N GLY A 164 18.99 13.15 -29.35
CA GLY A 164 19.77 12.46 -28.33
C GLY A 164 18.90 11.76 -27.32
N ALA A 165 19.23 10.49 -27.08
CA ALA A 165 18.43 9.58 -26.25
C ALA A 165 18.25 10.02 -24.79
N TYR A 166 19.28 10.68 -24.26
CA TYR A 166 19.32 11.04 -22.87
C TYR A 166 18.89 12.47 -22.62
N THR A 167 18.66 13.25 -23.68
CA THR A 167 18.26 14.64 -23.47
C THR A 167 16.80 14.78 -23.03
N ARG A 168 16.57 15.69 -22.08
CA ARG A 168 15.24 15.92 -21.55
C ARG A 168 14.66 17.18 -22.19
N HIS A 169 13.37 17.14 -22.43
CA HIS A 169 12.67 18.20 -23.10
C HIS A 169 11.42 18.52 -22.31
N ASP A 170 11.18 19.80 -22.12
CA ASP A 170 10.10 20.27 -21.27
C ASP A 170 9.36 21.28 -22.14
N LEU A 171 8.43 20.77 -22.95
CA LEU A 171 7.83 21.60 -24.00
C LEU A 171 6.50 22.14 -23.55
N ASP A 172 6.40 23.46 -23.52
CA ASP A 172 5.19 24.15 -23.18
C ASP A 172 4.29 24.15 -24.40
N ILE A 173 3.17 23.43 -24.30
CA ILE A 173 2.26 23.29 -25.42
C ILE A 173 0.92 24.00 -25.16
N THR A 174 0.92 24.90 -24.18
CA THR A 174 -0.26 25.60 -23.76
C THR A 174 -0.95 26.28 -24.93
N ALA A 175 -0.17 26.87 -25.82
CA ALA A 175 -0.75 27.62 -26.94
C ALA A 175 -1.52 26.71 -27.93
N GLN A 176 -1.13 25.43 -28.02
CA GLN A 176 -1.75 24.50 -28.95
C GLN A 176 -2.93 23.71 -28.38
N VAL A 177 -2.98 23.56 -27.05
CA VAL A 177 -3.99 22.74 -26.40
C VAL A 177 -5.35 23.46 -26.32
N HIS A 178 -6.43 22.73 -26.58
CA HIS A 178 -7.82 23.21 -26.49
C HIS A 178 -8.59 22.18 -25.68
N THR A 179 -9.82 22.55 -25.29
CA THR A 179 -10.74 21.66 -24.56
C THR A 179 -11.19 20.46 -25.39
N GLY A 180 -11.25 19.29 -24.76
CA GLY A 180 -11.66 18.07 -25.44
C GLY A 180 -10.51 17.26 -25.99
N VAL A 181 -10.74 16.65 -27.16
CA VAL A 181 -9.79 15.74 -27.78
C VAL A 181 -8.68 16.50 -28.49
N ASN A 182 -7.47 16.27 -27.97
CA ASN A 182 -6.26 16.79 -28.54
C ASN A 182 -5.46 15.60 -29.07
N SER A 183 -4.48 15.88 -29.91
CA SER A 183 -3.63 14.84 -30.43
C SER A 183 -2.19 15.29 -30.44
N VAL A 184 -1.32 14.33 -30.16
CA VAL A 184 0.13 14.54 -30.08
C VAL A 184 0.79 13.45 -30.91
N ALA A 185 1.82 13.80 -31.67
CA ALA A 185 2.51 12.87 -32.53
C ALA A 185 4.01 13.17 -32.62
N PHE A 186 4.82 12.12 -32.46
CA PHE A 186 6.25 12.26 -32.61
C PHE A 186 6.64 11.57 -33.92
N LYS A 187 7.41 12.25 -34.75
CA LYS A 187 8.01 11.62 -35.91
C LYS A 187 9.44 11.29 -35.50
N VAL A 188 9.68 10.00 -35.21
CA VAL A 188 10.94 9.54 -34.65
C VAL A 188 11.88 9.13 -35.78
N TYR A 189 13.08 9.73 -35.85
CA TYR A 189 14.01 9.41 -36.92
C TYR A 189 14.78 8.12 -36.64
N PRO A 190 15.28 7.43 -37.71
CA PRO A 190 16.15 6.25 -37.59
C PRO A 190 17.33 6.48 -36.68
N ASN A 191 17.72 5.42 -35.95
CA ASN A 191 18.85 5.43 -35.05
C ASN A 191 20.08 4.77 -35.67
N ASP A 192 21.18 5.50 -35.73
CA ASP A 192 22.49 4.91 -35.99
C ASP A 192 23.43 5.22 -34.80
N PRO A 193 23.75 4.19 -34.00
CA PRO A 193 24.58 4.39 -32.79
C PRO A 193 25.96 4.97 -33.06
N ASN A 194 26.44 4.82 -34.29
CA ASN A 194 27.76 5.36 -34.65
C ASN A 194 27.71 6.86 -34.99
N ARG A 195 26.53 7.36 -35.34
CA ARG A 195 26.31 8.74 -35.80
C ARG A 195 25.60 9.56 -34.71
N ASP A 196 24.69 8.91 -33.98
CA ASP A 196 23.84 9.55 -32.98
C ASP A 196 24.30 9.30 -31.53
N LEU A 197 24.17 10.33 -30.70
CA LEU A 197 24.51 10.21 -29.28
C LEU A 197 23.36 9.46 -28.59
N SER A 198 23.41 8.15 -28.70
CA SER A 198 22.24 7.33 -28.47
C SER A 198 22.63 6.08 -27.67
N MET A 199 22.12 4.91 -28.07
CA MET A 199 22.58 3.60 -27.58
C MET A 199 22.85 2.65 -28.76
N GLY A 200 23.95 1.91 -28.67
CA GLY A 200 24.25 0.77 -29.55
C GLY A 200 24.72 -0.45 -28.74
N TRP A 201 24.94 -1.57 -29.44
CA TRP A 201 25.12 -2.86 -28.76
C TRP A 201 26.54 -3.42 -28.78
N ILE A 202 27.47 -2.63 -29.31
CA ILE A 202 28.91 -2.94 -29.34
C ILE A 202 29.11 -4.32 -29.94
N ASP A 203 29.57 -5.28 -29.15
CA ASP A 203 29.70 -6.65 -29.62
C ASP A 203 28.99 -7.63 -28.67
N TRP A 204 28.06 -7.11 -27.87
CA TRP A 204 27.41 -7.92 -26.85
C TRP A 204 26.49 -8.97 -27.42
N ALA A 205 25.93 -8.66 -28.58
CA ALA A 205 24.87 -9.49 -29.13
C ALA A 205 24.86 -9.40 -30.65
N GLN A 206 23.65 -9.31 -31.22
CA GLN A 206 23.41 -9.02 -32.65
C GLN A 206 22.54 -7.76 -32.76
N THR A 207 22.65 -7.04 -33.87
CA THR A 207 21.99 -5.76 -34.05
C THR A 207 20.47 -5.86 -34.17
N PRO A 208 19.71 -5.16 -33.28
CA PRO A 208 18.26 -5.14 -33.45
C PRO A 208 17.88 -4.51 -34.81
N PRO A 209 16.89 -5.10 -35.52
CA PRO A 209 16.63 -4.65 -36.90
C PRO A 209 16.27 -3.17 -37.03
N ASP A 210 15.64 -2.58 -36.01
CA ASP A 210 15.26 -1.17 -36.02
C ASP A 210 16.32 -0.28 -35.37
N GLN A 211 17.37 -0.92 -34.84
CA GLN A 211 18.42 -0.19 -34.15
C GLN A 211 17.82 0.64 -32.98
N ASN A 212 16.79 0.08 -32.36
CA ASN A 212 16.12 0.65 -31.18
C ASN A 212 15.41 1.98 -31.34
N MET A 213 15.12 2.38 -32.57
CA MET A 213 14.45 3.65 -32.79
C MET A 213 13.13 3.58 -32.05
N GLY A 214 12.73 4.70 -31.47
CA GLY A 214 11.46 4.77 -30.74
C GLY A 214 11.59 5.69 -29.55
N ILE A 215 10.64 5.55 -28.60
CA ILE A 215 10.64 6.35 -27.37
C ILE A 215 10.66 5.38 -26.20
N VAL A 216 11.81 5.26 -25.54
CA VAL A 216 12.05 4.15 -24.62
C VAL A 216 11.87 4.53 -23.13
N ARG A 217 11.42 5.77 -22.86
CA ARG A 217 11.00 6.22 -21.53
C ARG A 217 9.60 6.81 -21.66
N ASP A 218 9.04 7.29 -20.55
CA ASP A 218 7.70 7.87 -20.60
C ASP A 218 7.73 9.27 -21.18
N VAL A 219 6.63 9.65 -21.85
CA VAL A 219 6.35 11.04 -22.12
C VAL A 219 5.32 11.46 -21.09
N LEU A 220 5.62 12.50 -20.31
CA LEU A 220 4.71 12.96 -19.26
C LEU A 220 3.89 14.14 -19.74
N VAL A 221 2.58 14.10 -19.49
CA VAL A 221 1.74 15.29 -19.62
C VAL A 221 1.64 15.98 -18.24
N ARG A 222 2.25 17.17 -18.17
CA ARG A 222 2.27 17.98 -16.97
C ARG A 222 1.25 19.14 -17.09
N ARG A 223 0.58 19.42 -15.98
CA ARG A 223 -0.35 20.55 -15.87
C ARG A 223 0.09 21.31 -14.64
N SER A 224 0.04 22.64 -14.73
CA SER A 224 0.45 23.52 -13.68
C SER A 224 -0.18 24.89 -13.95
N GLY A 225 -0.20 25.78 -12.95
CA GLY A 225 -0.61 27.18 -13.17
C GLY A 225 0.45 28.01 -13.87
N ALA A 226 0.58 29.27 -13.45
CA ALA A 226 1.56 30.22 -13.98
C ALA A 226 3.00 29.77 -13.77
N VAL A 227 3.25 29.04 -12.68
CA VAL A 227 4.60 28.69 -12.29
C VAL A 227 4.81 27.16 -12.38
N ALA A 228 5.88 26.80 -13.08
CA ALA A 228 6.31 25.41 -13.23
C ALA A 228 7.46 25.18 -12.23
N LEU A 229 7.38 24.05 -11.53
CA LEU A 229 8.39 23.61 -10.56
C LEU A 229 9.22 22.52 -11.20
N ARG A 230 10.55 22.61 -11.06
CA ARG A 230 11.41 21.79 -11.86
C ARG A 230 12.74 21.57 -11.13
N SER A 231 13.33 20.39 -11.36
CA SER A 231 14.67 20.07 -10.89
C SER A 231 14.88 20.18 -9.34
N ALA A 232 13.85 19.82 -8.56
CA ALA A 232 13.95 19.82 -7.08
C ALA A 232 14.90 18.71 -6.62
N HIS A 233 15.88 19.05 -5.79
CA HIS A 233 16.87 18.04 -5.34
C HIS A 233 17.41 18.38 -3.94
N VAL A 234 18.13 17.46 -3.32
CA VAL A 234 18.66 17.72 -1.98
C VAL A 234 20.15 17.43 -1.95
N ILE A 235 20.96 18.46 -1.77
CA ILE A 235 22.39 18.28 -1.52
C ILE A 235 22.53 17.82 -0.08
N GLN A 236 23.21 16.69 0.14
CA GLN A 236 23.30 16.14 1.49
C GLN A 236 24.77 15.91 1.86
N LYS A 237 25.14 16.22 3.10
CA LYS A 237 26.54 16.12 3.49
C LYS A 237 26.60 15.61 4.93
N LEU A 238 27.23 14.46 5.11
CA LEU A 238 27.23 13.80 6.38
C LEU A 238 28.58 14.06 7.08
N ASN A 239 28.63 14.17 8.41
CA ASN A 239 29.92 14.25 9.06
C ASN A 239 30.63 12.89 8.98
N SER A 240 31.93 12.82 9.26
CA SER A 240 32.61 11.49 9.22
C SER A 240 32.14 10.48 10.28
N ALA A 241 31.60 10.98 11.38
CA ALA A 241 31.00 10.17 12.44
C ALA A 241 29.71 9.51 12.00
N LEU A 242 29.10 10.04 10.94
CA LEU A 242 27.84 9.53 10.33
C LEU A 242 26.62 9.75 11.21
N ASP A 243 26.74 10.68 12.15
CA ASP A 243 25.58 11.00 13.03
C ASP A 243 24.97 12.41 12.85
N HIS A 244 25.40 13.16 11.84
CA HIS A 244 24.76 14.45 11.56
C HIS A 244 24.93 14.72 10.09
N ALA A 245 23.84 15.17 9.45
CA ALA A 245 23.89 15.60 8.05
C ALA A 245 23.38 17.01 7.91
N ASP A 246 23.85 17.67 6.87
CA ASP A 246 23.32 18.93 6.45
C ASP A 246 22.70 18.80 5.06
N LEU A 247 21.45 19.28 4.94
CA LEU A 247 20.65 19.24 3.73
C LEU A 247 20.46 20.60 3.13
N THR A 248 20.87 20.76 1.87
CA THR A 248 20.51 21.95 1.13
C THR A 248 19.52 21.57 0.04
N VAL A 249 18.29 22.08 0.18
CA VAL A 249 17.24 21.86 -0.79
C VAL A 249 17.38 22.95 -1.84
N LYS A 250 17.34 22.54 -3.11
CA LYS A 250 17.34 23.48 -4.23
C LYS A 250 16.19 23.14 -5.16
N ALA A 251 15.49 24.14 -5.69
CA ALA A 251 14.42 23.90 -6.66
C ALA A 251 14.26 25.04 -7.66
N ASP A 252 14.04 24.70 -8.94
CA ASP A 252 13.78 25.74 -9.97
C ASP A 252 12.29 26.03 -10.10
N VAL A 253 11.95 27.32 -10.15
CA VAL A 253 10.59 27.76 -10.49
C VAL A 253 10.62 28.63 -11.78
N ARG A 254 9.64 28.45 -12.65
CA ARG A 254 9.67 29.10 -13.96
C ARG A 254 8.32 29.74 -14.13
N ASN A 255 8.31 31.06 -14.34
CA ASN A 255 7.06 31.80 -14.55
C ASN A 255 6.75 31.83 -16.04
N ASP A 256 5.78 31.01 -16.47
CA ASP A 256 5.49 30.88 -17.91
C ASP A 256 4.30 31.72 -18.32
N SER A 257 3.64 32.33 -17.34
CA SER A 257 2.59 33.28 -17.59
C SER A 257 3.09 34.64 -18.16
N ALA A 258 2.13 35.47 -18.58
CA ALA A 258 2.37 36.78 -19.19
C ALA A 258 2.78 37.82 -18.18
N ASN A 259 2.46 37.58 -16.91
CA ASN A 259 2.67 38.58 -15.85
C ASN A 259 3.66 38.17 -14.76
N ALA A 260 4.29 39.17 -14.14
CA ALA A 260 5.18 38.97 -12.99
C ALA A 260 4.42 38.39 -11.80
N VAL A 261 5.09 37.50 -11.06
CA VAL A 261 4.43 36.88 -9.91
C VAL A 261 5.34 36.80 -8.69
N GLN A 262 4.71 36.60 -7.55
CA GLN A 262 5.39 36.09 -6.37
C GLN A 262 5.00 34.64 -6.24
N THR A 263 5.98 33.76 -6.01
CA THR A 263 5.69 32.38 -5.77
C THR A 263 6.31 31.91 -4.44
N THR A 264 5.57 31.11 -3.68
CA THR A 264 6.12 30.48 -2.49
C THR A 264 6.38 28.99 -2.78
N VAL A 265 7.60 28.53 -2.54
CA VAL A 265 7.96 27.13 -2.64
C VAL A 265 8.09 26.61 -1.21
N ALA A 266 7.18 25.72 -0.81
CA ALA A 266 7.09 25.22 0.57
C ALA A 266 6.73 23.72 0.62
N GLY A 267 7.09 23.07 1.72
CA GLY A 267 6.78 21.66 1.91
C GLY A 267 7.69 21.07 2.98
N THR A 268 8.15 19.84 2.76
CA THR A 268 8.96 19.14 3.74
C THR A 268 10.17 18.45 3.13
N VAL A 269 11.28 18.47 3.88
CA VAL A 269 12.45 17.66 3.56
C VAL A 269 12.77 16.81 4.78
N ALA A 270 12.81 15.50 4.60
CA ALA A 270 13.10 14.58 5.68
C ALA A 270 12.25 14.87 6.95
N GLY A 271 10.98 15.27 6.74
CA GLY A 271 10.04 15.54 7.84
C GLY A 271 10.08 16.92 8.50
N LYS A 272 10.85 17.83 7.92
CA LYS A 272 11.08 19.17 8.44
C LYS A 272 10.49 20.20 7.48
N PRO A 273 9.76 21.21 8.03
CA PRO A 273 9.04 22.14 7.16
C PRO A 273 10.01 23.16 6.58
N ILE A 274 9.75 23.57 5.34
CA ILE A 274 10.60 24.51 4.64
C ILE A 274 9.74 25.39 3.74
N SER A 275 10.18 26.63 3.52
CA SER A 275 9.41 27.61 2.74
C SER A 275 10.32 28.78 2.30
N GLN A 276 10.24 29.10 1.01
CA GLN A 276 10.84 30.32 0.45
C GLN A 276 9.86 30.95 -0.54
N THR A 277 9.78 32.27 -0.47
CA THR A 277 9.05 33.10 -1.42
C THR A 277 10.05 33.90 -2.28
N VAL A 278 9.85 33.86 -3.60
CA VAL A 278 10.68 34.65 -4.53
C VAL A 278 9.76 35.37 -5.51
N SER A 279 10.30 36.40 -6.17
CA SER A 279 9.67 37.08 -7.32
C SER A 279 10.12 36.53 -8.66
N LEU A 280 9.19 36.46 -9.61
CA LEU A 280 9.51 36.05 -10.97
C LEU A 280 8.84 36.96 -12.00
N ALA A 281 9.68 37.65 -12.77
CA ALA A 281 9.28 38.35 -13.98
C ALA A 281 8.58 37.34 -14.90
N ALA A 282 7.80 37.83 -15.87
CA ALA A 282 7.22 36.93 -16.87
C ALA A 282 8.33 36.23 -17.64
N LYS A 283 8.16 34.92 -17.84
CA LYS A 283 9.12 34.06 -18.56
C LYS A 283 10.43 33.81 -17.80
N GLU A 284 10.51 34.23 -16.55
CA GLU A 284 11.74 34.02 -15.74
C GLU A 284 11.82 32.66 -15.03
N ARG A 285 12.97 32.01 -15.16
CA ARG A 285 13.33 30.84 -14.33
C ARG A 285 14.39 31.24 -13.27
N LYS A 286 14.15 30.78 -12.03
CA LYS A 286 15.08 30.94 -10.89
C LYS A 286 15.34 29.63 -10.20
N THR A 287 16.55 29.49 -9.67
CA THR A 287 16.89 28.43 -8.73
C THR A 287 16.71 28.96 -7.33
N VAL A 288 15.80 28.30 -6.60
CA VAL A 288 15.53 28.65 -5.20
C VAL A 288 16.47 27.79 -4.37
N THR A 289 17.27 28.42 -3.51
CA THR A 289 18.13 27.71 -2.55
C THR A 289 17.57 27.91 -1.14
N PHE A 290 17.25 26.82 -0.45
CA PHE A 290 16.67 26.92 0.89
C PHE A 290 17.78 27.04 1.91
N PRO A 291 17.53 27.76 3.02
CA PRO A 291 18.55 27.74 4.10
C PRO A 291 18.86 26.29 4.54
N LEU A 292 20.08 26.09 5.03
CA LEU A 292 20.58 24.79 5.46
C LEU A 292 19.69 24.17 6.54
N VAL A 293 19.46 22.87 6.44
CA VAL A 293 18.64 22.14 7.41
C VAL A 293 19.57 21.11 8.03
N GLY A 294 19.67 21.12 9.36
CA GLY A 294 20.43 20.09 10.07
C GLY A 294 19.60 18.82 10.28
N LEU A 295 20.24 17.67 10.16
CA LEU A 295 19.55 16.43 10.45
C LEU A 295 20.38 15.56 11.43
N ASP A 296 19.86 15.38 12.65
CA ASP A 296 20.55 14.58 13.66
C ASP A 296 20.21 13.12 13.55
N ARG A 297 21.17 12.27 13.88
CA ARG A 297 21.01 10.83 13.85
C ARG A 297 20.35 10.35 12.53
N PRO A 298 20.86 10.82 11.36
CA PRO A 298 20.12 10.44 10.15
C PRO A 298 20.11 8.93 9.96
N ASN A 299 19.03 8.44 9.36
CA ASN A 299 18.98 7.04 8.98
C ASN A 299 19.88 6.88 7.73
N VAL A 300 21.17 6.65 7.98
CA VAL A 300 22.16 6.49 6.90
C VAL A 300 21.85 5.31 5.98
N TRP A 301 21.89 5.57 4.66
CA TRP A 301 21.74 4.54 3.64
C TRP A 301 23.05 3.75 3.51
N TRP A 302 22.94 2.42 3.52
CA TRP A 302 24.09 1.53 3.37
C TRP A 302 23.93 0.55 2.20
N PRO A 303 25.05 0.09 1.59
CA PRO A 303 24.96 -1.06 0.67
C PRO A 303 24.34 -2.29 1.36
N ALA A 304 23.72 -3.21 0.61
CA ALA A 304 23.15 -4.42 1.25
C ALA A 304 24.14 -5.11 2.21
N GLY A 305 23.64 -5.52 3.37
CA GLY A 305 24.46 -6.24 4.33
C GLY A 305 25.26 -5.38 5.31
N MET A 306 25.38 -4.09 4.99
CA MET A 306 26.12 -3.17 5.84
C MET A 306 25.22 -2.30 6.73
N GLY A 307 23.90 -2.40 6.53
CA GLY A 307 22.94 -1.67 7.33
C GLY A 307 21.68 -1.52 6.49
N GLY A 308 20.86 -0.52 6.79
CA GLY A 308 19.59 -0.31 6.06
C GLY A 308 19.71 0.55 4.81
N GLN A 309 18.61 0.65 4.06
CA GLN A 309 18.54 1.29 2.74
C GLN A 309 17.49 2.42 2.67
N HIS A 310 17.39 3.16 3.77
CA HIS A 310 16.38 4.22 3.90
C HIS A 310 16.64 5.35 2.93
N ARG A 311 15.55 5.87 2.40
CA ARG A 311 15.59 7.09 1.64
C ARG A 311 14.58 7.98 2.28
N TYR A 312 14.97 9.24 2.42
CA TYR A 312 14.10 10.31 2.85
C TYR A 312 13.27 10.87 1.67
N ASP A 313 12.23 11.65 2.00
CA ASP A 313 11.32 12.27 1.04
C ASP A 313 11.49 13.78 0.98
N LEU A 314 11.42 14.30 -0.23
CA LEU A 314 11.30 15.72 -0.47
C LEU A 314 9.93 15.93 -1.16
N ASP A 315 9.16 16.85 -0.59
CA ASP A 315 7.82 17.17 -1.05
C ASP A 315 7.65 18.69 -1.07
N LEU A 316 7.38 19.22 -2.27
CA LEU A 316 7.38 20.66 -2.49
C LEU A 316 6.20 21.06 -3.35
N THR A 317 5.62 22.21 -3.05
CA THR A 317 4.59 22.82 -3.87
C THR A 317 5.03 24.26 -4.11
N ALA A 318 4.89 24.71 -5.36
CA ALA A 318 5.02 26.10 -5.72
C ALA A 318 3.60 26.67 -5.81
N SER A 319 3.34 27.71 -5.01
CA SER A 319 2.05 28.35 -4.96
C SER A 319 2.17 29.76 -5.51
N VAL A 320 1.10 30.22 -6.15
CA VAL A 320 0.94 31.59 -6.61
C VAL A 320 -0.44 32.06 -6.16
N GLY A 321 -0.52 33.28 -5.60
CA GLY A 321 -1.78 33.81 -5.10
C GLY A 321 -2.49 32.94 -4.05
N GLY A 322 -1.72 32.32 -3.15
CA GLY A 322 -2.32 31.41 -2.15
C GLY A 322 -2.98 30.18 -2.74
N THR A 323 -2.53 29.76 -3.91
CA THR A 323 -3.08 28.59 -4.60
C THR A 323 -1.92 27.79 -5.18
N PRO A 324 -1.95 26.44 -4.98
CA PRO A 324 -0.93 25.57 -5.57
C PRO A 324 -0.85 25.76 -7.07
N SER A 325 0.36 25.96 -7.58
CA SER A 325 0.58 26.02 -9.03
C SER A 325 1.23 24.75 -9.61
N ASP A 326 2.20 24.19 -8.90
CA ASP A 326 2.84 22.96 -9.35
C ASP A 326 3.39 22.27 -8.12
N ALA A 327 3.75 21.00 -8.25
CA ALA A 327 4.09 20.18 -7.10
C ALA A 327 5.02 19.06 -7.53
N ALA A 328 5.96 18.69 -6.67
CA ALA A 328 6.87 17.56 -6.95
C ALA A 328 7.30 16.86 -5.70
N LYS A 329 7.32 15.53 -5.79
CA LYS A 329 7.77 14.62 -4.75
C LYS A 329 8.96 13.82 -5.26
N SER A 330 9.98 13.66 -4.42
CA SER A 330 11.16 12.86 -4.75
C SER A 330 11.77 12.22 -3.52
N LYS A 331 12.84 11.44 -3.72
CA LYS A 331 13.57 10.84 -2.59
C LYS A 331 15.05 11.11 -2.69
N PHE A 332 15.77 10.95 -1.57
CA PHE A 332 17.23 11.04 -1.54
C PHE A 332 17.73 10.18 -0.43
N GLY A 333 18.98 9.77 -0.53
CA GLY A 333 19.59 8.99 0.54
C GLY A 333 20.70 9.78 1.17
N VAL A 334 20.88 9.59 2.49
CA VAL A 334 21.98 10.20 3.24
C VAL A 334 23.12 9.14 3.31
N ARG A 335 24.23 9.44 2.61
CA ARG A 335 25.24 8.45 2.22
C ARG A 335 26.43 9.26 1.66
N ASP A 336 27.64 8.97 2.16
CA ASP A 336 28.88 9.49 1.53
C ASP A 336 29.51 8.47 0.59
N VAL A 337 29.97 8.89 -0.57
CA VAL A 337 30.84 8.00 -1.37
C VAL A 337 32.15 8.66 -1.83
N LYS A 338 33.21 7.86 -1.90
CA LYS A 338 34.50 8.34 -2.42
C LYS A 338 35.13 7.29 -3.36
N ALA A 339 35.91 7.75 -4.33
CA ALA A 339 36.62 6.85 -5.23
C ALA A 339 37.96 7.54 -5.51
N THR A 340 39.00 7.10 -4.82
CA THR A 340 40.29 7.74 -4.97
C THR A 340 41.33 6.72 -5.42
N LEU A 341 42.43 7.22 -5.97
CA LEU A 341 43.57 6.38 -6.32
C LEU A 341 44.41 6.04 -5.09
N ASN A 342 44.64 4.75 -4.88
CA ASN A 342 45.53 4.27 -3.83
C ASN A 342 47.01 4.49 -4.26
N SER A 343 47.94 4.25 -3.33
CA SER A 343 49.39 4.45 -3.59
C SER A 343 49.94 3.60 -4.76
N SER A 344 49.21 2.55 -5.11
CA SER A 344 49.53 1.67 -6.24
C SER A 344 48.92 2.19 -7.53
N GLY A 345 48.06 3.19 -7.43
CA GLY A 345 47.39 3.73 -8.63
C GLY A 345 46.04 3.11 -9.00
N GLY A 346 45.53 2.22 -8.14
CA GLY A 346 44.19 1.59 -8.35
C GLY A 346 43.04 2.42 -7.77
N ARG A 347 41.92 2.50 -8.50
CA ARG A 347 40.72 3.19 -8.05
C ARG A 347 40.06 2.43 -6.88
N GLN A 348 39.97 3.12 -5.74
CA GLN A 348 39.48 2.51 -4.50
C GLN A 348 38.18 3.21 -4.07
N TYR A 349 37.08 2.47 -4.03
CA TYR A 349 35.80 3.02 -3.55
C TYR A 349 35.62 2.85 -2.05
N SER A 350 34.89 3.79 -1.46
CA SER A 350 34.44 3.63 -0.09
C SER A 350 33.04 4.24 0.03
N VAL A 351 32.21 3.65 0.89
CA VAL A 351 30.89 4.16 1.13
C VAL A 351 30.82 4.41 2.63
N ASN A 352 30.46 5.64 3.00
CA ASN A 352 30.30 6.06 4.37
C ASN A 352 31.59 5.78 5.15
N GLY A 353 32.75 5.94 4.50
CA GLY A 353 34.05 5.81 5.16
C GLY A 353 34.61 4.40 5.20
N LYS A 354 33.80 3.43 4.74
CA LYS A 354 34.18 2.03 4.70
C LYS A 354 34.68 1.71 3.29
N PRO A 355 35.96 1.34 3.16
CA PRO A 355 36.44 0.96 1.85
C PRO A 355 35.78 -0.36 1.42
N LEU A 356 35.58 -0.54 0.12
CA LEU A 356 34.94 -1.76 -0.40
C LEU A 356 35.68 -2.27 -1.59
N LEU A 357 35.84 -3.59 -1.70
CA LEU A 357 36.15 -4.20 -3.00
C LEU A 357 34.84 -4.29 -3.77
N ILE A 358 34.82 -3.67 -4.95
CA ILE A 358 33.66 -3.76 -5.82
C ILE A 358 33.63 -5.17 -6.41
N ARG A 359 32.50 -5.86 -6.26
CA ARG A 359 32.36 -7.19 -6.82
C ARG A 359 31.04 -7.16 -7.53
N GLY A 360 31.07 -7.18 -8.85
CA GLY A 360 29.85 -6.96 -9.62
C GLY A 360 29.87 -7.58 -11.01
N GLY A 361 28.89 -7.18 -11.82
CA GLY A 361 28.85 -7.60 -13.22
C GLY A 361 28.38 -6.42 -14.05
N GLY A 362 28.66 -6.45 -15.36
CA GLY A 362 28.12 -5.46 -16.29
C GLY A 362 26.66 -5.80 -16.57
N TYR A 363 25.76 -4.88 -16.21
CA TYR A 363 24.33 -5.01 -16.44
C TYR A 363 23.94 -4.47 -17.84
N THR A 364 22.98 -5.16 -18.46
CA THR A 364 22.38 -4.72 -19.72
C THR A 364 20.85 -4.86 -19.66
N PRO A 365 20.11 -3.91 -20.29
CA PRO A 365 18.67 -4.09 -20.48
C PRO A 365 18.41 -5.08 -21.62
N ASP A 366 17.13 -5.36 -21.85
CA ASP A 366 16.66 -6.07 -23.02
C ASP A 366 17.18 -5.46 -24.34
N LEU A 367 17.54 -6.32 -25.27
CA LEU A 367 18.06 -5.97 -26.59
C LEU A 367 17.18 -4.97 -27.39
N PHE A 368 15.87 -5.02 -27.14
CA PHE A 368 14.90 -4.20 -27.83
C PHE A 368 14.31 -3.20 -26.85
N LEU A 369 15.00 -3.05 -25.72
CA LEU A 369 14.69 -2.09 -24.63
C LEU A 369 13.27 -2.18 -24.06
N ARG A 370 12.74 -3.41 -24.06
CA ARG A 370 11.39 -3.71 -23.53
C ARG A 370 11.45 -3.59 -22.01
N TRP A 371 10.62 -2.70 -21.46
CA TRP A 371 10.69 -2.37 -20.06
C TRP A 371 9.60 -3.10 -19.26
N ASN A 372 10.02 -3.63 -18.12
CA ASN A 372 9.12 -4.23 -17.15
C ASN A 372 9.71 -4.01 -15.77
N GLU A 373 8.97 -3.32 -14.90
CA GLU A 373 9.41 -3.03 -13.54
C GLU A 373 9.71 -4.25 -12.66
N THR A 374 8.88 -5.27 -12.71
CA THR A 374 9.11 -6.49 -11.90
C THR A 374 10.39 -7.22 -12.36
N ALA A 375 10.55 -7.36 -13.69
CA ALA A 375 11.76 -7.92 -14.28
C ALA A 375 13.06 -7.21 -13.81
N ALA A 376 13.04 -5.87 -13.77
CA ALA A 376 14.18 -5.07 -13.30
C ALA A 376 14.51 -5.39 -11.82
N ALA A 377 13.50 -5.43 -10.96
CA ALA A 377 13.65 -5.86 -9.57
C ALA A 377 14.11 -7.30 -9.48
N ASP A 378 13.62 -8.19 -10.36
CA ASP A 378 14.08 -9.60 -10.37
C ASP A 378 15.56 -9.70 -10.72
N LYS A 379 15.99 -8.89 -11.67
CA LYS A 379 17.40 -8.86 -12.07
C LYS A 379 18.31 -8.30 -10.97
N LEU A 380 17.92 -7.21 -10.30
CA LEU A 380 18.71 -6.69 -9.21
C LEU A 380 18.72 -7.60 -7.96
N LYS A 381 17.59 -8.26 -7.67
CA LYS A 381 17.55 -9.28 -6.61
C LYS A 381 18.50 -10.46 -6.85
N TYR A 382 18.70 -10.83 -8.11
CA TYR A 382 19.67 -11.87 -8.46
C TYR A 382 21.08 -11.40 -8.15
N VAL A 383 21.35 -10.10 -8.31
CA VAL A 383 22.65 -9.52 -7.92
C VAL A 383 23.03 -9.92 -6.47
N LEU A 384 22.06 -9.80 -5.56
CA LEU A 384 22.25 -10.07 -4.15
C LEU A 384 22.24 -11.57 -3.89
N ASN A 385 21.43 -12.32 -4.63
CA ASN A 385 21.41 -13.78 -4.46
C ASN A 385 22.79 -14.38 -4.84
N LEU A 386 23.45 -13.77 -5.81
CA LEU A 386 24.84 -14.05 -6.20
C LEU A 386 25.86 -13.65 -5.13
N GLY A 387 25.49 -12.75 -4.21
CA GLY A 387 26.46 -12.26 -3.22
C GLY A 387 27.28 -11.06 -3.74
N LEU A 388 26.90 -10.54 -4.90
CA LEU A 388 27.60 -9.40 -5.54
C LEU A 388 27.20 -8.10 -4.89
N ASN A 389 28.02 -7.06 -4.99
CA ASN A 389 27.55 -5.77 -4.44
C ASN A 389 27.26 -4.63 -5.45
N THR A 390 27.58 -4.83 -6.72
CA THR A 390 27.55 -3.72 -7.70
C THR A 390 27.15 -4.18 -9.09
N VAL A 391 26.48 -3.29 -9.83
CA VAL A 391 26.37 -3.45 -11.28
C VAL A 391 26.91 -2.23 -12.02
N ARG A 392 27.64 -2.51 -13.11
CA ARG A 392 28.09 -1.47 -14.00
C ARG A 392 27.08 -1.36 -15.13
N LEU A 393 26.74 -0.12 -15.49
CA LEU A 393 25.98 0.14 -16.71
C LEU A 393 26.87 0.87 -17.72
N GLU A 394 27.44 0.11 -18.66
CA GLU A 394 28.11 0.74 -19.80
C GLU A 394 27.07 1.23 -20.83
N GLY A 395 26.73 2.53 -20.72
CA GLY A 395 25.65 3.13 -21.49
C GLY A 395 24.32 2.49 -21.15
N HIS A 396 23.36 2.54 -22.08
CA HIS A 396 22.03 1.94 -21.89
C HIS A 396 21.39 2.28 -20.53
N ILE A 397 21.58 3.53 -20.09
CA ILE A 397 21.21 3.93 -18.72
C ILE A 397 19.72 3.85 -18.50
N GLU A 398 19.34 2.95 -17.59
CA GLU A 398 17.94 2.54 -17.40
C GLU A 398 17.03 3.65 -16.83
N PRO A 399 15.68 3.53 -17.02
CA PRO A 399 14.71 4.44 -16.43
C PRO A 399 14.87 4.57 -14.92
N ASP A 400 14.29 5.62 -14.34
CA ASP A 400 14.41 5.93 -12.91
C ASP A 400 14.13 4.76 -11.99
N GLU A 401 13.08 4.00 -12.28
CA GLU A 401 12.62 2.89 -11.41
C GLU A 401 13.74 1.87 -11.14
N PHE A 402 14.56 1.63 -12.15
CA PHE A 402 15.74 0.79 -11.97
C PHE A 402 16.63 1.26 -10.79
N PHE A 403 16.89 2.57 -10.74
CA PHE A 403 17.68 3.17 -9.66
C PHE A 403 16.91 3.24 -8.32
N ASP A 404 15.60 3.43 -8.34
CA ASP A 404 14.75 3.32 -7.12
C ASP A 404 14.88 1.93 -6.50
N ILE A 405 14.79 0.90 -7.36
CA ILE A 405 14.95 -0.50 -6.92
C ILE A 405 16.36 -0.78 -6.39
N ALA A 406 17.40 -0.36 -7.12
CA ALA A 406 18.77 -0.54 -6.62
C ALA A 406 18.98 0.16 -5.26
N ASP A 407 18.46 1.37 -5.12
CA ASP A 407 18.41 2.09 -3.85
C ASP A 407 17.71 1.24 -2.78
N ASP A 408 16.50 0.76 -3.08
CA ASP A 408 15.73 0.00 -2.09
C ASP A 408 16.42 -1.33 -1.67
N LEU A 409 17.11 -1.96 -2.60
CA LEU A 409 17.80 -3.24 -2.32
C LEU A 409 19.24 -3.08 -1.81
N GLY A 410 19.86 -1.90 -2.00
CA GLY A 410 21.24 -1.67 -1.56
C GLY A 410 22.28 -2.23 -2.55
N VAL A 411 21.91 -2.23 -3.83
CA VAL A 411 22.84 -2.62 -4.92
C VAL A 411 23.49 -1.36 -5.43
N LEU A 412 24.83 -1.28 -5.41
CA LEU A 412 25.54 -0.10 -5.91
C LEU A 412 25.49 -0.11 -7.43
N THR A 413 25.46 1.08 -8.04
CA THR A 413 25.43 1.17 -9.50
C THR A 413 26.56 2.07 -10.03
N MET A 414 27.11 1.66 -11.19
CA MET A 414 28.19 2.40 -11.88
C MET A 414 27.75 2.80 -13.31
N PRO A 415 26.88 3.81 -13.43
CA PRO A 415 26.50 4.22 -14.78
C PRO A 415 27.62 5.05 -15.46
N GLY A 416 27.52 5.17 -16.78
CA GLY A 416 28.40 6.00 -17.56
C GLY A 416 28.11 5.81 -19.03
N TRP A 417 28.93 6.45 -19.87
CA TRP A 417 28.76 6.36 -21.32
C TRP A 417 29.41 5.08 -21.85
N GLU A 418 29.08 4.69 -23.11
CA GLU A 418 29.57 3.45 -23.68
C GLU A 418 30.69 3.73 -24.67
N CYS A 419 31.47 2.70 -24.98
CA CYS A 419 32.58 2.77 -25.94
C CYS A 419 32.06 2.52 -27.34
N CYS A 420 33.00 2.63 -28.30
CA CYS A 420 32.87 1.93 -29.58
C CYS A 420 31.72 2.43 -30.46
N ASP A 421 31.28 3.66 -30.23
CA ASP A 421 30.24 4.26 -31.07
C ASP A 421 30.32 5.79 -30.98
N LYS A 422 29.25 6.51 -31.31
CA LYS A 422 29.31 7.99 -31.37
C LYS A 422 29.90 8.67 -30.12
N TRP A 423 29.59 8.18 -28.91
CA TRP A 423 30.11 8.81 -27.65
C TRP A 423 31.60 9.06 -27.67
N GLU A 424 32.37 8.06 -28.09
CA GLU A 424 33.83 8.17 -28.15
C GLU A 424 34.40 8.50 -29.57
N GLY A 425 33.50 8.85 -30.51
CA GLY A 425 33.87 9.10 -31.90
C GLY A 425 34.91 10.16 -32.19
N GLN A 426 35.01 11.16 -31.33
CA GLN A 426 35.98 12.24 -31.48
C GLN A 426 37.37 11.85 -30.97
N VAL A 427 37.46 10.77 -30.18
CA VAL A 427 38.73 10.41 -29.52
C VAL A 427 39.21 8.98 -29.80
N ASN A 428 38.37 8.16 -30.46
CA ASN A 428 38.63 6.73 -30.60
C ASN A 428 39.21 6.29 -31.94
N GLY A 429 39.64 7.26 -32.75
CA GLY A 429 40.42 6.98 -33.95
C GLY A 429 39.71 6.12 -34.96
N GLU A 430 40.27 4.98 -35.30
CA GLU A 430 39.67 4.14 -36.35
C GLU A 430 38.57 3.20 -35.85
N GLU A 431 38.32 3.16 -34.54
CA GLU A 431 37.09 2.49 -34.05
C GLU A 431 35.79 3.20 -34.47
N LYS A 432 34.70 2.44 -34.42
CA LYS A 432 33.36 2.73 -34.98
C LYS A 432 32.63 4.10 -35.05
N GLY A 433 32.52 4.84 -33.95
CA GLY A 433 31.71 6.08 -33.98
C GLY A 433 32.29 7.29 -34.74
N GLU A 434 31.45 8.19 -35.23
CA GLU A 434 31.91 9.27 -36.14
C GLU A 434 32.53 10.46 -35.39
N PRO A 435 33.58 11.10 -35.98
CA PRO A 435 34.14 12.36 -35.46
C PRO A 435 33.04 13.35 -35.13
N TRP A 436 33.26 14.22 -34.15
CA TRP A 436 32.20 15.15 -33.78
C TRP A 436 32.21 16.41 -34.64
N VAL A 437 31.01 16.95 -34.83
CA VAL A 437 30.82 18.24 -35.45
C VAL A 437 30.22 19.16 -34.40
N GLU A 438 30.19 20.45 -34.71
CA GLU A 438 29.77 21.45 -33.75
C GLU A 438 28.43 21.19 -33.03
N SER A 439 27.41 20.70 -33.76
CA SER A 439 26.11 20.38 -33.17
C SER A 439 26.10 19.20 -32.19
N ASP A 440 27.14 18.38 -32.24
CA ASP A 440 27.27 17.24 -31.30
C ASP A 440 27.57 17.69 -29.88
N TYR A 441 28.26 18.82 -29.75
CA TYR A 441 28.81 19.22 -28.47
C TYR A 441 27.72 19.60 -27.45
N PRO A 442 26.77 20.49 -27.84
CA PRO A 442 25.66 20.79 -26.93
C PRO A 442 24.69 19.60 -26.65
N ILE A 443 24.56 18.65 -27.57
CA ILE A 443 23.78 17.42 -27.32
C ILE A 443 24.40 16.53 -26.23
N ALA A 444 25.72 16.32 -26.31
CA ALA A 444 26.45 15.56 -25.33
C ALA A 444 26.44 16.22 -23.96
N LYS A 445 26.61 17.55 -23.91
CA LYS A 445 26.57 18.30 -22.65
C LYS A 445 25.14 18.29 -22.02
N ALA A 446 24.12 18.43 -22.86
CA ALA A 446 22.73 18.40 -22.38
C ALA A 446 22.35 17.00 -21.91
N SER A 447 23.02 15.98 -22.47
CA SER A 447 22.81 14.57 -22.10
C SER A 447 23.39 14.31 -20.74
N MET A 448 24.60 14.81 -20.53
CA MET A 448 25.20 14.77 -19.20
C MET A 448 24.38 15.55 -18.17
N PHE A 449 23.91 16.74 -18.50
CA PHE A 449 23.10 17.46 -17.51
C PHE A 449 21.86 16.63 -17.10
N SER A 450 21.15 16.18 -18.12
CA SER A 450 19.92 15.44 -17.94
C SER A 450 20.14 14.15 -17.14
N GLU A 451 21.22 13.44 -17.42
CA GLU A 451 21.53 12.21 -16.66
C GLU A 451 21.96 12.60 -15.25
N ALA A 452 22.79 13.64 -15.09
CA ALA A 452 23.21 14.07 -13.77
C ALA A 452 22.01 14.53 -12.91
N GLU A 453 21.04 15.20 -13.53
CA GLU A 453 19.85 15.67 -12.86
C GLU A 453 18.97 14.49 -12.36
N ARG A 454 18.88 13.43 -13.18
CA ARG A 454 18.12 12.20 -12.89
C ARG A 454 18.79 11.40 -11.79
N LEU A 455 20.13 11.33 -11.85
CA LEU A 455 20.90 10.35 -11.06
C LEU A 455 21.39 10.81 -9.69
N ARG A 456 21.52 12.13 -9.51
CA ARG A 456 22.14 12.74 -8.34
C ARG A 456 21.60 12.36 -6.94
N ASP A 457 20.29 12.10 -6.82
CA ASP A 457 19.69 11.79 -5.51
C ASP A 457 19.42 10.28 -5.27
N HIS A 458 19.97 9.42 -6.13
CA HIS A 458 19.94 7.98 -5.93
C HIS A 458 21.21 7.52 -5.16
N PRO A 459 21.04 7.04 -3.92
CA PRO A 459 22.23 6.63 -3.11
C PRO A 459 22.94 5.40 -3.65
N SER A 460 22.29 4.59 -4.50
CA SER A 460 22.99 3.48 -5.19
C SER A 460 24.15 3.89 -6.10
N VAL A 461 23.99 5.04 -6.76
CA VAL A 461 25.00 5.58 -7.67
C VAL A 461 26.28 5.91 -6.94
N ILE A 462 27.40 5.31 -7.36
CA ILE A 462 28.69 5.53 -6.69
C ILE A 462 29.69 6.29 -7.55
N SER A 463 29.40 6.47 -8.85
CA SER A 463 30.25 7.21 -9.79
C SER A 463 29.58 7.42 -11.15
N PHE A 464 30.14 8.32 -11.97
CA PHE A 464 29.79 8.37 -13.39
C PHE A 464 31.09 8.21 -14.19
N HIS A 465 31.08 7.25 -15.10
CA HIS A 465 32.13 7.10 -16.10
C HIS A 465 31.85 8.00 -17.29
N ILE A 466 32.67 9.04 -17.40
CA ILE A 466 32.52 9.97 -18.53
C ILE A 466 33.20 9.43 -19.79
N GLY A 467 33.92 8.32 -19.64
CA GLY A 467 34.50 7.62 -20.78
C GLY A 467 34.51 6.13 -20.50
N SER A 468 34.80 5.35 -21.51
CA SER A 468 34.84 3.92 -21.34
C SER A 468 36.14 3.09 -21.46
N ASP A 469 36.53 2.53 -22.59
CA ASP A 469 37.60 2.90 -23.53
C ASP A 469 38.42 4.20 -23.57
N PHE A 470 38.20 5.04 -24.56
CA PHE A 470 38.89 6.33 -24.55
C PHE A 470 38.21 7.29 -23.59
N ALA A 471 39.02 8.01 -22.82
CA ALA A 471 38.56 9.10 -21.98
C ALA A 471 38.30 10.31 -22.90
N PRO A 472 37.40 11.23 -22.47
CA PRO A 472 37.11 12.38 -23.35
C PRO A 472 38.31 13.31 -23.52
N ASP A 473 38.33 14.06 -24.62
CA ASP A 473 39.36 15.10 -24.80
C ASP A 473 39.06 16.29 -23.87
N ARG A 474 39.88 17.34 -23.87
CA ARG A 474 39.71 18.41 -22.90
C ARG A 474 38.40 19.14 -23.09
N ARG A 475 38.01 19.39 -24.34
CA ARG A 475 36.78 20.15 -24.60
C ARG A 475 35.52 19.35 -24.16
N ILE A 476 35.46 18.08 -24.54
CA ILE A 476 34.33 17.22 -24.19
C ILE A 476 34.25 17.03 -22.68
N GLU A 477 35.39 16.73 -22.06
CA GLU A 477 35.46 16.55 -20.63
C GLU A 477 35.01 17.77 -19.87
N GLN A 478 35.49 18.95 -20.28
CA GLN A 478 35.05 20.21 -19.69
C GLN A 478 33.53 20.40 -19.74
N GLY A 479 32.91 20.06 -20.87
CA GLY A 479 31.44 20.15 -20.99
C GLY A 479 30.73 19.19 -20.05
N TYR A 480 31.31 18.01 -19.85
CA TYR A 480 30.77 17.04 -18.86
C TYR A 480 30.90 17.56 -17.43
N LEU A 481 32.08 18.04 -17.07
CA LEU A 481 32.30 18.58 -15.73
C LEU A 481 31.41 19.79 -15.44
N ASP A 482 31.23 20.67 -16.44
CA ASP A 482 30.31 21.83 -16.31
C ASP A 482 28.82 21.39 -16.12
N ALA A 483 28.38 20.44 -16.94
CA ALA A 483 27.01 19.90 -16.82
C ALA A 483 26.76 19.29 -15.43
N MET A 484 27.69 18.48 -14.95
CA MET A 484 27.57 17.90 -13.62
C MET A 484 27.55 18.96 -12.50
N LYS A 485 28.37 19.99 -12.61
CA LYS A 485 28.38 21.10 -11.65
C LYS A 485 27.03 21.83 -11.59
N ALA A 486 26.48 22.09 -12.79
CA ALA A 486 25.21 22.76 -12.93
C ALA A 486 24.06 21.93 -12.34
N ALA A 487 24.19 20.61 -12.41
CA ALA A 487 23.22 19.70 -11.80
C ALA A 487 23.53 19.38 -10.31
N ASP A 488 24.60 19.94 -9.72
CA ASP A 488 25.01 19.57 -8.34
C ASP A 488 25.18 18.06 -8.20
N PHE A 489 25.70 17.42 -9.26
CA PHE A 489 26.04 16.01 -9.25
C PHE A 489 27.43 15.96 -8.65
N LEU A 490 27.57 15.32 -7.50
CA LEU A 490 28.76 15.50 -6.69
C LEU A 490 29.46 14.17 -6.42
N LEU A 491 29.13 13.17 -7.24
CA LEU A 491 29.67 11.82 -7.06
C LEU A 491 30.97 11.72 -7.84
N PRO A 492 31.84 10.74 -7.49
CA PRO A 492 33.09 10.54 -8.23
C PRO A 492 32.91 10.44 -9.75
N VAL A 493 33.78 11.15 -10.49
CA VAL A 493 33.87 11.07 -11.95
C VAL A 493 35.06 10.17 -12.37
N ILE A 494 34.82 9.14 -13.17
CA ILE A 494 35.93 8.29 -13.59
C ILE A 494 36.12 8.54 -15.06
N PRO A 495 37.37 8.87 -15.47
CA PRO A 495 37.63 9.24 -16.87
C PRO A 495 37.45 8.10 -17.87
N ALA A 496 37.62 6.86 -17.43
CA ALA A 496 37.64 5.71 -18.33
C ALA A 496 37.56 4.46 -17.50
N ALA A 497 37.13 3.36 -18.14
CA ALA A 497 37.17 2.02 -17.53
C ALA A 497 38.48 1.29 -17.92
N SER A 498 39.15 1.80 -18.95
CA SER A 498 40.50 1.35 -19.31
C SER A 498 41.52 2.12 -18.45
N ALA A 499 42.80 1.88 -18.70
CA ALA A 499 43.88 2.63 -18.08
C ALA A 499 44.06 4.07 -18.62
N ARG A 500 43.31 4.45 -19.65
CA ARG A 500 43.52 5.76 -20.29
C ARG A 500 43.09 6.97 -19.44
N PRO A 501 44.00 7.96 -19.25
CA PRO A 501 43.71 9.20 -18.54
C PRO A 501 42.92 10.27 -19.35
N SER A 502 42.24 11.18 -18.67
CA SER A 502 41.65 12.37 -19.31
C SER A 502 42.51 13.58 -18.89
N PRO A 503 42.53 14.65 -19.69
CA PRO A 503 43.38 15.82 -19.34
C PRO A 503 43.09 16.48 -18.00
N ILE A 504 41.82 16.61 -17.63
CA ILE A 504 41.43 17.33 -16.41
C ILE A 504 41.31 16.40 -15.19
N THR A 505 40.43 15.41 -15.24
CA THR A 505 40.22 14.49 -14.11
C THR A 505 41.42 13.55 -13.84
N GLY A 506 42.02 13.05 -14.91
CA GLY A 506 43.31 12.39 -14.80
C GLY A 506 43.28 10.89 -14.94
N ALA A 507 44.06 10.22 -14.10
CA ALA A 507 44.20 8.76 -14.18
C ALA A 507 42.88 8.07 -13.85
N SER A 508 42.59 6.98 -14.56
CA SER A 508 41.35 6.27 -14.28
C SER A 508 41.45 5.46 -13.00
N GLY A 509 42.60 4.83 -12.77
CA GLY A 509 42.76 3.85 -11.69
C GLY A 509 42.08 2.52 -12.01
N MET A 510 41.81 2.30 -13.31
CA MET A 510 41.12 1.11 -13.77
C MET A 510 41.82 0.54 -15.01
N LYS A 511 41.45 -0.68 -15.40
CA LYS A 511 42.04 -1.34 -16.56
C LYS A 511 41.04 -2.18 -17.33
N MET A 512 41.26 -2.26 -18.63
CA MET A 512 40.59 -3.22 -19.52
C MET A 512 41.64 -3.87 -20.42
N ASN A 513 42.36 -4.85 -19.87
CA ASN A 513 43.47 -5.52 -20.55
C ASN A 513 43.05 -6.86 -21.13
N GLY A 514 41.73 -7.09 -21.16
CA GLY A 514 41.19 -8.43 -21.34
C GLY A 514 41.40 -9.26 -20.06
N PRO A 515 41.00 -10.53 -20.10
CA PRO A 515 40.44 -11.22 -21.25
C PRO A 515 38.90 -11.16 -21.39
N TYR A 516 38.43 -11.68 -22.52
CA TYR A 516 37.01 -11.80 -22.87
C TYR A 516 36.72 -13.19 -23.44
N ASP A 517 37.71 -14.08 -23.40
CA ASP A 517 37.50 -15.42 -23.92
C ASP A 517 38.37 -16.34 -23.10
N TYR A 518 38.38 -17.63 -23.46
CA TYR A 518 38.87 -18.66 -22.54
C TYR A 518 40.31 -18.42 -22.04
N VAL A 519 40.45 -18.49 -20.72
CA VAL A 519 41.71 -18.51 -19.99
C VAL A 519 41.52 -19.46 -18.80
N PRO A 520 42.54 -20.27 -18.43
CA PRO A 520 42.34 -21.28 -17.37
C PRO A 520 42.26 -20.57 -16.02
N PRO A 521 41.70 -21.24 -14.99
CA PRO A 521 41.54 -20.61 -13.65
C PRO A 521 42.75 -19.86 -13.07
N VAL A 522 43.94 -20.45 -13.17
CA VAL A 522 45.17 -19.86 -12.59
C VAL A 522 45.54 -18.47 -13.18
N TYR A 523 45.15 -18.22 -14.44
CA TYR A 523 45.32 -16.92 -15.06
C TYR A 523 44.94 -15.76 -14.16
N TRP A 524 43.81 -15.86 -13.46
CA TRP A 524 43.26 -14.74 -12.68
C TRP A 524 44.14 -14.35 -11.50
N TYR A 525 44.91 -15.34 -11.02
CA TYR A 525 45.90 -15.18 -9.94
C TYR A 525 47.21 -14.49 -10.37
N ASP A 526 47.37 -14.23 -11.67
CA ASP A 526 48.59 -13.55 -12.15
C ASP A 526 48.72 -12.08 -11.70
N LYS A 527 49.90 -11.75 -11.18
CA LYS A 527 50.26 -10.36 -10.90
C LYS A 527 51.49 -9.91 -11.67
N SER A 528 52.10 -10.83 -12.43
CA SER A 528 53.38 -10.57 -13.10
C SER A 528 53.25 -9.85 -14.45
N GLN A 529 52.12 -10.07 -15.16
CA GLN A 529 51.90 -9.45 -16.47
C GLN A 529 51.12 -8.15 -16.41
N LYS A 530 51.81 -7.04 -16.59
CA LYS A 530 51.18 -5.72 -16.40
C LYS A 530 50.22 -5.33 -17.52
N ASP A 531 50.25 -6.05 -18.65
CA ASP A 531 49.32 -5.77 -19.74
C ASP A 531 48.17 -6.80 -19.81
N ARG A 532 48.02 -7.62 -18.77
CA ARG A 532 46.99 -8.65 -18.67
C ARG A 532 45.91 -8.44 -17.56
N GLY A 533 45.01 -9.41 -17.43
CA GLY A 533 43.81 -9.28 -16.62
C GLY A 533 43.79 -10.03 -15.28
N GLY A 534 44.96 -10.19 -14.66
CA GLY A 534 45.02 -10.73 -13.31
C GLY A 534 44.46 -9.83 -12.20
N ALA A 535 44.45 -10.40 -10.99
CA ALA A 535 43.80 -9.82 -9.81
C ALA A 535 44.60 -8.71 -9.16
N TRP A 536 44.55 -7.54 -9.79
CA TRP A 536 45.25 -6.35 -9.33
C TRP A 536 44.62 -5.18 -10.10
N SER A 537 44.64 -4.00 -9.49
CA SER A 537 43.92 -2.83 -9.97
C SER A 537 42.41 -3.07 -9.98
N PHE A 538 41.70 -2.22 -10.72
CA PHE A 538 40.27 -2.31 -10.84
C PHE A 538 39.92 -2.90 -12.22
N ASN A 539 39.54 -4.19 -12.21
CA ASN A 539 39.09 -4.93 -13.40
C ASN A 539 37.64 -4.58 -13.81
N SER A 540 37.52 -3.57 -14.65
CA SER A 540 36.21 -2.97 -14.94
C SER A 540 35.31 -3.73 -15.95
N ALA A 541 35.81 -4.79 -16.58
CA ALA A 541 35.07 -5.51 -17.64
C ALA A 541 35.87 -6.70 -18.13
N THR A 542 35.68 -7.86 -17.48
CA THR A 542 36.44 -9.05 -17.85
C THR A 542 35.74 -10.40 -17.54
N SER A 543 35.93 -11.38 -18.43
CA SER A 543 35.42 -12.75 -18.23
C SER A 543 36.23 -13.73 -19.08
N ALA A 544 35.91 -15.02 -18.95
CA ALA A 544 36.55 -16.09 -19.75
C ALA A 544 35.68 -16.52 -20.93
N GLY A 545 34.72 -15.66 -21.29
CA GLY A 545 34.02 -15.72 -22.58
C GLY A 545 32.72 -16.50 -22.49
N VAL A 546 32.71 -17.65 -23.16
CA VAL A 546 31.53 -18.50 -23.33
C VAL A 546 30.91 -19.01 -22.04
N ASP A 547 29.57 -18.90 -22.00
CA ASP A 547 28.77 -19.31 -20.86
C ASP A 547 27.48 -20.00 -21.38
N ILE A 548 27.64 -21.28 -21.74
CA ILE A 548 26.52 -22.13 -22.16
C ILE A 548 25.41 -22.13 -21.10
N PRO A 549 24.20 -21.67 -21.48
CA PRO A 549 23.13 -21.71 -20.49
C PRO A 549 22.63 -23.14 -20.24
N THR A 550 21.66 -23.28 -19.34
CA THR A 550 21.09 -24.56 -19.01
C THR A 550 20.48 -25.18 -20.27
N MET A 551 20.31 -26.51 -20.25
CA MET A 551 19.63 -27.23 -21.32
C MET A 551 18.20 -26.68 -21.55
N ASP A 552 17.49 -26.37 -20.48
CA ASP A 552 16.16 -25.79 -20.62
C ASP A 552 16.12 -24.49 -21.42
N THR A 553 17.09 -23.58 -21.17
CA THR A 553 17.27 -22.36 -21.97
C THR A 553 17.75 -22.64 -23.40
N LEU A 554 18.78 -23.50 -23.53
CA LEU A 554 19.27 -23.93 -24.85
C LEU A 554 18.16 -24.34 -25.84
N LYS A 555 17.27 -25.21 -25.35
CA LYS A 555 16.18 -25.75 -26.16
C LYS A 555 15.15 -24.69 -26.56
N ARG A 556 15.11 -23.57 -25.82
CA ARG A 556 14.23 -22.42 -26.15
C ARG A 556 14.85 -21.39 -27.14
N MET A 557 16.17 -21.35 -27.25
CA MET A 557 16.84 -20.36 -28.09
C MET A 557 17.48 -20.90 -29.38
N MET A 558 17.61 -22.22 -29.50
CA MET A 558 18.33 -22.83 -30.63
C MET A 558 17.66 -24.09 -31.14
N SER A 559 17.73 -24.30 -32.45
CA SER A 559 17.20 -25.52 -33.03
C SER A 559 18.08 -26.73 -32.72
N ALA A 560 17.50 -27.92 -32.88
CA ALA A 560 18.24 -29.17 -32.65
C ALA A 560 19.54 -29.21 -33.46
N SER A 561 19.47 -28.76 -34.70
CA SER A 561 20.63 -28.79 -35.58
C SER A 561 21.66 -27.70 -35.24
N GLU A 562 21.19 -26.53 -34.80
CA GLU A 562 22.13 -25.50 -34.24
C GLU A 562 22.87 -26.03 -32.98
N LEU A 563 22.12 -26.71 -32.12
CA LEU A 563 22.70 -27.32 -30.90
C LEU A 563 23.69 -28.47 -31.23
N ASP A 564 23.37 -29.25 -32.27
CA ASP A 564 24.20 -30.34 -32.78
C ASP A 564 25.53 -29.82 -33.26
N THR A 565 25.50 -28.76 -34.05
CA THR A 565 26.69 -28.03 -34.49
C THR A 565 27.53 -27.42 -33.33
N MET A 566 26.86 -26.93 -32.30
CA MET A 566 27.53 -26.34 -31.15
C MET A 566 28.49 -27.31 -30.44
N TRP A 567 28.07 -28.56 -30.23
CA TRP A 567 28.96 -29.51 -29.56
C TRP A 567 29.95 -30.21 -30.52
N LYS A 568 29.52 -30.48 -31.76
CA LYS A 568 30.35 -31.16 -32.76
C LYS A 568 31.40 -30.25 -33.39
N ASN A 569 31.05 -28.98 -33.63
CA ASN A 569 32.00 -28.05 -34.21
C ASN A 569 31.90 -26.68 -33.50
N PRO A 570 32.57 -26.56 -32.32
CA PRO A 570 32.58 -25.27 -31.60
C PRO A 570 33.14 -24.11 -32.43
N SER A 571 33.98 -24.43 -33.42
CA SER A 571 34.58 -23.43 -34.30
C SER A 571 33.57 -22.78 -35.22
N ALA A 572 32.45 -23.46 -35.47
CA ALA A 572 31.39 -22.88 -36.28
C ALA A 572 30.77 -21.64 -35.60
N LYS A 573 30.39 -20.67 -36.44
CA LYS A 573 29.68 -19.46 -36.02
C LYS A 573 28.35 -19.73 -35.33
N GLN A 574 28.12 -18.98 -34.25
CA GLN A 574 26.85 -19.04 -33.52
C GLN A 574 26.22 -17.65 -33.47
N TYR A 575 25.04 -17.58 -34.09
CA TYR A 575 24.27 -16.33 -34.14
C TYR A 575 23.97 -15.84 -32.71
N HIS A 576 23.80 -16.77 -31.77
CA HIS A 576 23.48 -16.38 -30.41
C HIS A 576 24.71 -16.14 -29.51
N ARG A 577 25.88 -16.05 -30.14
CA ARG A 577 27.01 -15.42 -29.49
C ARG A 577 27.09 -13.92 -29.93
N SER A 578 27.96 -13.57 -30.87
CA SER A 578 28.25 -12.15 -31.17
C SER A 578 28.30 -11.81 -32.67
N SER A 579 27.87 -10.60 -33.03
CA SER A 579 28.06 -10.03 -34.37
C SER A 579 29.53 -9.77 -34.70
N SER A 580 30.37 -9.63 -33.68
CA SER A 580 31.81 -9.43 -33.87
C SER A 580 32.50 -10.71 -34.36
N ASP A 581 33.37 -10.60 -35.36
CA ASP A 581 34.11 -11.77 -35.86
C ASP A 581 35.00 -12.43 -34.81
N THR A 582 35.64 -11.61 -33.98
CA THR A 582 36.45 -12.07 -32.86
C THR A 582 35.69 -12.98 -31.90
N PHE A 583 34.42 -12.66 -31.65
CA PHE A 583 33.62 -13.47 -30.72
C PHE A 583 32.46 -14.15 -31.43
N GLY A 584 32.67 -14.54 -32.69
CA GLY A 584 31.61 -15.08 -33.51
C GLY A 584 31.30 -16.55 -33.27
N ASN A 585 32.27 -17.26 -32.71
CA ASN A 585 32.19 -18.71 -32.50
C ASN A 585 32.65 -19.11 -31.08
N LEU A 586 32.74 -20.41 -30.81
CA LEU A 586 33.13 -20.93 -29.49
C LEU A 586 34.44 -21.73 -29.53
N LYS A 587 35.29 -21.43 -30.49
CA LYS A 587 36.45 -22.25 -30.77
C LYS A 587 37.39 -22.37 -29.58
N LEU A 588 37.81 -21.24 -29.01
CA LEU A 588 38.77 -21.25 -27.87
C LEU A 588 38.21 -22.04 -26.69
N PHE A 589 36.91 -21.86 -26.47
CA PHE A 589 36.21 -22.52 -25.40
C PHE A 589 36.09 -24.05 -25.64
N GLY A 590 35.64 -24.42 -26.85
CA GLY A 590 35.51 -25.82 -27.21
C GLY A 590 36.81 -26.61 -27.14
N ASP A 591 37.91 -25.99 -27.61
CA ASP A 591 39.26 -26.59 -27.57
C ASP A 591 39.72 -26.79 -26.12
N ALA A 592 39.49 -25.80 -25.25
CA ALA A 592 39.89 -25.95 -23.84
C ALA A 592 39.02 -26.97 -23.12
N LEU A 593 37.74 -27.01 -23.45
CA LEU A 593 36.86 -27.98 -22.85
C LEU A 593 37.31 -29.41 -23.17
N THR A 594 37.63 -29.66 -24.44
CA THR A 594 38.15 -30.97 -24.85
C THR A 594 39.46 -31.30 -24.16
N LYS A 595 40.42 -30.39 -24.25
CA LYS A 595 41.74 -30.57 -23.67
C LYS A 595 41.63 -30.86 -22.19
N ARG A 596 40.76 -30.15 -21.50
CA ARG A 596 40.79 -30.19 -20.06
C ARG A 596 39.87 -31.11 -19.22
N TYR A 597 38.57 -31.06 -19.44
CA TYR A 597 37.60 -32.15 -19.59
C TYR A 597 37.49 -33.44 -20.38
N GLY A 598 38.14 -33.54 -21.54
CA GLY A 598 37.91 -34.67 -22.43
C GLY A 598 36.89 -34.36 -23.52
N ALA A 599 37.06 -35.00 -24.68
CA ALA A 599 36.14 -34.87 -25.81
C ALA A 599 34.69 -35.15 -25.42
N SER A 600 33.77 -34.40 -26.03
CA SER A 600 32.34 -34.54 -25.73
C SER A 600 31.74 -35.67 -26.54
N ALA A 601 31.04 -36.57 -25.86
CA ALA A 601 30.50 -37.75 -26.52
C ALA A 601 29.15 -37.46 -27.18
N ASN A 602 28.49 -36.38 -26.71
CA ASN A 602 27.18 -35.94 -27.22
C ASN A 602 26.87 -34.54 -26.67
N LEU A 603 25.71 -33.99 -27.05
CA LEU A 603 25.23 -32.68 -26.59
C LEU A 603 25.15 -32.58 -25.07
N ASN A 604 24.55 -33.58 -24.41
CA ASN A 604 24.46 -33.67 -22.95
C ASN A 604 25.82 -33.62 -22.27
N ASP A 605 26.76 -34.43 -22.76
CA ASP A 605 28.14 -34.42 -22.30
C ASP A 605 28.81 -33.04 -22.39
N PHE A 606 28.63 -32.37 -23.53
CA PHE A 606 29.22 -31.04 -23.77
C PHE A 606 28.69 -29.98 -22.78
N VAL A 607 27.37 -29.93 -22.60
CA VAL A 607 26.68 -29.02 -21.69
C VAL A 607 27.11 -29.23 -20.21
N ARG A 608 27.13 -30.50 -19.77
CA ARG A 608 27.50 -30.82 -18.40
C ARG A 608 28.97 -30.42 -18.08
N LYS A 609 29.84 -30.62 -19.05
CA LYS A 609 31.25 -30.22 -18.93
C LYS A 609 31.37 -28.69 -18.98
N ALA A 610 30.61 -28.06 -19.88
CA ALA A 610 30.50 -26.60 -19.93
C ALA A 610 30.18 -25.99 -18.56
N GLN A 611 29.24 -26.58 -17.84
CA GLN A 611 28.82 -26.07 -16.51
C GLN A 611 29.93 -26.13 -15.45
N LEU A 612 30.64 -27.26 -15.40
CA LEU A 612 31.81 -27.39 -14.50
C LEU A 612 32.89 -26.36 -14.85
N SER A 613 33.21 -26.23 -16.13
CA SER A 613 34.19 -25.29 -16.60
C SER A 613 33.82 -23.84 -16.29
N GLN A 614 32.54 -23.50 -16.48
CA GLN A 614 32.04 -22.16 -16.16
C GLN A 614 32.01 -21.90 -14.64
N TYR A 615 31.56 -22.88 -13.87
CA TYR A 615 31.60 -22.80 -12.42
C TYR A 615 33.03 -22.56 -11.93
N GLU A 616 33.94 -23.41 -12.39
CA GLU A 616 35.35 -23.39 -12.01
C GLU A 616 36.04 -22.07 -12.32
N ASN A 617 35.80 -21.57 -13.52
CA ASN A 617 36.45 -20.36 -14.00
C ASN A 617 35.95 -19.07 -13.34
N VAL A 618 34.63 -18.89 -13.33
CA VAL A 618 33.98 -17.72 -12.71
C VAL A 618 34.30 -17.68 -11.24
N ARG A 619 34.25 -18.83 -10.58
CA ARG A 619 34.64 -18.94 -9.16
C ARG A 619 36.06 -18.43 -8.90
N ALA A 620 37.03 -18.96 -9.65
CA ALA A 620 38.43 -18.50 -9.60
C ALA A 620 38.58 -17.00 -9.91
N GLU A 621 37.86 -16.51 -10.92
CA GLU A 621 37.94 -15.09 -11.31
C GLU A 621 37.63 -14.19 -10.10
N PHE A 622 36.52 -14.47 -9.44
CA PHE A 622 36.08 -13.73 -8.28
C PHE A 622 36.98 -13.96 -7.03
N GLU A 623 37.37 -15.21 -6.79
CA GLU A 623 38.10 -15.57 -5.55
C GLU A 623 39.48 -14.96 -5.49
N SER A 624 40.12 -14.91 -6.66
CA SER A 624 41.43 -14.30 -6.86
C SER A 624 41.42 -12.80 -6.52
N HIS A 625 40.35 -12.13 -6.92
CA HIS A 625 40.20 -10.70 -6.66
C HIS A 625 39.83 -10.43 -5.19
N SER A 626 39.05 -11.32 -4.58
CA SER A 626 38.78 -11.19 -3.13
C SER A 626 40.06 -11.38 -2.31
N ARG A 627 40.84 -12.39 -2.70
CA ARG A 627 42.13 -12.64 -2.04
C ARG A 627 43.11 -11.46 -2.12
N ASN A 628 43.27 -10.91 -3.33
CA ASN A 628 44.30 -9.90 -3.56
C ASN A 628 43.91 -8.49 -3.12
N TYR A 629 42.68 -8.35 -2.61
CA TYR A 629 42.13 -7.06 -2.20
C TYR A 629 42.94 -6.39 -1.10
N THR A 630 43.50 -7.21 -0.21
CA THR A 630 44.25 -6.71 0.94
C THR A 630 45.77 -6.91 0.75
N ASP A 631 46.20 -7.11 -0.49
CA ASP A 631 47.64 -7.04 -0.82
C ASP A 631 48.19 -5.63 -0.54
N SER A 632 49.36 -5.57 0.09
CA SER A 632 50.06 -4.32 0.35
C SER A 632 50.40 -3.56 -0.92
N THR A 633 50.71 -4.30 -1.99
CA THR A 633 51.19 -3.71 -3.23
C THR A 633 50.30 -4.18 -4.37
N ASN A 634 49.91 -3.25 -5.24
CA ASN A 634 48.93 -3.50 -6.31
C ASN A 634 47.80 -4.42 -5.85
N PRO A 635 46.99 -3.96 -4.87
CA PRO A 635 45.79 -4.72 -4.51
C PRO A 635 44.80 -4.75 -5.71
N SER A 636 43.93 -5.77 -5.77
CA SER A 636 42.72 -5.67 -6.60
C SER A 636 41.71 -4.79 -5.84
N THR A 637 41.12 -3.83 -6.54
CA THR A 637 40.19 -2.88 -5.94
C THR A 637 38.79 -3.04 -6.56
N GLY A 638 38.70 -3.80 -7.66
CA GLY A 638 37.39 -4.07 -8.25
C GLY A 638 37.37 -5.16 -9.27
N LEU A 639 36.21 -5.80 -9.41
CA LEU A 639 36.00 -6.77 -10.47
C LEU A 639 34.57 -6.63 -10.93
N ILE A 640 34.39 -6.28 -12.20
CA ILE A 640 33.08 -6.30 -12.87
C ILE A 640 33.14 -7.44 -13.88
N TYR A 641 32.35 -8.48 -13.63
CA TYR A 641 32.31 -9.64 -14.50
C TYR A 641 31.65 -9.25 -15.83
N TRP A 642 32.17 -9.73 -16.95
CA TRP A 642 31.58 -9.37 -18.25
C TRP A 642 30.78 -10.56 -18.77
N MET A 643 29.45 -10.57 -18.65
CA MET A 643 28.60 -9.56 -17.98
C MET A 643 27.69 -10.26 -16.98
N LEU A 644 26.98 -9.50 -16.15
CA LEU A 644 25.94 -10.04 -15.27
C LEU A 644 24.90 -10.88 -16.02
N ASN A 645 24.48 -10.37 -17.18
CA ASN A 645 23.36 -10.87 -17.91
C ASN A 645 23.55 -10.46 -19.38
N SER A 646 22.66 -10.93 -20.23
CA SER A 646 22.74 -10.67 -21.67
C SER A 646 21.46 -9.91 -22.12
N PRO A 647 21.55 -9.11 -23.21
CA PRO A 647 20.38 -8.43 -23.77
C PRO A 647 19.37 -9.41 -24.36
N TRP A 648 19.82 -10.64 -24.64
CA TRP A 648 18.92 -11.62 -25.23
C TRP A 648 19.36 -13.02 -24.81
N THR A 649 18.87 -14.04 -25.51
CA THR A 649 19.28 -15.42 -25.29
C THR A 649 20.68 -15.56 -25.91
N SER A 650 21.64 -15.99 -25.11
CA SER A 650 23.07 -15.90 -25.50
C SER A 650 23.87 -17.12 -25.13
N LEU A 651 25.09 -17.18 -25.65
CA LEU A 651 26.03 -18.24 -25.31
C LEU A 651 27.29 -17.71 -24.59
N HIS A 652 27.28 -16.43 -24.21
CA HIS A 652 28.49 -15.83 -23.63
C HIS A 652 28.21 -14.68 -22.66
N TRP A 653 29.20 -14.34 -21.84
CA TRP A 653 29.15 -13.06 -21.12
C TRP A 653 27.82 -12.92 -20.37
N GLN A 654 27.52 -13.92 -19.53
CA GLN A 654 26.35 -13.88 -18.67
C GLN A 654 26.57 -14.70 -17.43
N LEU A 655 25.91 -14.31 -16.36
CA LEU A 655 25.83 -15.12 -15.15
C LEU A 655 24.43 -15.77 -15.13
N PHE A 656 23.38 -14.97 -15.21
CA PHE A 656 22.03 -15.49 -15.40
C PHE A 656 21.60 -15.19 -16.84
N ASP A 657 20.88 -16.12 -17.46
CA ASP A 657 20.39 -15.95 -18.83
C ASP A 657 19.10 -15.13 -18.98
N ALA A 658 18.66 -14.96 -20.24
CA ALA A 658 17.55 -14.10 -20.60
C ALA A 658 16.25 -14.52 -19.95
N TYR A 659 16.11 -15.81 -19.66
CA TYR A 659 14.99 -16.35 -18.90
C TYR A 659 15.19 -16.41 -17.36
N MET A 660 16.30 -15.90 -16.84
CA MET A 660 16.53 -15.89 -15.37
C MET A 660 16.92 -17.28 -14.84
N ASP A 661 17.34 -18.17 -15.74
CA ASP A 661 17.80 -19.46 -15.29
C ASP A 661 19.25 -19.33 -14.86
N GLN A 662 19.67 -20.33 -14.09
CA GLN A 662 20.91 -20.28 -13.34
C GLN A 662 21.69 -21.57 -13.65
N ASN A 663 22.88 -21.38 -14.20
CA ASN A 663 23.75 -22.44 -14.71
C ASN A 663 25.04 -22.49 -13.87
N GLY A 664 26.09 -23.15 -14.37
CA GLY A 664 27.40 -23.24 -13.69
C GLY A 664 28.11 -21.92 -13.39
N ALA A 665 28.06 -21.00 -14.33
CA ALA A 665 28.61 -19.65 -14.16
C ALA A 665 27.92 -18.89 -13.01
N TYR A 666 26.60 -18.99 -12.94
CA TYR A 666 25.81 -18.45 -11.84
C TYR A 666 26.23 -18.96 -10.47
N TYR A 667 26.24 -20.29 -10.34
CA TYR A 667 26.52 -20.97 -9.07
C TYR A 667 27.94 -20.74 -8.63
N GLY A 668 28.87 -20.71 -9.59
CA GLY A 668 30.28 -20.39 -9.33
C GLY A 668 30.50 -18.97 -8.80
N ALA A 669 29.85 -18.00 -9.42
CA ALA A 669 29.89 -16.64 -8.91
C ALA A 669 29.28 -16.57 -7.50
N LYS A 670 28.18 -17.28 -7.29
CA LYS A 670 27.50 -17.33 -6.00
C LYS A 670 28.39 -17.98 -4.93
N LYS A 671 29.04 -19.09 -5.30
CA LYS A 671 29.97 -19.74 -4.41
C LYS A 671 31.08 -18.75 -4.00
N ALA A 672 31.74 -18.12 -5.00
CA ALA A 672 32.86 -17.19 -4.71
C ALA A 672 32.48 -16.01 -3.80
N ASN A 673 31.24 -15.56 -3.92
CA ASN A 673 30.83 -14.33 -3.25
C ASN A 673 30.06 -14.50 -1.94
N GLU A 674 30.10 -15.69 -1.34
CA GLU A 674 29.34 -15.93 -0.14
C GLU A 674 29.96 -15.18 1.05
N PRO A 675 29.13 -14.75 2.03
CA PRO A 675 29.60 -13.74 2.96
C PRO A 675 30.73 -14.18 3.93
N LEU A 676 30.76 -15.46 4.27
CA LEU A 676 31.82 -16.05 5.09
C LEU A 676 32.29 -17.26 4.30
N HIS A 677 33.49 -17.16 3.73
CA HIS A 677 33.82 -17.99 2.56
C HIS A 677 35.18 -18.66 2.68
N ILE A 678 35.24 -19.92 2.30
CA ILE A 678 36.53 -20.58 2.25
C ILE A 678 36.87 -20.96 0.79
N GLN A 679 38.13 -20.81 0.41
CA GLN A 679 38.53 -20.97 -0.99
C GLN A 679 39.96 -21.50 -1.09
N TYR A 680 40.27 -22.02 -2.26
CA TYR A 680 41.57 -22.61 -2.61
C TYR A 680 42.23 -21.85 -3.75
N SER A 681 43.46 -21.38 -3.53
CA SER A 681 44.21 -20.60 -4.50
C SER A 681 44.85 -21.50 -5.57
N HIS A 682 44.46 -21.27 -6.81
CA HIS A 682 45.01 -22.02 -7.94
C HIS A 682 46.51 -21.77 -8.16
N ASP A 683 47.03 -20.62 -7.77
CA ASP A 683 48.45 -20.36 -7.99
C ASP A 683 49.34 -21.12 -7.02
N ASN A 684 49.08 -20.99 -5.73
CA ASN A 684 49.99 -21.47 -4.69
C ASN A 684 49.43 -22.51 -3.70
N ARG A 685 48.21 -23.00 -3.97
CA ARG A 685 47.55 -23.99 -3.09
C ARG A 685 47.28 -23.50 -1.64
N SER A 686 47.31 -22.19 -1.39
CA SER A 686 46.82 -21.63 -0.12
C SER A 686 45.31 -21.72 0.01
N VAL A 687 44.87 -22.07 1.22
CA VAL A 687 43.47 -22.13 1.60
C VAL A 687 43.20 -20.89 2.41
N VAL A 688 42.25 -20.11 1.91
CA VAL A 688 42.04 -18.75 2.34
C VAL A 688 40.58 -18.54 2.83
N VAL A 689 40.42 -17.81 3.93
CA VAL A 689 39.10 -17.44 4.44
C VAL A 689 38.85 -15.94 4.17
N ILE A 690 37.69 -15.65 3.57
CA ILE A 690 37.24 -14.26 3.29
C ILE A 690 35.99 -13.98 4.13
N ASN A 691 36.01 -12.83 4.79
CA ASN A 691 34.87 -12.32 5.50
C ASN A 691 34.34 -11.07 4.79
N GLN A 692 33.20 -11.22 4.09
CA GLN A 692 32.53 -10.11 3.40
C GLN A 692 31.64 -9.22 4.26
N THR A 693 31.24 -9.74 5.41
CA THR A 693 30.26 -9.11 6.28
C THR A 693 30.82 -7.87 6.94
N SER A 694 29.96 -7.14 7.63
CA SER A 694 30.39 -5.92 8.23
C SER A 694 31.08 -6.05 9.61
N ASN A 695 31.11 -7.25 10.19
CA ASN A 695 31.82 -7.45 11.50
C ASN A 695 32.94 -8.49 11.42
N ALA A 696 34.00 -8.28 12.21
CA ALA A 696 35.07 -9.25 12.33
C ALA A 696 34.51 -10.55 12.90
N VAL A 697 35.07 -11.68 12.48
CA VAL A 697 34.62 -12.98 13.00
C VAL A 697 35.80 -13.69 13.65
N SER A 698 35.51 -14.51 14.66
CA SER A 698 36.54 -15.20 15.47
C SER A 698 36.19 -16.65 15.76
N GLY A 699 37.20 -17.44 16.12
CA GLY A 699 36.99 -18.86 16.48
C GLY A 699 36.49 -19.71 15.33
N LEU A 700 36.89 -19.35 14.10
CA LEU A 700 36.56 -20.16 12.93
C LEU A 700 37.50 -21.37 12.75
N THR A 701 36.94 -22.53 12.42
CA THR A 701 37.77 -23.64 11.93
C THR A 701 37.70 -23.89 10.40
N ALA A 702 38.88 -23.99 9.80
CA ALA A 702 39.04 -24.26 8.36
C ALA A 702 39.57 -25.67 8.18
N THR A 703 38.78 -26.53 7.53
CA THR A 703 39.17 -27.91 7.36
C THR A 703 39.33 -28.28 5.90
N THR A 704 40.53 -28.70 5.52
CA THR A 704 40.81 -29.07 4.12
C THR A 704 41.25 -30.52 3.95
N LYS A 705 40.58 -31.21 3.02
CA LYS A 705 40.78 -32.62 2.79
C LYS A 705 40.88 -32.89 1.29
N LEU A 706 41.88 -33.67 0.88
CA LEU A 706 41.99 -34.10 -0.51
C LEU A 706 41.50 -35.53 -0.64
N TYR A 707 40.81 -35.84 -1.75
CA TYR A 707 40.34 -37.19 -2.05
C TYR A 707 40.69 -37.57 -3.46
N ASN A 708 41.16 -38.81 -3.68
CA ASN A 708 41.18 -39.41 -5.00
C ASN A 708 39.74 -39.68 -5.49
N LEU A 709 39.59 -39.89 -6.79
CA LEU A 709 38.26 -40.11 -7.37
C LEU A 709 37.62 -41.43 -6.92
N ASP A 710 38.43 -42.32 -6.32
CA ASP A 710 37.90 -43.55 -5.70
C ASP A 710 37.41 -43.32 -4.25
N GLY A 711 37.50 -42.08 -3.77
CA GLY A 711 37.01 -41.73 -2.43
C GLY A 711 38.05 -41.75 -1.33
N THR A 712 39.27 -42.17 -1.66
CA THR A 712 40.37 -42.27 -0.67
C THR A 712 40.80 -40.87 -0.26
N GLU A 713 40.74 -40.61 1.06
CA GLU A 713 41.29 -39.38 1.58
C GLU A 713 42.81 -39.49 1.59
N LYS A 714 43.45 -38.45 1.04
CA LYS A 714 44.88 -38.45 0.84
C LYS A 714 45.55 -37.37 1.66
N TYR A 715 44.77 -36.44 2.20
CA TYR A 715 45.32 -35.35 3.00
C TYR A 715 44.24 -34.76 3.91
N SER A 716 44.59 -34.42 5.16
CA SER A 716 43.65 -33.69 6.02
C SER A 716 44.40 -32.65 6.80
N ASN A 717 43.80 -31.48 6.92
CA ASN A 717 44.30 -30.41 7.76
C ASN A 717 43.12 -29.73 8.45
N THR A 718 43.22 -29.55 9.75
CA THR A 718 42.23 -28.84 10.51
C THR A 718 42.92 -27.67 11.21
N LYS A 719 42.50 -26.45 10.86
CA LYS A 719 43.06 -25.24 11.40
C LYS A 719 41.95 -24.54 12.19
N THR A 720 42.12 -24.53 13.52
CA THR A 720 41.12 -24.00 14.44
C THR A 720 41.55 -22.63 14.91
N GLY A 721 40.64 -21.93 15.57
CA GLY A 721 40.92 -20.57 16.08
C GLY A 721 41.25 -19.49 15.07
N LEU A 722 40.62 -19.46 13.89
CA LEU A 722 40.91 -18.33 12.93
C LEU A 722 40.05 -17.09 13.20
N SER A 723 40.67 -15.92 13.07
CA SER A 723 40.00 -14.61 13.11
C SER A 723 40.11 -13.95 11.74
N VAL A 724 39.05 -13.25 11.32
CA VAL A 724 39.15 -12.50 10.08
C VAL A 724 38.38 -11.20 10.18
N GLY A 725 39.04 -10.12 9.77
CA GLY A 725 38.42 -8.81 9.76
C GLY A 725 37.21 -8.70 8.85
N ALA A 726 36.56 -7.55 8.95
CA ALA A 726 35.34 -7.20 8.24
C ALA A 726 35.62 -6.76 6.80
N LEU A 727 34.56 -6.85 6.00
CA LEU A 727 34.46 -6.17 4.70
C LEU A 727 35.57 -6.54 3.74
N GLY A 728 35.87 -7.81 3.66
CA GLY A 728 36.75 -8.31 2.65
C GLY A 728 38.13 -8.74 3.12
N ALA A 729 38.43 -8.55 4.40
CA ALA A 729 39.69 -9.03 4.97
C ALA A 729 39.78 -10.55 4.82
N LYS A 730 40.99 -11.09 4.96
CA LYS A 730 41.25 -12.50 4.76
C LYS A 730 42.15 -13.11 5.87
N ALA A 731 42.12 -14.43 5.96
CA ALA A 731 43.04 -15.19 6.80
C ALA A 731 43.51 -16.40 5.97
N THR A 732 44.80 -16.75 6.12
CA THR A 732 45.31 -17.96 5.49
C THR A 732 45.25 -19.13 6.47
N ALA A 733 44.56 -20.21 6.08
CA ALA A 733 44.44 -21.38 6.97
C ALA A 733 45.71 -22.25 6.88
N VAL A 734 45.98 -22.71 5.66
CA VAL A 734 47.13 -23.56 5.40
C VAL A 734 47.49 -23.40 3.92
N THR A 735 48.74 -23.73 3.58
CA THR A 735 49.19 -24.04 2.20
C THR A 735 49.21 -25.58 2.05
N VAL A 736 48.38 -26.12 1.14
CA VAL A 736 48.37 -27.57 0.93
C VAL A 736 49.76 -28.01 0.33
N PRO A 737 50.44 -29.01 0.94
CA PRO A 737 51.70 -29.48 0.32
C PRO A 737 51.41 -30.24 -0.96
N ALA A 738 52.44 -30.51 -1.75
CA ALA A 738 52.28 -31.45 -2.84
C ALA A 738 52.11 -32.79 -2.12
N VAL A 739 51.07 -33.53 -2.45
CA VAL A 739 50.77 -34.76 -1.76
C VAL A 739 51.05 -35.87 -2.78
N SER A 740 51.68 -36.96 -2.33
CA SER A 740 51.99 -38.07 -3.20
C SER A 740 50.76 -38.99 -3.37
N GLY A 741 50.68 -39.71 -4.48
CA GLY A 741 49.63 -40.69 -4.72
C GLY A 741 48.24 -40.21 -5.13
N LEU A 742 48.08 -38.94 -5.49
CA LEU A 742 46.81 -38.41 -5.96
C LEU A 742 46.49 -38.95 -7.33
N SER A 743 45.20 -39.21 -7.58
CA SER A 743 44.74 -39.47 -8.95
C SER A 743 44.96 -38.21 -9.79
N THR A 744 45.17 -38.39 -11.09
CA THR A 744 45.43 -37.30 -12.04
C THR A 744 44.43 -36.13 -11.90
N THR A 745 43.14 -36.46 -11.89
CA THR A 745 42.07 -35.59 -11.40
C THR A 745 41.76 -36.01 -9.95
N TYR A 746 41.76 -35.05 -9.01
CA TYR A 746 41.38 -35.31 -7.63
C TYR A 746 40.44 -34.21 -7.10
N LEU A 747 39.94 -34.37 -5.88
CA LEU A 747 39.01 -33.42 -5.27
C LEU A 747 39.61 -32.82 -4.03
N ALA A 748 39.35 -31.53 -3.83
CA ALA A 748 39.66 -30.81 -2.60
C ALA A 748 38.34 -30.34 -2.01
N LYS A 749 38.09 -30.76 -0.76
CA LYS A 749 36.89 -30.40 -0.01
C LYS A 749 37.35 -29.42 1.07
N ASN A 750 36.91 -28.16 0.97
CA ASN A 750 37.19 -27.10 1.98
C ASN A 750 35.91 -26.80 2.76
N VAL A 751 36.02 -26.80 4.09
CA VAL A 751 34.84 -26.54 4.95
C VAL A 751 35.22 -25.52 6.02
N LEU A 752 34.37 -24.52 6.15
CA LEU A 752 34.53 -23.53 7.20
C LEU A 752 33.36 -23.72 8.18
N THR A 753 33.70 -23.82 9.48
CA THR A 753 32.73 -23.96 10.56
C THR A 753 32.95 -22.82 11.54
N ASP A 754 31.88 -22.20 12.04
CA ASP A 754 32.03 -21.17 13.08
C ASP A 754 32.25 -21.79 14.47
N SER A 755 32.44 -20.92 15.48
CA SER A 755 32.68 -21.31 16.87
C SER A 755 31.51 -22.09 17.52
N SER A 756 30.31 -21.99 16.96
CA SER A 756 29.18 -22.83 17.36
C SER A 756 29.18 -24.23 16.69
N GLY A 757 30.13 -24.47 15.77
CA GLY A 757 30.23 -25.70 14.99
C GLY A 757 29.40 -25.73 13.71
N LYS A 758 28.58 -24.71 13.50
CA LYS A 758 27.83 -24.58 12.26
C LYS A 758 28.76 -24.55 11.03
N GLU A 759 28.41 -25.33 10.00
CA GLU A 759 29.11 -25.25 8.74
C GLU A 759 28.62 -24.00 8.04
N VAL A 760 29.53 -23.05 7.80
CA VAL A 760 29.10 -21.81 7.13
C VAL A 760 29.55 -21.68 5.65
N SER A 761 30.55 -22.46 5.22
CA SER A 761 30.94 -22.46 3.82
C SER A 761 31.51 -23.82 3.48
N ARG A 762 31.11 -24.34 2.34
CA ARG A 762 31.69 -25.53 1.78
C ARG A 762 32.10 -25.23 0.34
N ASN A 763 33.31 -25.62 -0.04
CA ASN A 763 33.82 -25.38 -1.37
C ASN A 763 34.59 -26.58 -1.84
N VAL A 764 34.10 -27.18 -2.93
CA VAL A 764 34.73 -28.37 -3.49
C VAL A 764 35.34 -28.05 -4.87
N TYR A 765 36.62 -28.39 -5.04
CA TYR A 765 37.36 -28.18 -6.26
C TYR A 765 37.69 -29.51 -6.90
N TRP A 766 37.54 -29.53 -8.22
CA TRP A 766 38.04 -30.63 -9.03
C TRP A 766 39.38 -30.10 -9.57
N LEU A 767 40.48 -30.79 -9.21
CA LEU A 767 41.84 -30.29 -9.43
C LEU A 767 42.61 -31.36 -10.22
N SER A 768 43.73 -30.96 -10.82
CA SER A 768 44.60 -31.88 -11.58
C SER A 768 46.04 -31.88 -11.08
N THR A 769 46.72 -33.02 -11.17
CA THR A 769 48.19 -33.03 -10.92
C THR A 769 48.94 -32.40 -12.10
N LYS A 770 48.24 -32.18 -13.21
CA LYS A 770 48.78 -31.57 -14.41
C LYS A 770 48.34 -30.09 -14.46
N ALA A 771 49.32 -29.19 -14.57
CA ALA A 771 49.10 -27.77 -14.43
C ALA A 771 48.57 -27.14 -15.71
N ASP A 772 47.65 -26.21 -15.53
CA ASP A 772 47.34 -25.26 -16.61
C ASP A 772 48.53 -24.31 -16.63
N THR A 773 49.07 -24.03 -17.83
CA THR A 773 50.09 -22.99 -17.91
C THR A 773 49.83 -22.07 -19.09
N LEU A 774 50.29 -20.83 -18.98
CA LEU A 774 50.05 -19.81 -20.02
C LEU A 774 51.21 -19.59 -21.02
N ASN A 775 50.85 -19.46 -22.29
CA ASN A 775 51.76 -18.90 -23.25
C ASN A 775 51.58 -17.38 -23.31
N TRP A 776 52.16 -16.69 -22.34
CA TRP A 776 52.01 -15.25 -22.23
C TRP A 776 52.40 -14.49 -23.51
N GLY A 777 53.40 -15.02 -24.23
CA GLY A 777 53.90 -14.41 -25.45
C GLY A 777 52.94 -14.49 -26.62
N GLY A 778 52.02 -15.47 -26.58
CA GLY A 778 50.97 -15.60 -27.61
C GLY A 778 49.74 -14.74 -27.33
N SER A 779 49.79 -13.93 -26.25
CA SER A 779 48.64 -13.15 -25.79
C SER A 779 48.11 -12.23 -26.87
N ASP A 780 46.78 -12.19 -27.00
CA ASP A 780 46.14 -11.07 -27.71
C ASP A 780 45.37 -10.21 -26.69
N TRP A 781 44.71 -9.15 -27.17
CA TRP A 781 44.00 -8.24 -26.28
C TRP A 781 42.92 -8.96 -25.47
N TYR A 782 42.28 -9.96 -26.08
CA TYR A 782 41.07 -10.55 -25.49
C TYR A 782 41.31 -11.91 -24.82
N TYR A 783 42.53 -12.44 -24.87
CA TYR A 783 42.80 -13.73 -24.22
C TYR A 783 44.31 -14.04 -24.23
N THR A 784 44.71 -15.05 -23.47
CA THR A 784 46.08 -15.58 -23.48
C THR A 784 45.99 -17.09 -23.74
N PRO A 785 46.74 -17.57 -24.75
CA PRO A 785 46.70 -19.02 -25.02
C PRO A 785 47.44 -19.81 -24.00
N GLN A 786 47.09 -21.09 -23.91
CA GLN A 786 47.71 -22.00 -22.98
C GLN A 786 48.88 -22.76 -23.62
N SER A 787 49.94 -22.95 -22.84
CA SER A 787 51.07 -23.70 -23.33
C SER A 787 50.96 -25.16 -22.87
N ALA A 788 50.06 -25.39 -21.92
CA ALA A 788 49.75 -26.71 -21.37
C ALA A 788 48.45 -26.62 -20.56
N PHE A 789 47.77 -27.76 -20.47
CA PHE A 789 46.39 -27.86 -19.99
C PHE A 789 46.31 -28.85 -18.84
N ALA A 790 45.59 -28.47 -17.79
CA ALA A 790 45.16 -29.38 -16.73
C ALA A 790 44.36 -30.56 -17.31
N ASP A 791 44.43 -31.71 -16.62
CA ASP A 791 43.71 -32.89 -17.06
C ASP A 791 42.68 -33.18 -15.99
N LEU A 792 41.45 -32.72 -16.25
CA LEU A 792 40.28 -33.00 -15.38
C LEU A 792 39.39 -34.12 -15.94
N SER A 793 39.86 -34.81 -16.98
CA SER A 793 39.08 -35.86 -17.65
C SER A 793 38.77 -37.08 -16.73
N GLY A 794 39.45 -37.17 -15.59
CA GLY A 794 39.14 -38.24 -14.64
C GLY A 794 37.68 -38.22 -14.21
N LEU A 795 37.08 -37.02 -14.15
CA LEU A 795 35.63 -36.87 -13.82
C LEU A 795 34.70 -37.74 -14.65
N ASN A 796 35.11 -38.04 -15.89
CA ASN A 796 34.36 -38.88 -16.84
C ASN A 796 34.08 -40.28 -16.31
N ASN A 797 34.99 -40.76 -15.48
CA ASN A 797 34.92 -42.09 -14.93
C ASN A 797 34.65 -42.14 -13.45
N LEU A 798 34.40 -40.99 -12.82
CA LEU A 798 33.97 -40.92 -11.42
C LEU A 798 32.79 -41.87 -11.23
N GLY A 799 32.90 -42.80 -10.28
CA GLY A 799 31.85 -43.82 -10.06
C GLY A 799 30.51 -43.24 -9.61
N GLN A 800 29.41 -43.96 -9.86
CA GLN A 800 28.07 -43.50 -9.42
C GLN A 800 27.93 -43.50 -7.91
N SER A 801 27.29 -42.45 -7.41
CA SER A 801 26.87 -42.33 -6.03
C SER A 801 25.34 -42.21 -6.01
N ALA A 802 24.77 -41.65 -4.94
CA ALA A 802 23.31 -41.63 -4.79
C ALA A 802 22.81 -40.51 -3.88
N VAL A 803 21.60 -40.01 -4.17
CA VAL A 803 20.90 -39.02 -3.32
C VAL A 803 19.38 -39.35 -3.47
N GLY A 804 18.54 -39.40 -2.45
CA GLY A 804 18.71 -38.81 -1.17
C GLY A 804 17.79 -37.62 -0.97
N ALA A 805 16.59 -37.60 -1.53
CA ALA A 805 15.79 -36.34 -1.58
C ALA A 805 14.37 -36.30 -0.97
N THR A 806 14.12 -35.25 -0.19
CA THR A 806 12.79 -34.91 0.31
C THR A 806 12.53 -33.38 0.16
N ALA A 807 11.32 -33.01 -0.28
CA ALA A 807 10.97 -31.60 -0.41
C ALA A 807 9.55 -31.25 0.10
N ASN A 808 9.41 -30.04 0.65
CA ASN A 808 8.08 -29.48 1.00
C ASN A 808 8.04 -27.96 0.71
N SER A 809 6.84 -27.45 0.45
CA SER A 809 6.60 -26.05 0.10
C SER A 809 5.58 -25.34 1.03
N VAL A 810 5.82 -24.05 1.29
CA VAL A 810 4.93 -23.20 2.08
C VAL A 810 4.59 -21.95 1.27
N ALA A 811 3.31 -21.81 0.89
CA ALA A 811 2.81 -20.59 0.29
C ALA A 811 2.67 -19.51 1.34
N GLY A 812 3.50 -18.48 1.29
CA GLY A 812 3.44 -17.38 2.26
C GLY A 812 2.32 -16.39 1.96
N ALA A 813 2.06 -15.48 2.91
CA ALA A 813 1.06 -14.44 2.77
C ALA A 813 1.59 -13.24 2.03
N ASP A 814 2.91 -13.18 1.81
CA ASP A 814 3.52 -12.14 0.93
C ASP A 814 3.56 -12.52 -0.57
N GLY A 815 2.80 -13.53 -0.98
CA GLY A 815 2.75 -13.95 -2.40
C GLY A 815 3.93 -14.80 -2.88
N THR A 816 4.82 -15.18 -1.96
CA THR A 816 5.94 -16.05 -2.27
C THR A 816 5.81 -17.45 -1.67
N THR A 817 6.37 -18.43 -2.36
CA THR A 817 6.51 -19.78 -1.86
C THR A 817 7.97 -20.09 -1.53
N THR A 818 8.18 -20.76 -0.39
CA THR A 818 9.47 -21.35 -0.08
C THR A 818 9.35 -22.88 -0.16
N THR A 819 10.13 -23.46 -1.07
CA THR A 819 10.39 -24.88 -1.16
C THR A 819 11.72 -25.20 -0.42
N THR A 820 11.62 -26.09 0.56
CA THR A 820 12.76 -26.62 1.29
C THR A 820 13.06 -28.04 0.76
N VAL A 821 14.32 -28.28 0.36
CA VAL A 821 14.76 -29.63 -0.06
C VAL A 821 15.89 -30.17 0.86
N THR A 822 15.74 -31.41 1.30
CA THR A 822 16.74 -32.08 2.13
C THR A 822 17.35 -33.18 1.26
N LEU A 823 18.65 -33.06 1.02
CA LEU A 823 19.39 -34.00 0.22
C LEU A 823 20.36 -34.75 1.12
N LYS A 824 20.47 -36.07 0.91
CA LYS A 824 21.44 -36.90 1.65
C LYS A 824 22.19 -37.78 0.66
N ASN A 825 23.50 -37.93 0.84
CA ASN A 825 24.24 -38.93 0.09
C ASN A 825 23.93 -40.28 0.76
N THR A 826 23.18 -41.12 0.04
CA THR A 826 22.61 -42.35 0.57
C THR A 826 23.36 -43.59 0.06
N SER A 827 24.47 -43.36 -0.64
CA SER A 827 25.24 -44.49 -1.19
C SER A 827 25.99 -45.27 -0.08
N GLY A 828 26.35 -46.53 -0.35
CA GLY A 828 27.01 -47.36 0.67
C GLY A 828 28.51 -47.55 0.56
N GLY A 829 29.14 -46.76 -0.32
CA GLY A 829 30.60 -46.78 -0.50
C GLY A 829 31.23 -45.47 -0.09
N ARG A 830 32.36 -45.15 -0.69
CA ARG A 830 33.18 -44.00 -0.32
C ARG A 830 33.00 -42.81 -1.27
N LEU A 831 32.08 -42.92 -2.21
CA LEU A 831 32.01 -41.91 -3.27
C LEU A 831 31.11 -40.73 -2.95
N PRO A 832 31.61 -39.49 -3.18
CA PRO A 832 30.78 -38.30 -2.96
C PRO A 832 29.71 -38.19 -4.05
N ALA A 833 28.57 -37.59 -3.70
CA ALA A 833 27.58 -37.15 -4.67
C ALA A 833 28.06 -35.77 -5.09
N PHE A 834 28.49 -35.66 -6.34
CA PHE A 834 29.27 -34.51 -6.78
C PHE A 834 28.47 -33.58 -7.72
N TYR A 835 28.43 -32.29 -7.38
CA TYR A 835 27.77 -31.29 -8.21
C TYR A 835 26.28 -31.65 -8.45
N VAL A 836 25.51 -31.53 -7.37
CA VAL A 836 24.08 -31.88 -7.35
C VAL A 836 23.25 -30.60 -7.46
N ASP A 837 22.55 -30.49 -8.58
CA ASP A 837 21.78 -29.34 -8.98
C ASP A 837 20.26 -29.59 -8.80
N SER A 838 19.64 -28.78 -7.94
CA SER A 838 18.20 -28.87 -7.64
C SER A 838 17.49 -27.71 -8.31
N LYS A 839 16.38 -28.01 -8.97
CA LYS A 839 15.62 -27.00 -9.69
C LYS A 839 14.14 -27.14 -9.33
N VAL A 840 13.54 -26.03 -8.90
CA VAL A 840 12.07 -25.97 -8.77
C VAL A 840 11.47 -26.04 -10.17
N VAL A 841 10.60 -27.03 -10.38
CA VAL A 841 9.92 -27.25 -11.66
C VAL A 841 8.39 -27.33 -11.41
N ASP A 842 7.61 -27.17 -12.46
CA ASP A 842 6.17 -27.39 -12.37
C ASP A 842 5.91 -28.87 -12.69
N SER A 843 4.64 -29.20 -12.89
CA SER A 843 4.23 -30.57 -13.14
C SER A 843 4.72 -31.11 -14.48
N ALA A 844 5.03 -30.21 -15.41
CA ALA A 844 5.58 -30.59 -16.72
C ALA A 844 7.12 -30.67 -16.76
N GLY A 845 7.76 -30.44 -15.61
CA GLY A 845 9.21 -30.43 -15.56
C GLY A 845 9.88 -29.17 -16.09
N LYS A 846 9.12 -28.07 -16.24
CA LYS A 846 9.68 -26.78 -16.67
C LYS A 846 10.11 -25.90 -15.47
N PRO A 847 11.35 -25.35 -15.51
CA PRO A 847 11.77 -24.52 -14.38
C PRO A 847 10.84 -23.34 -14.07
N VAL A 848 10.55 -23.18 -12.78
CA VAL A 848 9.89 -22.00 -12.23
C VAL A 848 10.95 -20.92 -12.00
N LEU A 849 10.80 -19.80 -12.71
CA LEU A 849 11.76 -18.70 -12.75
C LEU A 849 11.03 -17.37 -12.67
N PRO A 850 11.66 -16.32 -12.07
CA PRO A 850 12.92 -16.38 -11.35
C PRO A 850 12.84 -17.18 -10.01
N VAL A 851 13.98 -17.63 -9.53
CA VAL A 851 14.03 -18.37 -8.28
C VAL A 851 15.29 -17.92 -7.56
N GLU A 852 15.28 -18.04 -6.24
CA GLU A 852 16.44 -17.78 -5.39
C GLU A 852 16.61 -18.89 -4.37
N TRP A 853 17.77 -19.54 -4.47
CA TRP A 853 18.21 -20.60 -3.59
C TRP A 853 19.15 -20.00 -2.60
N ASN A 854 19.19 -20.53 -1.38
CA ASN A 854 20.25 -20.15 -0.40
C ASN A 854 21.62 -20.71 -0.81
N ASP A 855 21.59 -21.92 -1.38
CA ASP A 855 22.75 -22.71 -1.80
C ASP A 855 22.26 -23.67 -2.88
N ASN A 856 23.20 -24.18 -3.69
CA ASN A 856 22.90 -25.10 -4.78
C ASN A 856 24.20 -25.63 -5.40
N ALA A 857 24.08 -26.52 -6.39
CA ALA A 857 25.24 -27.22 -7.00
C ALA A 857 26.20 -27.72 -5.90
N VAL A 858 25.66 -28.54 -5.00
CA VAL A 858 26.31 -28.99 -3.78
C VAL A 858 27.02 -30.35 -3.98
N SER A 859 27.92 -30.67 -3.08
CA SER A 859 28.62 -31.95 -3.09
C SER A 859 28.52 -32.51 -1.69
N LEU A 860 28.10 -33.77 -1.61
CA LEU A 860 27.90 -34.42 -0.30
C LEU A 860 28.66 -35.72 -0.20
N TRP A 861 29.38 -35.91 0.90
CA TRP A 861 30.07 -37.18 1.11
C TRP A 861 29.04 -38.18 1.67
N PRO A 862 29.34 -39.50 1.67
CA PRO A 862 28.35 -40.49 2.15
C PRO A 862 27.84 -40.23 3.56
N GLY A 863 26.52 -40.31 3.74
CA GLY A 863 25.88 -39.99 5.02
C GLY A 863 25.56 -38.51 5.23
N GLU A 864 26.27 -37.61 4.56
CA GLU A 864 26.06 -36.18 4.72
C GLU A 864 24.70 -35.70 4.22
N THR A 865 24.13 -34.74 4.94
CA THR A 865 22.81 -34.19 4.64
C THR A 865 22.95 -32.67 4.45
N THR A 866 22.21 -32.11 3.49
CA THR A 866 22.06 -30.66 3.43
C THR A 866 20.61 -30.27 3.17
N THR A 867 20.22 -29.18 3.80
CA THR A 867 18.88 -28.70 3.63
C THR A 867 18.95 -27.40 2.83
N LEU A 868 18.21 -27.38 1.71
CA LEU A 868 18.22 -26.23 0.84
C LEU A 868 16.87 -25.54 0.73
N THR A 869 16.92 -24.25 0.47
CA THR A 869 15.76 -23.39 0.46
C THR A 869 15.69 -22.60 -0.85
N ALA A 870 14.56 -22.71 -1.55
CA ALA A 870 14.26 -21.93 -2.77
C ALA A 870 13.02 -21.03 -2.59
N LYS A 871 13.13 -19.74 -2.94
CA LYS A 871 12.01 -18.79 -2.88
C LYS A 871 11.63 -18.26 -4.26
N TYR A 872 10.33 -18.10 -4.50
CA TYR A 872 9.82 -17.65 -5.80
C TYR A 872 8.40 -17.13 -5.61
N ARG A 873 7.84 -16.45 -6.61
CA ARG A 873 6.42 -16.06 -6.55
C ARG A 873 5.53 -17.27 -6.78
N THR A 874 4.65 -17.54 -5.83
CA THR A 874 3.57 -18.53 -6.00
C THR A 874 2.90 -18.46 -7.37
N ALA A 875 2.62 -17.25 -7.85
CA ALA A 875 1.96 -17.07 -9.16
C ALA A 875 2.78 -17.57 -10.37
N ASP A 876 4.11 -17.60 -10.25
CA ASP A 876 4.97 -18.14 -11.32
C ASP A 876 4.91 -19.66 -11.50
N LEU A 877 4.29 -20.33 -10.52
CA LEU A 877 3.87 -21.74 -10.61
C LEU A 877 2.75 -21.93 -11.64
N LYS A 878 1.96 -20.87 -11.83
CA LYS A 878 0.82 -20.84 -12.78
C LYS A 878 -0.18 -21.96 -12.47
N GLY A 879 -0.40 -22.18 -11.17
CA GLY A 879 -1.38 -23.16 -10.70
C GLY A 879 -0.87 -24.60 -10.55
N SER A 880 0.36 -24.85 -10.96
CA SER A 880 0.93 -26.18 -10.77
C SER A 880 1.37 -26.37 -9.32
N LYS A 881 1.32 -27.62 -8.86
CA LYS A 881 1.95 -28.01 -7.61
C LYS A 881 3.46 -27.96 -7.89
N PRO A 882 4.28 -27.57 -6.89
CA PRO A 882 5.72 -27.56 -7.19
C PRO A 882 6.39 -28.93 -7.03
N SER A 883 7.28 -29.26 -7.96
CA SER A 883 8.24 -30.35 -7.80
C SER A 883 9.70 -29.84 -7.85
N VAL A 884 10.64 -30.71 -7.48
CA VAL A 884 12.05 -30.39 -7.54
C VAL A 884 12.84 -31.42 -8.35
N ARG A 885 13.53 -30.94 -9.38
CA ARG A 885 14.33 -31.82 -10.21
C ARG A 885 15.78 -31.80 -9.72
N ILE A 886 16.30 -32.99 -9.43
CA ILE A 886 17.63 -33.14 -8.84
C ILE A 886 18.54 -33.97 -9.73
N SER A 887 19.55 -33.30 -10.30
CA SER A 887 20.55 -33.91 -11.16
C SER A 887 21.92 -33.72 -10.57
N GLY A 888 22.70 -34.80 -10.53
CA GLY A 888 24.10 -34.72 -10.07
C GLY A 888 25.00 -35.17 -11.19
N TRP A 889 26.25 -34.73 -11.17
CA TRP A 889 27.24 -35.23 -12.13
C TRP A 889 27.27 -36.77 -12.13
N ASN A 890 27.39 -37.34 -10.93
CA ASN A 890 27.49 -38.81 -10.77
C ASN A 890 26.31 -39.45 -10.02
N THR A 891 25.17 -38.77 -9.98
CA THR A 891 23.99 -39.28 -9.28
C THR A 891 22.74 -39.43 -10.14
N GLY A 892 22.84 -39.19 -11.44
CA GLY A 892 21.67 -39.25 -12.32
C GLY A 892 20.66 -38.12 -12.09
N THR A 893 19.43 -38.32 -12.55
CA THR A 893 18.36 -37.33 -12.43
C THR A 893 17.06 -37.96 -11.88
N GLN A 894 16.42 -37.27 -10.95
CA GLN A 894 15.15 -37.70 -10.35
C GLN A 894 14.30 -36.44 -10.11
N THR A 895 12.99 -36.58 -10.07
CA THR A 895 12.22 -35.46 -9.55
C THR A 895 11.30 -35.88 -8.42
N VAL A 896 11.21 -35.04 -7.41
CA VAL A 896 10.42 -35.36 -6.24
C VAL A 896 9.30 -34.33 -6.13
N PRO A 897 8.15 -34.71 -5.53
CA PRO A 897 7.06 -33.75 -5.32
C PRO A 897 7.50 -32.80 -4.24
N ALA A 898 7.03 -31.55 -4.26
CA ALA A 898 7.27 -30.67 -3.12
C ALA A 898 5.99 -30.00 -2.57
N ASP A 899 4.84 -30.36 -2.92
N GLY B 49 -3.09 -22.43 24.38
CA GLY B 49 -4.06 -21.62 23.57
C GLY B 49 -4.48 -20.27 24.14
N ASN B 50 -3.51 -19.36 24.24
CA ASN B 50 -3.67 -18.03 24.84
C ASN B 50 -3.69 -16.94 23.77
N ALA B 51 -4.25 -15.78 24.12
CA ALA B 51 -4.16 -14.58 23.30
C ALA B 51 -4.25 -13.39 24.23
N THR B 52 -3.16 -12.63 24.34
CA THR B 52 -3.12 -11.51 25.30
C THR B 52 -2.81 -10.26 24.52
N PRO B 53 -3.69 -9.22 24.62
CA PRO B 53 -3.33 -7.99 23.89
C PRO B 53 -2.17 -7.28 24.56
N ILE B 54 -1.35 -6.65 23.74
CA ILE B 54 -0.28 -5.80 24.21
C ILE B 54 -1.00 -4.57 24.79
N PRO B 55 -0.82 -4.29 26.12
CA PRO B 55 -1.66 -3.26 26.74
C PRO B 55 -1.22 -1.84 26.42
N GLY B 56 -0.04 -1.70 25.78
CA GLY B 56 0.56 -0.39 25.63
C GLY B 56 1.87 -0.38 24.85
N TYR B 57 2.23 0.82 24.40
CA TYR B 57 3.45 1.10 23.65
C TYR B 57 4.13 2.37 24.18
N VAL B 58 5.44 2.52 23.89
CA VAL B 58 6.07 3.86 23.89
C VAL B 58 6.28 4.26 22.43
N ILE B 59 6.03 5.52 22.09
CA ILE B 59 6.14 5.90 20.67
C ILE B 59 7.06 7.08 20.44
N GLN B 60 7.57 7.18 19.21
CA GLN B 60 8.39 8.29 18.83
C GLN B 60 8.53 8.31 17.32
N SER B 61 8.75 9.51 16.77
CA SER B 61 9.13 9.70 15.37
C SER B 61 10.40 8.92 15.07
N SER B 62 10.43 8.40 13.84
CA SER B 62 11.57 7.73 13.30
C SER B 62 12.71 8.74 12.98
N ALA B 63 12.43 10.03 13.19
CA ALA B 63 13.44 11.12 13.29
C ALA B 63 14.48 10.89 14.39
N GLN B 64 14.04 10.26 15.49
CA GLN B 64 14.93 9.90 16.60
C GLN B 64 15.53 8.48 16.51
N VAL B 65 15.42 7.83 15.34
CA VAL B 65 15.98 6.48 15.10
C VAL B 65 16.84 6.40 13.82
N SER B 66 18.14 6.22 14.01
CA SER B 66 19.09 6.14 12.92
C SER B 66 19.29 4.73 12.38
N ASP B 67 18.83 3.72 13.12
CA ASP B 67 19.03 2.30 12.75
C ASP B 67 17.74 1.54 13.05
N ASP B 68 16.96 1.23 12.02
CA ASP B 68 15.69 0.51 12.27
C ASP B 68 15.85 -0.78 13.09
N SER B 69 16.89 -1.56 12.80
CA SER B 69 17.07 -2.85 13.45
C SER B 69 17.23 -2.75 14.98
N ALA B 70 17.68 -1.58 15.45
CA ALA B 70 17.99 -1.41 16.85
C ALA B 70 16.76 -1.28 17.74
N VAL B 71 15.61 -0.86 17.17
CA VAL B 71 14.46 -0.54 18.03
C VAL B 71 13.93 -1.73 18.84
N SER B 72 13.87 -2.90 18.19
CA SER B 72 13.28 -4.13 18.73
C SER B 72 14.28 -5.00 19.47
N LYS B 73 15.52 -4.55 19.57
CA LYS B 73 16.50 -5.23 20.42
C LYS B 73 16.26 -4.89 21.89
N PRO B 74 16.08 -5.91 22.76
CA PRO B 74 15.95 -5.69 24.21
C PRO B 74 17.08 -4.80 24.79
N GLY B 75 16.70 -3.77 25.55
CA GLY B 75 17.67 -2.78 26.09
C GLY B 75 17.75 -1.48 25.32
N PHE B 76 17.11 -1.42 24.15
CA PHE B 76 17.10 -0.19 23.35
C PHE B 76 16.54 0.95 24.22
N PRO B 77 17.27 2.08 24.35
CA PRO B 77 16.78 3.16 25.21
C PRO B 77 15.64 3.94 24.54
N THR B 78 14.70 4.41 25.36
CA THR B 78 13.45 5.03 24.90
C THR B 78 13.14 6.25 25.76
N SER B 79 14.21 6.83 26.28
CA SER B 79 14.14 8.10 26.98
C SER B 79 13.51 9.18 26.09
N GLY B 80 12.45 9.81 26.58
CA GLY B 80 11.74 10.84 25.81
C GLY B 80 10.55 10.30 25.00
N TRP B 81 10.46 8.98 24.88
CA TRP B 81 9.35 8.36 24.09
C TRP B 81 7.99 8.50 24.81
N TYR B 82 6.89 8.52 24.05
CA TYR B 82 5.56 8.74 24.63
C TYR B 82 4.84 7.43 24.96
N PRO B 83 4.53 7.20 26.27
CA PRO B 83 3.70 6.05 26.60
C PRO B 83 2.25 6.26 26.15
N VAL B 84 1.72 5.29 25.42
CA VAL B 84 0.35 5.38 24.92
C VAL B 84 -0.37 4.08 25.23
N SER B 85 -1.71 4.13 25.32
CA SER B 85 -2.47 2.88 25.43
C SER B 85 -2.54 2.18 24.08
N SER B 86 -3.08 0.98 24.13
CA SER B 86 -3.46 0.27 22.92
C SER B 86 -4.50 1.07 22.14
N ARG B 87 -4.52 0.90 20.81
CA ARG B 87 -5.53 1.48 19.94
C ARG B 87 -5.38 2.99 19.74
N SER B 88 -4.13 3.47 19.88
CA SER B 88 -3.78 4.90 19.74
C SER B 88 -3.23 5.24 18.36
N THR B 89 -3.82 6.24 17.71
CA THR B 89 -3.16 6.91 16.61
C THR B 89 -2.02 7.73 17.22
N VAL B 90 -1.10 8.21 16.38
CA VAL B 90 0.05 8.93 16.93
C VAL B 90 -0.42 10.20 17.68
N TYR B 91 -1.32 10.94 17.05
CA TYR B 91 -1.75 12.20 17.62
C TYR B 91 -2.61 12.03 18.88
N ALA B 92 -3.46 11.00 18.92
CA ALA B 92 -4.18 10.65 20.13
C ALA B 92 -3.19 10.36 21.27
N GLY B 93 -2.11 9.60 20.97
CA GLY B 93 -1.05 9.33 21.95
C GLY B 93 -0.39 10.59 22.51
N LEU B 94 -0.18 11.57 21.63
CA LEU B 94 0.40 12.89 21.99
C LEU B 94 -0.56 13.68 22.90
N LEU B 95 -1.86 13.54 22.64
CA LEU B 95 -2.91 14.12 23.48
C LEU B 95 -2.96 13.46 24.86
N GLN B 96 -2.83 12.13 24.91
CA GLN B 96 -2.69 11.39 26.18
C GLN B 96 -1.53 11.90 27.04
N ASN B 97 -0.50 12.43 26.38
CA ASN B 97 0.70 12.88 27.04
C ASN B 97 0.80 14.38 27.27
N GLY B 98 -0.24 15.15 26.98
CA GLY B 98 -0.10 16.51 27.41
C GLY B 98 0.05 17.63 26.42
N LYS B 99 0.17 17.40 25.12
CA LYS B 99 1.40 17.57 24.36
C LYS B 99 0.83 18.72 23.46
N TYR B 100 -0.48 18.65 23.18
CA TYR B 100 -1.20 19.72 22.47
C TYR B 100 -2.49 20.16 23.19
N ALA B 101 -2.98 21.33 22.86
CA ALA B 101 -4.23 21.82 23.41
C ALA B 101 -5.40 21.00 22.83
N ASP B 102 -6.58 21.11 23.45
CA ASP B 102 -7.76 20.31 23.11
C ASP B 102 -8.24 20.61 21.69
N PRO B 103 -8.20 19.63 20.76
CA PRO B 103 -8.66 19.88 19.36
C PRO B 103 -10.15 20.14 19.21
N PHE B 104 -10.93 19.81 20.24
CA PHE B 104 -12.39 20.10 20.27
C PHE B 104 -12.74 21.57 20.52
N TYR B 105 -11.73 22.38 20.90
CA TYR B 105 -11.91 23.82 21.13
C TYR B 105 -11.32 24.70 20.06
N SER B 106 -12.17 25.56 19.49
CA SER B 106 -11.76 26.59 18.54
C SER B 106 -10.88 25.98 17.42
N THR B 107 -9.78 26.66 17.08
CA THR B 107 -8.87 26.24 16.03
C THR B 107 -7.59 25.58 16.58
N ASN B 108 -7.64 25.12 17.82
CA ASN B 108 -6.53 24.41 18.42
C ASN B 108 -5.89 23.36 17.52
N MET B 109 -6.71 22.62 16.77
CA MET B 109 -6.18 21.57 15.87
C MET B 109 -5.27 22.09 14.74
N GLN B 110 -5.59 23.27 14.22
CA GLN B 110 -4.82 23.93 13.18
C GLN B 110 -3.40 24.27 13.63
N ASN B 111 -3.20 24.32 14.94
CA ASN B 111 -1.93 24.75 15.52
C ASN B 111 -0.89 23.62 15.71
N VAL B 112 -1.28 22.37 15.43
CA VAL B 112 -0.38 21.22 15.51
C VAL B 112 0.52 21.18 14.26
N PRO B 113 1.86 21.24 14.46
CA PRO B 113 2.77 21.03 13.33
C PRO B 113 2.54 19.69 12.61
N ALA B 114 2.24 19.78 11.32
CA ALA B 114 1.91 18.64 10.47
C ALA B 114 3.15 17.87 9.99
N ALA B 115 4.24 18.57 9.71
CA ALA B 115 5.45 17.96 9.13
C ALA B 115 5.97 16.72 9.87
N GLN B 116 5.85 16.71 11.20
CA GLN B 116 6.32 15.60 12.02
C GLN B 116 5.64 14.24 11.71
N PHE B 117 4.47 14.29 11.08
CA PHE B 117 3.68 13.09 10.72
C PHE B 117 3.83 12.72 9.24
N SER B 118 4.85 13.31 8.60
CA SER B 118 5.18 12.99 7.20
C SER B 118 6.27 11.93 7.17
N VAL B 119 6.72 11.47 8.34
CA VAL B 119 7.67 10.35 8.39
C VAL B 119 7.08 9.26 9.32
N PRO B 120 7.55 7.99 9.20
CA PRO B 120 7.03 6.96 10.12
C PRO B 120 7.25 7.28 11.60
N TRP B 121 6.41 6.66 12.41
CA TRP B 121 6.56 6.64 13.84
C TRP B 121 6.69 5.20 14.28
N TRP B 122 7.55 5.00 15.28
CA TRP B 122 7.75 3.71 15.92
C TRP B 122 6.78 3.45 17.07
N TYR B 123 6.22 2.24 17.09
CA TYR B 123 5.45 1.71 18.19
C TYR B 123 6.20 0.57 18.84
N ARG B 124 6.65 0.77 20.09
CA ARG B 124 7.56 -0.21 20.70
C ARG B 124 7.03 -0.81 21.99
N THR B 125 7.24 -2.11 22.21
CA THR B 125 6.90 -2.74 23.50
C THR B 125 7.89 -3.86 23.82
N ASP B 126 8.13 -4.09 25.10
CA ASP B 126 8.67 -5.36 25.59
C ASP B 126 7.57 -6.40 25.84
N LEU B 127 7.99 -7.67 25.75
CA LEU B 127 7.19 -8.85 26.10
C LEU B 127 8.05 -9.78 26.93
N ASN B 128 7.52 -10.23 28.06
CA ASN B 128 8.14 -11.30 28.85
C ASN B 128 7.65 -12.66 28.39
N VAL B 129 8.59 -13.56 28.07
CA VAL B 129 8.25 -14.93 27.67
C VAL B 129 8.84 -15.90 28.70
N ASP B 130 7.97 -16.50 29.51
CA ASP B 130 8.33 -17.51 30.56
C ASP B 130 9.19 -18.61 29.96
N ASP B 131 8.69 -19.20 28.87
CA ASP B 131 9.42 -20.21 28.15
C ASP B 131 8.95 -20.30 26.71
N THR B 132 9.85 -20.82 25.88
CA THR B 132 9.63 -20.88 24.45
C THR B 132 9.18 -22.26 23.94
N SER B 133 8.54 -23.07 24.79
CA SER B 133 8.02 -24.38 24.35
C SER B 133 6.82 -24.20 23.41
N SER B 134 6.04 -23.17 23.67
CA SER B 134 4.90 -22.87 22.82
C SER B 134 5.40 -22.02 21.66
N ARG B 135 4.79 -22.20 20.49
CA ARG B 135 5.02 -21.30 19.38
C ARG B 135 4.44 -19.90 19.74
N THR B 136 4.98 -18.85 19.11
CA THR B 136 4.49 -17.47 19.36
C THR B 136 4.06 -16.78 18.06
N TYR B 137 2.92 -16.09 18.09
CA TYR B 137 2.35 -15.40 16.92
C TYR B 137 1.97 -13.97 17.28
N LEU B 138 2.16 -13.04 16.33
CA LEU B 138 1.54 -11.71 16.46
C LEU B 138 0.28 -11.72 15.61
N ASP B 139 -0.86 -11.39 16.19
CA ASP B 139 -2.14 -11.39 15.47
C ASP B 139 -2.75 -9.99 15.62
N PHE B 140 -3.00 -9.32 14.49
CA PHE B 140 -3.37 -7.91 14.51
C PHE B 140 -3.95 -7.41 13.17
N SER B 141 -4.70 -6.31 13.27
CA SER B 141 -5.13 -5.50 12.13
C SER B 141 -5.11 -4.09 12.70
N GLY B 142 -5.55 -3.10 11.93
CA GLY B 142 -5.71 -1.75 12.45
C GLY B 142 -4.51 -0.88 12.25
N VAL B 143 -3.61 -1.26 11.34
CA VAL B 143 -2.47 -0.38 11.09
C VAL B 143 -2.66 0.59 9.93
N LEU B 144 -2.51 1.89 10.24
CA LEU B 144 -2.70 2.95 9.24
C LEU B 144 -1.34 3.62 9.03
N SER B 145 -0.75 3.59 7.82
CA SER B 145 -1.32 2.94 6.61
C SER B 145 -0.78 1.52 6.36
N LYS B 146 0.38 1.26 6.95
CA LYS B 146 1.21 0.10 6.69
C LYS B 146 2.36 0.14 7.71
N ALA B 147 3.04 -0.99 7.90
CA ALA B 147 4.19 -1.08 8.85
C ALA B 147 5.18 -2.20 8.51
N ASP B 148 6.44 -1.93 8.81
CA ASP B 148 7.46 -2.94 9.02
C ASP B 148 7.30 -3.41 10.47
N VAL B 149 7.50 -4.71 10.68
CA VAL B 149 7.34 -5.31 11.98
C VAL B 149 8.66 -5.98 12.29
N TRP B 150 9.22 -5.59 13.43
CA TRP B 150 10.51 -6.05 13.92
C TRP B 150 10.33 -6.76 15.27
N VAL B 151 11.05 -7.87 15.46
CA VAL B 151 11.08 -8.60 16.73
C VAL B 151 12.56 -8.94 17.00
N ASN B 152 13.10 -8.44 18.12
CA ASN B 152 14.46 -8.78 18.57
C ASN B 152 15.53 -8.55 17.50
N GLY B 153 15.37 -7.49 16.70
CA GLY B 153 16.39 -7.07 15.73
C GLY B 153 16.19 -7.68 14.36
N THR B 154 15.09 -8.45 14.21
CA THR B 154 14.78 -9.09 12.94
C THR B 154 13.50 -8.50 12.33
N LYS B 155 13.58 -8.07 11.06
CA LYS B 155 12.38 -7.65 10.33
C LYS B 155 11.60 -8.87 9.88
N VAL B 156 10.50 -9.14 10.61
CA VAL B 156 9.67 -10.31 10.35
C VAL B 156 8.63 -10.06 9.26
N ALA B 157 8.36 -8.79 8.93
CA ALA B 157 7.38 -8.45 7.88
C ALA B 157 7.61 -7.01 7.44
N THR B 158 7.31 -6.72 6.18
CA THR B 158 7.53 -5.34 5.65
C THR B 158 6.20 -4.61 5.40
N LYS B 159 6.26 -3.30 5.17
CA LYS B 159 5.09 -2.46 4.82
C LYS B 159 4.43 -2.89 3.51
N ASP B 160 5.07 -3.75 2.72
CA ASP B 160 4.43 -4.24 1.51
C ASP B 160 3.41 -5.34 1.84
N GLN B 161 3.65 -6.04 2.95
CA GLN B 161 2.75 -7.09 3.43
C GLN B 161 1.75 -6.58 4.45
N VAL B 162 2.24 -5.90 5.49
CA VAL B 162 1.41 -5.34 6.55
C VAL B 162 0.96 -3.96 6.05
N ASN B 163 -0.17 -3.93 5.37
CA ASN B 163 -0.55 -2.81 4.53
C ASN B 163 -2.08 -2.78 4.42
N GLY B 164 -2.68 -1.68 4.86
CA GLY B 164 -4.14 -1.55 4.86
C GLY B 164 -4.73 -1.70 6.23
N ALA B 165 -5.57 -0.75 6.64
CA ALA B 165 -6.18 -0.74 8.00
C ALA B 165 -6.97 -1.99 8.41
N TYR B 166 -7.59 -2.64 7.43
CA TYR B 166 -8.47 -3.77 7.69
C TYR B 166 -7.82 -5.16 7.50
N THR B 167 -6.58 -5.18 6.97
CA THR B 167 -5.88 -6.45 6.78
C THR B 167 -5.45 -7.05 8.12
N ARG B 168 -5.82 -8.30 8.34
CA ARG B 168 -5.38 -9.10 9.46
C ARG B 168 -4.09 -9.89 9.14
N HIS B 169 -3.18 -9.89 10.11
CA HIS B 169 -1.86 -10.52 10.00
C HIS B 169 -1.64 -11.50 11.13
N ASP B 170 -1.13 -12.65 10.74
CA ASP B 170 -0.92 -13.76 11.66
C ASP B 170 0.54 -14.11 11.47
N LEU B 171 1.42 -13.42 12.22
CA LEU B 171 2.88 -13.56 11.99
C LEU B 171 3.50 -14.50 13.02
N ASP B 172 4.05 -15.62 12.53
CA ASP B 172 4.68 -16.64 13.40
C ASP B 172 6.08 -16.13 13.71
N ILE B 173 6.30 -15.82 14.98
CA ILE B 173 7.57 -15.17 15.32
C ILE B 173 8.39 -16.12 16.20
N THR B 174 8.04 -17.41 16.14
CA THR B 174 8.66 -18.42 17.00
C THR B 174 10.21 -18.45 16.86
N ALA B 175 10.69 -18.37 15.63
CA ALA B 175 12.13 -18.40 15.33
C ALA B 175 12.89 -17.20 15.92
N GLN B 176 12.16 -16.12 16.26
CA GLN B 176 12.78 -14.91 16.85
C GLN B 176 12.62 -14.80 18.36
N VAL B 177 11.68 -15.54 18.94
CA VAL B 177 11.39 -15.38 20.34
C VAL B 177 12.35 -16.19 21.24
N HIS B 178 12.78 -15.59 22.35
CA HIS B 178 13.68 -16.24 23.28
C HIS B 178 13.08 -16.14 24.68
N THR B 179 13.68 -16.87 25.63
CA THR B 179 13.28 -16.82 27.05
C THR B 179 13.56 -15.44 27.65
N GLY B 180 12.62 -14.94 28.44
CA GLY B 180 12.83 -13.63 29.09
C GLY B 180 12.25 -12.43 28.37
N VAL B 181 13.00 -11.31 28.41
CA VAL B 181 12.56 -10.03 27.87
C VAL B 181 12.72 -10.01 26.33
N ASN B 182 11.60 -9.91 25.62
CA ASN B 182 11.66 -9.73 24.19
C ASN B 182 11.20 -8.31 23.87
N SER B 183 11.46 -7.85 22.64
CA SER B 183 10.86 -6.59 22.17
C SER B 183 10.25 -6.69 20.78
N VAL B 184 9.13 -6.02 20.59
CA VAL B 184 8.47 -5.93 19.29
C VAL B 184 8.35 -4.43 18.91
N ALA B 185 8.71 -4.07 17.69
CA ALA B 185 8.47 -2.70 17.19
C ALA B 185 7.88 -2.67 15.81
N PHE B 186 6.82 -1.86 15.69
CA PHE B 186 6.24 -1.52 14.39
C PHE B 186 6.76 -0.16 13.92
N LYS B 187 7.22 -0.11 12.67
CA LYS B 187 7.53 1.18 12.03
C LYS B 187 6.33 1.52 11.18
N VAL B 188 5.52 2.47 11.64
CA VAL B 188 4.20 2.72 11.11
C VAL B 188 4.29 3.95 10.22
N TYR B 189 3.81 3.81 8.98
CA TYR B 189 4.01 4.78 7.92
C TYR B 189 2.89 5.79 7.89
N PRO B 190 3.19 7.03 7.44
CA PRO B 190 2.19 8.09 7.23
C PRO B 190 0.95 7.61 6.49
N ASN B 191 -0.19 8.20 6.84
CA ASN B 191 -1.42 7.82 6.21
C ASN B 191 -1.90 8.87 5.21
N ASP B 192 -2.23 8.41 4.00
CA ASP B 192 -2.96 9.23 3.03
C ASP B 192 -4.18 8.45 2.56
N PRO B 193 -5.39 8.82 3.04
CA PRO B 193 -6.57 8.02 2.74
C PRO B 193 -6.94 8.02 1.26
N ASN B 194 -6.36 8.94 0.50
CA ASN B 194 -6.52 8.96 -0.98
C ASN B 194 -5.60 7.99 -1.70
N ARG B 195 -4.50 7.63 -1.02
CA ARG B 195 -3.45 6.76 -1.59
C ARG B 195 -3.53 5.38 -0.96
N ASP B 196 -4.03 5.31 0.27
CA ASP B 196 -3.94 4.07 1.10
C ASP B 196 -5.34 3.54 1.35
N LEU B 197 -5.49 2.22 1.37
CA LEU B 197 -6.77 1.57 1.65
C LEU B 197 -6.89 1.52 3.19
N SER B 198 -7.47 2.61 3.69
CA SER B 198 -7.33 3.09 5.05
C SER B 198 -8.68 3.64 5.51
N MET B 199 -8.64 4.78 6.22
CA MET B 199 -9.82 5.55 6.60
C MET B 199 -9.47 7.02 6.37
N GLY B 200 -10.45 7.77 5.84
CA GLY B 200 -10.35 9.24 5.78
C GLY B 200 -11.69 9.86 6.16
N TRP B 201 -11.72 11.17 6.25
CA TRP B 201 -12.89 11.84 6.85
C TRP B 201 -13.78 12.57 5.84
N ILE B 202 -13.59 12.28 4.56
CA ILE B 202 -14.49 12.75 3.52
C ILE B 202 -14.73 14.27 3.73
N ASP B 203 -15.99 14.69 3.91
CA ASP B 203 -16.28 16.07 4.31
C ASP B 203 -16.93 16.19 5.69
N TRP B 204 -16.78 15.17 6.55
CA TRP B 204 -17.50 15.14 7.86
C TRP B 204 -17.03 16.14 8.92
N ALA B 205 -15.73 16.46 8.92
CA ALA B 205 -15.12 17.28 9.98
C ALA B 205 -13.94 18.07 9.39
N GLN B 206 -12.81 18.06 10.09
CA GLN B 206 -11.56 18.60 9.58
C GLN B 206 -10.48 17.49 9.64
N THR B 207 -9.39 17.68 8.92
CA THR B 207 -8.35 16.61 8.77
C THR B 207 -7.50 16.50 10.03
N PRO B 208 -7.43 15.29 10.61
CA PRO B 208 -6.57 15.05 11.77
C PRO B 208 -5.10 15.26 11.40
N PRO B 209 -4.32 15.94 12.26
CA PRO B 209 -2.96 16.38 11.92
C PRO B 209 -2.02 15.25 11.50
N ASP B 210 -2.20 14.06 12.08
CA ASP B 210 -1.43 12.90 11.72
C ASP B 210 -2.17 12.00 10.73
N GLN B 211 -3.39 12.40 10.35
CA GLN B 211 -4.14 11.63 9.39
C GLN B 211 -4.36 10.18 9.93
N ASN B 212 -4.49 10.06 11.26
CA ASN B 212 -4.80 8.77 11.97
C ASN B 212 -3.74 7.67 11.87
N MET B 213 -2.50 8.02 11.50
CA MET B 213 -1.43 7.04 11.45
C MET B 213 -1.24 6.40 12.82
N GLY B 214 -1.07 5.07 12.84
CA GLY B 214 -0.90 4.40 14.10
C GLY B 214 -1.52 3.01 14.02
N ILE B 215 -1.81 2.44 15.19
CA ILE B 215 -2.34 1.07 15.30
C ILE B 215 -3.60 1.19 16.14
N VAL B 216 -4.76 1.11 15.49
CA VAL B 216 -6.03 1.51 16.11
C VAL B 216 -6.86 0.31 16.65
N ARG B 217 -6.32 -0.91 16.53
CA ARG B 217 -6.83 -2.14 17.17
C ARG B 217 -5.72 -2.83 18.00
N ASP B 218 -6.08 -3.83 18.82
CA ASP B 218 -5.10 -4.54 19.61
C ASP B 218 -4.12 -5.37 18.75
N VAL B 219 -2.90 -5.55 19.28
CA VAL B 219 -1.97 -6.53 18.72
C VAL B 219 -2.08 -7.58 19.78
N LEU B 220 -2.41 -8.80 19.35
CA LEU B 220 -2.49 -9.95 20.27
C LEU B 220 -1.23 -10.74 20.13
N VAL B 221 -0.71 -11.22 21.25
CA VAL B 221 0.37 -12.19 21.29
C VAL B 221 -0.27 -13.54 21.58
N ARG B 222 -0.17 -14.47 20.64
CA ARG B 222 -0.79 -15.79 20.80
C ARG B 222 0.28 -16.86 21.05
N ARG B 223 -0.08 -17.87 21.85
CA ARG B 223 0.75 -19.07 22.10
C ARG B 223 -0.08 -20.32 21.89
N SER B 224 0.49 -21.25 21.15
CA SER B 224 -0.10 -22.51 20.89
C SER B 224 1.08 -23.49 20.74
N GLY B 225 0.79 -24.80 20.63
CA GLY B 225 1.81 -25.82 20.46
C GLY B 225 2.03 -26.04 18.99
N ALA B 226 2.04 -27.30 18.55
CA ALA B 226 2.29 -27.63 17.14
C ALA B 226 1.23 -27.12 16.17
N VAL B 227 -0.02 -27.11 16.63
CA VAL B 227 -1.16 -26.80 15.78
C VAL B 227 -1.81 -25.46 16.20
N ALA B 228 -1.99 -24.58 15.20
CA ALA B 228 -2.67 -23.30 15.40
C ALA B 228 -4.13 -23.41 14.97
N LEU B 229 -5.03 -22.95 15.83
CA LEU B 229 -6.47 -22.92 15.53
C LEU B 229 -6.86 -21.55 14.99
N ARG B 230 -7.54 -21.52 13.85
CA ARG B 230 -7.82 -20.23 13.26
C ARG B 230 -9.20 -20.18 12.58
N SER B 231 -9.80 -18.97 12.54
CA SER B 231 -11.00 -18.71 11.74
C SER B 231 -12.17 -19.70 12.04
N ALA B 232 -12.38 -19.96 13.33
CA ALA B 232 -13.45 -20.82 13.80
C ALA B 232 -14.74 -20.05 13.72
N HIS B 233 -15.77 -20.67 13.16
CA HIS B 233 -17.04 -19.98 13.00
C HIS B 233 -18.19 -20.92 12.86
N VAL B 234 -19.39 -20.35 12.84
CA VAL B 234 -20.59 -21.17 12.77
C VAL B 234 -21.52 -20.70 11.66
N ILE B 235 -21.68 -21.52 10.63
CA ILE B 235 -22.75 -21.29 9.68
C ILE B 235 -24.07 -21.71 10.33
N GLN B 236 -25.05 -20.81 10.29
CA GLN B 236 -26.29 -20.94 11.06
C GLN B 236 -27.48 -20.68 10.12
N LYS B 237 -28.37 -21.65 9.97
CA LYS B 237 -29.56 -21.55 9.09
C LYS B 237 -30.83 -21.83 9.88
N LEU B 238 -31.77 -20.89 9.90
CA LEU B 238 -33.04 -21.07 10.60
C LEU B 238 -34.16 -21.37 9.58
N ASN B 239 -35.09 -22.28 9.92
CA ASN B 239 -36.30 -22.46 9.11
C ASN B 239 -37.24 -21.24 9.23
N SER B 240 -38.21 -21.12 8.33
CA SER B 240 -39.11 -19.95 8.32
C SER B 240 -40.08 -19.91 9.50
N ALA B 241 -40.32 -21.07 10.14
CA ALA B 241 -41.15 -21.14 11.34
C ALA B 241 -40.38 -20.62 12.56
N LEU B 242 -39.06 -20.59 12.42
CA LEU B 242 -38.09 -20.10 13.42
C LEU B 242 -37.97 -21.00 14.63
N ASP B 243 -38.30 -22.28 14.48
CA ASP B 243 -38.31 -23.24 15.60
C ASP B 243 -37.26 -24.37 15.45
N HIS B 244 -36.50 -24.33 14.37
CA HIS B 244 -35.42 -25.27 14.17
C HIS B 244 -34.30 -24.54 13.43
N ALA B 245 -33.08 -24.67 13.93
CA ALA B 245 -31.92 -24.17 13.23
C ALA B 245 -30.90 -25.27 13.00
N ASP B 246 -30.21 -25.16 11.86
CA ASP B 246 -29.01 -25.94 11.57
C ASP B 246 -27.67 -25.17 11.66
N LEU B 247 -26.71 -25.81 12.33
CA LEU B 247 -25.44 -25.22 12.67
C LEU B 247 -24.36 -26.06 12.02
N THR B 248 -23.52 -25.40 11.20
CA THR B 248 -22.32 -26.02 10.64
C THR B 248 -21.06 -25.34 11.19
N VAL B 249 -20.35 -26.01 12.09
CA VAL B 249 -19.11 -25.45 12.64
C VAL B 249 -17.98 -25.68 11.65
N LYS B 250 -17.14 -24.67 11.45
CA LYS B 250 -15.97 -24.77 10.58
C LYS B 250 -14.82 -24.07 11.29
N ALA B 251 -13.64 -24.69 11.30
CA ALA B 251 -12.44 -24.08 11.88
C ALA B 251 -11.18 -24.59 11.18
N ASP B 252 -10.20 -23.71 11.04
CA ASP B 252 -8.96 -24.09 10.37
C ASP B 252 -7.95 -24.59 11.40
N VAL B 253 -7.26 -25.67 11.06
CA VAL B 253 -6.09 -26.15 11.83
C VAL B 253 -4.80 -26.07 10.97
N ARG B 254 -3.72 -25.52 11.55
CA ARG B 254 -2.46 -25.34 10.83
C ARG B 254 -1.32 -25.93 11.63
N ASN B 255 -0.60 -26.87 11.00
CA ASN B 255 0.51 -27.58 11.64
C ASN B 255 1.81 -26.86 11.34
N ASP B 256 2.22 -26.02 12.27
CA ASP B 256 3.42 -25.20 12.12
C ASP B 256 4.70 -25.87 12.63
N SER B 257 4.62 -27.17 12.99
CA SER B 257 5.80 -27.90 13.46
C SER B 257 6.48 -28.62 12.30
N ALA B 258 7.61 -29.24 12.61
CA ALA B 258 8.48 -29.89 11.62
C ALA B 258 8.04 -31.31 11.23
N ASN B 259 7.02 -31.84 11.93
CA ASN B 259 6.53 -33.22 11.73
C ASN B 259 5.02 -33.32 11.54
N ALA B 260 4.59 -34.37 10.84
CA ALA B 260 3.17 -34.76 10.74
C ALA B 260 2.52 -34.99 12.10
N VAL B 261 1.26 -34.58 12.24
CA VAL B 261 0.47 -34.78 13.47
C VAL B 261 -0.94 -35.21 13.10
N GLN B 262 -1.63 -35.72 14.13
CA GLN B 262 -3.06 -35.98 14.08
C GLN B 262 -3.54 -34.97 15.15
N THR B 263 -4.55 -34.17 14.82
CA THR B 263 -5.13 -33.26 15.82
C THR B 263 -6.65 -33.52 16.00
N THR B 264 -7.12 -33.36 17.24
CA THR B 264 -8.55 -33.42 17.53
C THR B 264 -9.09 -32.04 17.86
N VAL B 265 -10.06 -31.59 17.06
CA VAL B 265 -10.79 -30.35 17.28
C VAL B 265 -12.12 -30.66 17.96
N ALA B 266 -12.26 -30.26 19.22
CA ALA B 266 -13.44 -30.60 19.98
C ALA B 266 -13.89 -29.51 20.92
N GLY B 267 -15.18 -29.47 21.18
CA GLY B 267 -15.78 -28.72 22.30
C GLY B 267 -17.29 -28.69 22.13
N THR B 268 -17.89 -27.51 22.26
CA THR B 268 -19.35 -27.38 22.18
C THR B 268 -19.74 -26.23 21.24
N VAL B 269 -20.91 -26.39 20.62
CA VAL B 269 -21.58 -25.32 19.91
C VAL B 269 -23.00 -25.29 20.43
N ALA B 270 -23.40 -24.13 20.96
CA ALA B 270 -24.72 -24.01 21.59
C ALA B 270 -24.98 -25.10 22.67
N GLY B 271 -23.92 -25.50 23.37
CA GLY B 271 -24.02 -26.49 24.44
C GLY B 271 -23.99 -27.95 23.99
N LYS B 272 -23.88 -28.15 22.67
CA LYS B 272 -23.91 -29.49 22.08
C LYS B 272 -22.49 -29.93 21.76
N PRO B 273 -22.13 -31.19 22.14
CA PRO B 273 -20.74 -31.56 21.96
C PRO B 273 -20.40 -31.92 20.52
N ILE B 274 -19.19 -31.55 20.10
CA ILE B 274 -18.69 -31.80 18.75
C ILE B 274 -17.22 -32.22 18.86
N SER B 275 -16.79 -33.04 17.93
CA SER B 275 -15.40 -33.53 17.90
C SER B 275 -15.04 -34.10 16.53
N GLN B 276 -13.98 -33.57 15.93
CA GLN B 276 -13.43 -34.16 14.71
C GLN B 276 -11.93 -34.37 14.85
N THR B 277 -11.41 -35.40 14.19
CA THR B 277 -9.99 -35.71 14.23
C THR B 277 -9.42 -35.72 12.84
N VAL B 278 -8.36 -34.95 12.61
CA VAL B 278 -7.72 -34.89 11.29
C VAL B 278 -6.21 -35.01 11.38
N SER B 279 -5.62 -35.51 10.30
CA SER B 279 -4.18 -35.59 10.15
C SER B 279 -3.68 -34.36 9.39
N LEU B 280 -2.51 -33.86 9.81
CA LEU B 280 -1.88 -32.67 9.22
C LEU B 280 -0.42 -32.95 8.93
N ALA B 281 -0.04 -32.94 7.65
CA ALA B 281 1.37 -33.02 7.25
C ALA B 281 2.07 -31.82 7.86
N ALA B 282 3.39 -31.87 7.95
CA ALA B 282 4.17 -30.73 8.44
C ALA B 282 3.85 -29.52 7.55
N LYS B 283 3.48 -28.40 8.20
CA LYS B 283 3.16 -27.16 7.47
C LYS B 283 1.80 -27.18 6.74
N GLU B 284 1.00 -28.22 6.97
CA GLU B 284 -0.33 -28.28 6.34
C GLU B 284 -1.37 -27.48 7.13
N ARG B 285 -2.28 -26.90 6.37
CA ARG B 285 -3.44 -26.23 6.93
C ARG B 285 -4.68 -26.87 6.30
N LYS B 286 -5.66 -27.15 7.15
CA LYS B 286 -6.93 -27.71 6.72
C LYS B 286 -8.08 -26.92 7.34
N THR B 287 -9.17 -26.76 6.57
CA THR B 287 -10.48 -26.42 7.09
C THR B 287 -11.26 -27.67 7.51
N VAL B 288 -11.68 -27.70 8.77
CA VAL B 288 -12.51 -28.75 9.35
C VAL B 288 -13.98 -28.29 9.34
N THR B 289 -14.84 -29.06 8.66
CA THR B 289 -16.27 -28.91 8.71
C THR B 289 -16.82 -29.98 9.67
N PHE B 290 -17.55 -29.57 10.70
CA PHE B 290 -18.20 -30.54 11.57
C PHE B 290 -19.52 -31.03 10.95
N PRO B 291 -19.92 -32.29 11.24
CA PRO B 291 -21.25 -32.70 10.84
C PRO B 291 -22.29 -31.71 11.38
N LEU B 292 -23.33 -31.49 10.59
CA LEU B 292 -24.46 -30.66 10.97
C LEU B 292 -24.95 -30.93 12.40
N VAL B 293 -25.20 -29.84 13.14
CA VAL B 293 -25.79 -29.91 14.46
C VAL B 293 -27.19 -29.31 14.39
N GLY B 294 -28.19 -30.11 14.76
CA GLY B 294 -29.57 -29.64 14.89
C GLY B 294 -29.88 -28.95 16.22
N LEU B 295 -30.69 -27.90 16.13
CA LEU B 295 -31.11 -27.13 17.30
C LEU B 295 -32.61 -26.87 17.28
N ASP B 296 -33.33 -27.48 18.21
CA ASP B 296 -34.77 -27.28 18.36
C ASP B 296 -35.13 -26.09 19.22
N ARG B 297 -36.18 -25.40 18.80
CA ARG B 297 -36.63 -24.15 19.44
C ARG B 297 -35.45 -23.29 19.96
N PRO B 298 -34.57 -22.86 19.04
CA PRO B 298 -33.40 -22.08 19.44
C PRO B 298 -33.83 -20.72 20.02
N ASN B 299 -33.05 -20.16 20.93
CA ASN B 299 -33.24 -18.76 21.32
C ASN B 299 -32.81 -17.83 20.17
N VAL B 300 -33.80 -17.47 19.35
CA VAL B 300 -33.61 -16.60 18.17
C VAL B 300 -33.26 -15.18 18.63
N TRP B 301 -32.25 -14.61 17.99
CA TRP B 301 -31.82 -13.23 18.23
C TRP B 301 -32.74 -12.32 17.42
N TRP B 302 -33.23 -11.25 18.09
CA TRP B 302 -34.11 -10.24 17.45
C TRP B 302 -33.56 -8.82 17.57
N PRO B 303 -33.97 -7.91 16.65
CA PRO B 303 -33.75 -6.48 16.93
C PRO B 303 -34.39 -6.06 18.26
N ALA B 304 -33.85 -5.02 18.90
CA ALA B 304 -34.47 -4.48 20.15
C ALA B 304 -35.96 -4.23 19.94
N GLY B 305 -36.76 -4.61 20.93
CA GLY B 305 -38.20 -4.43 20.86
C GLY B 305 -38.95 -5.58 20.24
N MET B 306 -38.26 -6.50 19.56
CA MET B 306 -38.96 -7.59 18.85
C MET B 306 -38.82 -8.96 19.52
N GLY B 307 -38.02 -9.00 20.58
CA GLY B 307 -37.71 -10.21 21.28
C GLY B 307 -36.39 -10.06 21.99
N GLY B 308 -35.76 -11.19 22.35
CA GLY B 308 -34.45 -11.19 23.00
C GLY B 308 -33.27 -11.10 22.07
N GLN B 309 -32.11 -10.97 22.68
CA GLN B 309 -30.85 -10.71 22.00
C GLN B 309 -29.79 -11.80 22.35
N HIS B 310 -30.28 -13.04 22.50
CA HIS B 310 -29.44 -14.16 22.89
C HIS B 310 -28.40 -14.45 21.83
N ARG B 311 -27.18 -14.68 22.30
CA ARG B 311 -26.12 -15.22 21.49
C ARG B 311 -25.66 -16.51 22.11
N TYR B 312 -25.42 -17.51 21.26
CA TYR B 312 -24.74 -18.76 21.66
C TYR B 312 -23.20 -18.69 21.63
N ASP B 313 -22.57 -19.63 22.34
CA ASP B 313 -21.10 -19.82 22.33
C ASP B 313 -20.61 -20.96 21.45
N LEU B 314 -19.53 -20.69 20.74
CA LEU B 314 -18.70 -21.74 20.15
C LEU B 314 -17.43 -21.84 20.96
N ASP B 315 -17.13 -23.05 21.43
CA ASP B 315 -15.95 -23.26 22.24
C ASP B 315 -15.17 -24.49 21.74
N LEU B 316 -13.94 -24.25 21.31
CA LEU B 316 -13.16 -25.24 20.62
C LEU B 316 -11.76 -25.31 21.19
N THR B 317 -11.23 -26.53 21.19
CA THR B 317 -9.83 -26.77 21.49
C THR B 317 -9.33 -27.71 20.39
N ALA B 318 -8.13 -27.40 19.86
CA ALA B 318 -7.36 -28.32 19.02
C ALA B 318 -6.28 -28.98 19.90
N SER B 319 -6.31 -30.33 19.98
CA SER B 319 -5.35 -31.10 20.77
C SER B 319 -4.45 -31.97 19.91
N VAL B 320 -3.21 -32.15 20.35
CA VAL B 320 -2.26 -33.11 19.75
C VAL B 320 -1.63 -33.89 20.90
N GLY B 321 -1.51 -35.20 20.73
CA GLY B 321 -1.04 -36.09 21.79
C GLY B 321 -1.87 -36.05 23.07
N GLY B 322 -3.13 -35.65 22.97
CA GLY B 322 -3.99 -35.60 24.14
C GLY B 322 -3.77 -34.40 25.05
N THR B 323 -2.91 -33.47 24.66
CA THR B 323 -2.86 -32.18 25.35
C THR B 323 -3.23 -31.04 24.38
N PRO B 324 -3.87 -29.96 24.91
CA PRO B 324 -4.37 -28.86 24.09
C PRO B 324 -3.20 -28.11 23.47
N SER B 325 -3.25 -27.91 22.15
CA SER B 325 -2.32 -27.07 21.43
C SER B 325 -2.86 -25.61 21.35
N ASP B 326 -4.12 -25.46 20.92
CA ASP B 326 -4.74 -24.13 20.82
C ASP B 326 -6.24 -24.18 21.13
N ALA B 327 -6.86 -23.02 21.37
CA ALA B 327 -8.24 -22.92 21.79
C ALA B 327 -8.85 -21.64 21.24
N ALA B 328 -10.16 -21.63 21.00
CA ALA B 328 -10.87 -20.40 20.64
C ALA B 328 -12.32 -20.42 21.09
N LYS B 329 -12.74 -19.36 21.78
CA LYS B 329 -14.14 -19.12 22.11
C LYS B 329 -14.71 -17.95 21.27
N SER B 330 -15.91 -18.14 20.76
CA SER B 330 -16.60 -17.07 20.03
C SER B 330 -18.10 -17.14 20.32
N LYS B 331 -18.84 -16.14 19.84
CA LYS B 331 -20.28 -16.12 19.94
C LYS B 331 -20.94 -16.03 18.56
N PHE B 332 -22.23 -16.35 18.50
CA PHE B 332 -22.99 -16.23 17.25
C PHE B 332 -24.45 -16.11 17.62
N GLY B 333 -25.21 -15.45 16.75
CA GLY B 333 -26.63 -15.43 16.92
C GLY B 333 -27.36 -16.22 15.88
N VAL B 334 -28.51 -16.76 16.29
CA VAL B 334 -29.43 -17.45 15.41
C VAL B 334 -30.56 -16.49 14.95
N ARG B 335 -30.48 -16.06 13.70
CA ARG B 335 -31.17 -14.88 13.19
C ARG B 335 -31.07 -15.13 11.69
N ASP B 336 -32.14 -14.88 10.93
CA ASP B 336 -32.05 -14.78 9.47
C ASP B 336 -32.22 -13.30 9.03
N VAL B 337 -31.50 -12.89 8.00
CA VAL B 337 -31.74 -11.57 7.36
C VAL B 337 -31.78 -11.66 5.82
N LYS B 338 -32.71 -10.89 5.23
CA LYS B 338 -32.78 -10.68 3.78
C LYS B 338 -32.83 -9.18 3.46
N ALA B 339 -32.27 -8.82 2.31
CA ALA B 339 -32.39 -7.47 1.75
C ALA B 339 -32.66 -7.62 0.25
N THR B 340 -33.90 -7.45 -0.14
CA THR B 340 -34.25 -7.70 -1.54
C THR B 340 -34.85 -6.45 -2.16
N LEU B 341 -34.84 -6.38 -3.49
CA LEU B 341 -35.48 -5.28 -4.20
C LEU B 341 -36.99 -5.53 -4.28
N ASN B 342 -37.79 -4.53 -3.92
CA ASN B 342 -39.26 -4.68 -3.98
C ASN B 342 -39.76 -4.42 -5.44
N SER B 343 -41.07 -4.55 -5.71
CA SER B 343 -41.60 -4.35 -7.06
C SER B 343 -41.31 -2.94 -7.61
N SER B 344 -40.94 -2.02 -6.72
CA SER B 344 -40.67 -0.62 -7.10
C SER B 344 -39.17 -0.30 -7.25
N GLY B 345 -38.31 -1.31 -7.08
CA GLY B 345 -36.86 -1.08 -7.10
C GLY B 345 -36.21 -0.61 -5.79
N GLY B 346 -36.96 -0.62 -4.70
CA GLY B 346 -36.41 -0.26 -3.39
C GLY B 346 -35.91 -1.46 -2.59
N ARG B 347 -34.71 -1.31 -2.00
CA ARG B 347 -34.11 -2.28 -1.09
C ARG B 347 -34.90 -2.42 0.22
N GLN B 348 -35.39 -3.64 0.46
CA GLN B 348 -36.25 -3.95 1.59
C GLN B 348 -35.60 -5.01 2.46
N TYR B 349 -35.23 -4.63 3.68
CA TYR B 349 -34.69 -5.54 4.66
C TYR B 349 -35.80 -6.26 5.44
N SER B 350 -35.49 -7.50 5.84
CA SER B 350 -36.31 -8.28 6.75
C SER B 350 -35.41 -9.05 7.71
N VAL B 351 -35.84 -9.16 8.96
CA VAL B 351 -35.11 -9.97 9.92
C VAL B 351 -36.06 -11.09 10.41
N ASN B 352 -35.60 -12.34 10.30
CA ASN B 352 -36.40 -13.52 10.69
C ASN B 352 -37.77 -13.51 10.02
N GLY B 353 -37.80 -13.11 8.74
CA GLY B 353 -39.03 -13.03 7.93
C GLY B 353 -39.92 -11.83 8.25
N LYS B 354 -39.49 -10.93 9.13
CA LYS B 354 -40.27 -9.70 9.41
C LYS B 354 -39.67 -8.53 8.63
N PRO B 355 -40.43 -7.98 7.64
CA PRO B 355 -39.92 -6.75 7.01
C PRO B 355 -39.90 -5.59 8.02
N LEU B 356 -38.93 -4.71 7.82
CA LEU B 356 -38.71 -3.57 8.67
C LEU B 356 -38.42 -2.33 7.82
N LEU B 357 -38.94 -1.18 8.24
CA LEU B 357 -38.38 0.10 7.80
C LEU B 357 -37.08 0.34 8.59
N ILE B 358 -35.96 0.47 7.88
CA ILE B 358 -34.70 0.90 8.51
C ILE B 358 -34.84 2.35 8.90
N ARG B 359 -34.69 2.62 10.19
CA ARG B 359 -34.70 3.99 10.70
C ARG B 359 -33.41 4.13 11.50
N GLY B 360 -32.47 4.89 10.97
CA GLY B 360 -31.19 4.98 11.65
C GLY B 360 -30.45 6.27 11.41
N GLY B 361 -29.15 6.22 11.72
CA GLY B 361 -28.25 7.32 11.47
C GLY B 361 -26.89 6.78 11.04
N GLY B 362 -26.13 7.62 10.34
CA GLY B 362 -24.71 7.39 10.07
C GLY B 362 -23.86 7.57 11.32
N TYR B 363 -23.19 6.48 11.70
CA TYR B 363 -22.29 6.45 12.84
C TYR B 363 -20.85 6.74 12.43
N THR B 364 -20.18 7.51 13.27
CA THR B 364 -18.77 7.70 13.16
C THR B 364 -18.04 7.48 14.49
N PRO B 365 -16.81 6.93 14.42
CA PRO B 365 -15.95 6.95 15.59
C PRO B 365 -15.41 8.35 15.82
N ASP B 366 -14.62 8.47 16.88
CA ASP B 366 -13.92 9.67 17.25
C ASP B 366 -12.90 10.10 16.16
N LEU B 367 -12.66 11.41 16.02
CA LEU B 367 -11.85 11.93 14.91
C LEU B 367 -10.41 11.39 14.90
N PHE B 368 -9.91 11.09 16.11
CA PHE B 368 -8.57 10.56 16.32
C PHE B 368 -8.60 9.07 16.65
N LEU B 369 -9.76 8.46 16.37
CA LEU B 369 -10.04 7.03 16.58
C LEU B 369 -9.69 6.55 17.98
N ARG B 370 -9.94 7.41 18.98
CA ARG B 370 -9.77 7.05 20.39
C ARG B 370 -10.89 6.11 20.86
N TRP B 371 -10.48 4.94 21.38
CA TRP B 371 -11.42 3.87 21.73
C TRP B 371 -11.70 3.86 23.23
N ASN B 372 -12.96 3.70 23.56
CA ASN B 372 -13.37 3.51 24.94
C ASN B 372 -14.63 2.69 24.85
N GLU B 373 -14.59 1.47 25.40
CA GLU B 373 -15.72 0.55 25.33
C GLU B 373 -17.01 1.09 26.01
N THR B 374 -16.89 1.71 27.17
CA THR B 374 -18.01 2.42 27.79
C THR B 374 -18.65 3.50 26.88
N ALA B 375 -17.83 4.34 26.25
CA ALA B 375 -18.34 5.39 25.35
C ALA B 375 -19.08 4.79 24.17
N ALA B 376 -18.56 3.68 23.65
CA ALA B 376 -19.22 2.90 22.58
C ALA B 376 -20.59 2.39 22.99
N ALA B 377 -20.69 1.80 24.18
CA ALA B 377 -22.00 1.37 24.71
C ALA B 377 -22.94 2.57 24.93
N ASP B 378 -22.44 3.68 25.48
CA ASP B 378 -23.25 4.88 25.69
C ASP B 378 -23.84 5.37 24.37
N LYS B 379 -23.00 5.34 23.33
CA LYS B 379 -23.41 5.80 21.99
C LYS B 379 -24.45 4.88 21.38
N LEU B 380 -24.21 3.56 21.50
CA LEU B 380 -25.17 2.59 21.04
C LEU B 380 -26.49 2.60 21.85
N LYS B 381 -26.42 2.82 23.15
CA LYS B 381 -27.64 3.05 23.98
C LYS B 381 -28.47 4.28 23.55
N TYR B 382 -27.80 5.34 23.08
CA TYR B 382 -28.49 6.53 22.54
C TYR B 382 -29.37 6.22 21.32
N VAL B 383 -28.89 5.36 20.43
CA VAL B 383 -29.65 4.87 19.27
C VAL B 383 -31.04 4.42 19.70
N LEU B 384 -31.05 3.59 20.73
CA LEU B 384 -32.27 3.09 21.34
C LEU B 384 -33.04 4.14 22.12
N ASN B 385 -32.40 5.06 22.82
CA ASN B 385 -33.10 6.18 23.46
C ASN B 385 -33.84 7.06 22.43
N LEU B 386 -33.22 7.23 21.27
CA LEU B 386 -33.82 7.91 20.08
C LEU B 386 -35.02 7.15 19.42
N GLY B 387 -35.17 5.86 19.75
CA GLY B 387 -36.09 4.96 19.08
C GLY B 387 -35.67 4.45 17.71
N LEU B 388 -34.41 4.64 17.35
CA LEU B 388 -33.91 4.13 16.05
C LEU B 388 -33.63 2.63 16.14
N ASN B 389 -33.56 1.96 14.99
CA ASN B 389 -33.26 0.53 14.94
C ASN B 389 -31.89 0.18 14.34
N THR B 390 -31.19 1.17 13.79
CA THR B 390 -30.02 0.87 12.93
C THR B 390 -28.94 1.96 12.94
N VAL B 391 -27.66 1.55 12.85
CA VAL B 391 -26.58 2.47 12.46
C VAL B 391 -25.92 2.00 11.18
N ARG B 392 -25.59 2.96 10.32
CA ARG B 392 -24.78 2.69 9.17
C ARG B 392 -23.35 3.13 9.51
N LEU B 393 -22.38 2.30 9.08
CA LEU B 393 -20.97 2.65 9.19
C LEU B 393 -20.43 2.80 7.76
N GLU B 394 -20.28 4.04 7.31
CA GLU B 394 -19.57 4.24 6.06
C GLU B 394 -18.06 4.26 6.33
N GLY B 395 -17.40 3.12 6.14
CA GLY B 395 -15.99 2.93 6.49
C GLY B 395 -15.79 3.02 8.01
N HIS B 396 -14.56 3.24 8.44
CA HIS B 396 -14.26 3.49 9.86
C HIS B 396 -14.83 2.35 10.69
N ILE B 397 -14.80 1.15 10.14
CA ILE B 397 -15.47 0.00 10.77
C ILE B 397 -14.83 -0.34 12.14
N GLU B 398 -15.67 -0.23 13.18
CA GLU B 398 -15.24 -0.24 14.57
C GLU B 398 -14.69 -1.60 14.99
N PRO B 399 -13.83 -1.63 16.04
CA PRO B 399 -13.35 -2.84 16.73
C PRO B 399 -14.51 -3.77 17.16
N ASP B 400 -14.17 -5.04 17.44
CA ASP B 400 -15.09 -6.17 17.66
C ASP B 400 -16.10 -5.84 18.74
N GLU B 401 -15.63 -5.20 19.81
CA GLU B 401 -16.47 -4.90 20.98
C GLU B 401 -17.70 -4.05 20.59
N PHE B 402 -17.55 -3.17 19.61
CA PHE B 402 -18.67 -2.32 19.15
C PHE B 402 -19.80 -3.20 18.65
N PHE B 403 -19.44 -4.27 17.93
CA PHE B 403 -20.43 -5.17 17.36
C PHE B 403 -21.00 -6.12 18.41
N ASP B 404 -20.20 -6.46 19.42
CA ASP B 404 -20.70 -7.19 20.59
C ASP B 404 -21.79 -6.41 21.29
N ILE B 405 -21.56 -5.11 21.47
CA ILE B 405 -22.52 -4.24 22.17
C ILE B 405 -23.81 -4.10 21.35
N ALA B 406 -23.67 -3.82 20.05
CA ALA B 406 -24.84 -3.80 19.11
C ALA B 406 -25.66 -5.09 19.17
N ASP B 407 -24.96 -6.23 19.19
CA ASP B 407 -25.56 -7.56 19.33
C ASP B 407 -26.38 -7.64 20.64
N ASP B 408 -25.71 -7.39 21.77
CA ASP B 408 -26.35 -7.38 23.10
C ASP B 408 -27.54 -6.43 23.20
N LEU B 409 -27.43 -5.27 22.57
CA LEU B 409 -28.48 -4.27 22.65
C LEU B 409 -29.57 -4.49 21.60
N GLY B 410 -29.31 -5.29 20.57
CA GLY B 410 -30.27 -5.44 19.47
C GLY B 410 -30.29 -4.27 18.46
N VAL B 411 -29.16 -3.59 18.29
CA VAL B 411 -29.08 -2.47 17.32
C VAL B 411 -28.58 -3.08 16.01
N LEU B 412 -29.30 -2.86 14.90
CA LEU B 412 -28.82 -3.38 13.61
C LEU B 412 -27.69 -2.52 13.11
N THR B 413 -26.72 -3.11 12.41
CA THR B 413 -25.60 -2.34 11.88
C THR B 413 -25.46 -2.58 10.36
N MET B 414 -25.13 -1.51 9.62
CA MET B 414 -24.84 -1.61 8.19
C MET B 414 -23.39 -1.21 7.89
N PRO B 415 -22.41 -2.11 8.10
CA PRO B 415 -21.02 -1.75 7.74
C PRO B 415 -20.79 -1.72 6.20
N GLY B 416 -19.69 -1.10 5.77
CA GLY B 416 -19.27 -1.13 4.37
C GLY B 416 -18.11 -0.19 4.17
N TRP B 417 -17.61 -0.14 2.93
CA TRP B 417 -16.53 0.74 2.54
C TRP B 417 -17.05 2.18 2.38
N GLU B 418 -16.14 3.16 2.45
CA GLU B 418 -16.47 4.60 2.27
C GLU B 418 -16.18 5.11 0.85
N CYS B 419 -16.76 6.27 0.55
CA CYS B 419 -16.60 6.92 -0.75
C CYS B 419 -15.40 7.82 -0.69
N CYS B 420 -15.09 8.42 -1.84
CA CYS B 420 -14.42 9.70 -1.94
C CYS B 420 -12.95 9.67 -1.58
N ASP B 421 -12.36 8.49 -1.68
CA ASP B 421 -10.93 8.36 -1.36
C ASP B 421 -10.40 7.09 -2.01
N LYS B 422 -9.34 6.48 -1.50
CA LYS B 422 -8.73 5.33 -2.22
C LYS B 422 -9.71 4.17 -2.57
N TRP B 423 -10.60 3.82 -1.66
CA TRP B 423 -11.52 2.69 -1.85
C TRP B 423 -12.29 2.78 -3.18
N GLU B 424 -12.70 3.99 -3.58
CA GLU B 424 -13.42 4.19 -4.84
C GLU B 424 -12.55 4.81 -5.95
N GLY B 425 -11.25 4.93 -5.73
CA GLY B 425 -10.31 5.55 -6.67
C GLY B 425 -10.24 5.00 -8.10
N GLN B 426 -10.45 3.70 -8.24
CA GLN B 426 -10.45 3.01 -9.52
C GLN B 426 -11.75 3.22 -10.31
N VAL B 427 -12.80 3.72 -9.65
CA VAL B 427 -14.10 3.86 -10.27
C VAL B 427 -14.63 5.30 -10.16
N ASN B 428 -14.01 6.13 -9.30
CA ASN B 428 -14.67 7.41 -8.98
C ASN B 428 -14.33 8.65 -9.84
N GLY B 429 -13.59 8.48 -10.93
CA GLY B 429 -13.32 9.64 -11.83
C GLY B 429 -12.48 10.75 -11.22
N GLU B 430 -12.93 12.00 -11.27
CA GLU B 430 -12.09 13.09 -10.77
C GLU B 430 -12.16 13.30 -9.25
N GLU B 431 -13.08 12.59 -8.59
CA GLU B 431 -13.24 12.69 -7.14
C GLU B 431 -11.93 12.29 -6.47
N LYS B 432 -11.67 12.75 -5.25
CA LYS B 432 -10.48 12.31 -4.51
C LYS B 432 -10.38 10.79 -4.47
N GLY B 433 -9.15 10.30 -4.45
CA GLY B 433 -8.88 8.86 -4.35
C GLY B 433 -8.13 8.42 -5.58
N GLU B 434 -6.98 7.77 -5.43
CA GLU B 434 -6.14 7.46 -6.60
C GLU B 434 -6.48 6.14 -7.32
N PRO B 435 -6.30 6.09 -8.68
CA PRO B 435 -6.49 4.89 -9.53
C PRO B 435 -5.72 3.73 -8.96
N TRP B 436 -6.24 2.51 -9.07
CA TRP B 436 -5.54 1.38 -8.44
C TRP B 436 -4.36 0.89 -9.30
N VAL B 437 -3.27 0.50 -8.66
CA VAL B 437 -2.15 -0.19 -9.30
C VAL B 437 -2.23 -1.67 -8.88
N GLU B 438 -1.47 -2.56 -9.53
CA GLU B 438 -1.64 -4.00 -9.26
C GLU B 438 -1.58 -4.42 -7.77
N SER B 439 -0.77 -3.75 -6.97
CA SER B 439 -0.60 -4.11 -5.57
C SER B 439 -1.83 -3.76 -4.71
N ASP B 440 -2.70 -2.89 -5.22
CA ASP B 440 -3.92 -2.47 -4.49
C ASP B 440 -4.94 -3.59 -4.40
N TYR B 441 -5.01 -4.40 -5.47
CA TYR B 441 -6.03 -5.41 -5.60
C TYR B 441 -6.00 -6.53 -4.52
N PRO B 442 -4.81 -7.13 -4.26
CA PRO B 442 -4.74 -8.10 -3.14
C PRO B 442 -4.97 -7.48 -1.75
N ILE B 443 -4.57 -6.23 -1.53
CA ILE B 443 -4.85 -5.54 -0.25
C ILE B 443 -6.35 -5.34 -0.01
N ALA B 444 -7.06 -4.88 -1.04
CA ALA B 444 -8.51 -4.69 -0.96
C ALA B 444 -9.25 -6.00 -0.71
N LYS B 445 -8.85 -7.06 -1.41
CA LYS B 445 -9.51 -8.37 -1.28
C LYS B 445 -9.23 -9.00 0.10
N ALA B 446 -8.00 -8.89 0.57
CA ALA B 446 -7.63 -9.33 1.93
C ALA B 446 -8.34 -8.50 3.04
N SER B 447 -8.45 -7.17 2.81
CA SER B 447 -9.35 -6.31 3.61
C SER B 447 -10.81 -6.84 3.74
N MET B 448 -11.42 -7.16 2.61
CA MET B 448 -12.73 -7.75 2.58
C MET B 448 -12.77 -9.10 3.30
N PHE B 449 -11.77 -9.95 3.04
CA PHE B 449 -11.75 -11.24 3.70
C PHE B 449 -11.67 -11.08 5.23
N SER B 450 -10.79 -10.18 5.70
CA SER B 450 -10.59 -10.01 7.15
C SER B 450 -11.83 -9.42 7.86
N GLU B 451 -12.45 -8.44 7.23
CA GLU B 451 -13.70 -7.84 7.73
C GLU B 451 -14.85 -8.84 7.70
N ALA B 452 -14.98 -9.60 6.61
CA ALA B 452 -16.01 -10.66 6.51
C ALA B 452 -15.84 -11.72 7.59
N GLU B 453 -14.60 -12.17 7.81
CA GLU B 453 -14.29 -13.12 8.89
C GLU B 453 -14.60 -12.55 10.30
N ARG B 454 -14.31 -11.29 10.51
CA ARG B 454 -14.62 -10.57 11.76
C ARG B 454 -16.15 -10.42 12.02
N LEU B 455 -16.91 -10.16 10.96
CA LEU B 455 -18.30 -9.70 11.10
C LEU B 455 -19.38 -10.76 10.92
N ARG B 456 -19.02 -11.89 10.29
CA ARG B 456 -19.99 -12.92 9.86
C ARG B 456 -20.88 -13.48 10.98
N ASP B 457 -20.38 -13.44 12.22
CA ASP B 457 -21.05 -14.11 13.36
C ASP B 457 -21.66 -13.12 14.37
N HIS B 458 -21.76 -11.86 13.96
CA HIS B 458 -22.44 -10.82 14.76
C HIS B 458 -23.84 -10.66 14.20
N PRO B 459 -24.88 -11.09 14.95
CA PRO B 459 -26.26 -11.00 14.44
C PRO B 459 -26.75 -9.57 14.17
N SER B 460 -26.11 -8.54 14.74
CA SER B 460 -26.49 -7.16 14.48
C SER B 460 -26.24 -6.70 13.01
N VAL B 461 -25.23 -7.28 12.37
CA VAL B 461 -24.85 -6.96 10.99
C VAL B 461 -25.96 -7.45 10.03
N ILE B 462 -26.50 -6.56 9.20
CA ILE B 462 -27.62 -6.93 8.29
C ILE B 462 -27.24 -6.93 6.79
N SER B 463 -26.02 -6.43 6.52
CA SER B 463 -25.50 -6.31 5.16
C SER B 463 -24.05 -5.80 5.16
N PHE B 464 -23.39 -5.91 4.00
CA PHE B 464 -22.12 -5.18 3.75
C PHE B 464 -22.22 -4.38 2.44
N HIS B 465 -21.88 -3.08 2.52
CA HIS B 465 -21.74 -2.22 1.36
C HIS B 465 -20.35 -2.34 0.73
N ILE B 466 -20.32 -2.93 -0.46
CA ILE B 466 -19.03 -3.07 -1.16
C ILE B 466 -18.70 -1.80 -1.92
N GLY B 467 -19.61 -0.83 -1.86
CA GLY B 467 -19.42 0.42 -2.53
C GLY B 467 -20.25 1.46 -1.80
N SER B 468 -19.97 2.71 -2.06
CA SER B 468 -20.72 3.73 -1.38
C SER B 468 -21.56 4.75 -2.15
N ASP B 469 -21.00 5.85 -2.67
CA ASP B 469 -20.94 6.29 -4.07
C ASP B 469 -20.91 5.46 -5.33
N PHE B 470 -19.73 5.24 -5.88
CA PHE B 470 -19.55 4.36 -7.01
C PHE B 470 -19.55 2.90 -6.54
N ALA B 471 -20.30 2.09 -7.27
CA ALA B 471 -20.25 0.65 -7.07
C ALA B 471 -18.91 0.18 -7.66
N PRO B 472 -18.38 -0.97 -7.19
CA PRO B 472 -17.08 -1.38 -7.74
C PRO B 472 -17.23 -1.83 -9.21
N ASP B 473 -16.10 -1.93 -9.91
CA ASP B 473 -16.12 -2.51 -11.25
C ASP B 473 -16.10 -4.05 -11.10
N ARG B 474 -16.14 -4.75 -12.24
CA ARG B 474 -16.22 -6.22 -12.23
C ARG B 474 -15.09 -6.91 -11.49
N ARG B 475 -13.86 -6.44 -11.74
CA ARG B 475 -12.66 -7.02 -11.14
C ARG B 475 -12.66 -6.87 -9.62
N ILE B 476 -12.91 -5.65 -9.16
CA ILE B 476 -12.95 -5.36 -7.73
C ILE B 476 -14.13 -6.07 -7.08
N GLU B 477 -15.28 -6.06 -7.75
CA GLU B 477 -16.48 -6.69 -7.19
C GLU B 477 -16.31 -8.19 -7.08
N GLN B 478 -15.80 -8.81 -8.13
CA GLN B 478 -15.52 -10.24 -8.07
C GLN B 478 -14.54 -10.56 -6.91
N GLY B 479 -13.49 -9.75 -6.74
CA GLY B 479 -12.57 -9.88 -5.60
C GLY B 479 -13.28 -9.92 -4.25
N TYR B 480 -14.19 -8.94 -4.02
CA TYR B 480 -14.96 -8.81 -2.79
C TYR B 480 -15.94 -9.98 -2.61
N LEU B 481 -16.61 -10.37 -3.68
CA LEU B 481 -17.53 -11.50 -3.64
C LEU B 481 -16.79 -12.81 -3.31
N ASP B 482 -15.59 -12.99 -3.89
CA ASP B 482 -14.77 -14.19 -3.65
C ASP B 482 -14.24 -14.26 -2.22
N ALA B 483 -13.80 -13.11 -1.69
CA ALA B 483 -13.37 -12.99 -0.28
C ALA B 483 -14.51 -13.33 0.69
N MET B 484 -15.73 -12.81 0.42
CA MET B 484 -16.87 -13.13 1.26
C MET B 484 -17.26 -14.61 1.15
N LYS B 485 -17.17 -15.17 -0.05
CA LYS B 485 -17.43 -16.60 -0.24
C LYS B 485 -16.45 -17.44 0.57
N ALA B 486 -15.15 -17.15 0.45
CA ALA B 486 -14.11 -17.86 1.24
C ALA B 486 -14.31 -17.70 2.74
N ALA B 487 -14.87 -16.57 3.17
CA ALA B 487 -15.15 -16.30 4.58
C ALA B 487 -16.50 -16.82 5.08
N ASP B 488 -17.29 -17.45 4.19
CA ASP B 488 -18.68 -17.86 4.53
C ASP B 488 -19.50 -16.67 5.05
N PHE B 489 -19.23 -15.48 4.49
CA PHE B 489 -20.02 -14.30 4.79
C PHE B 489 -21.27 -14.40 3.96
N LEU B 490 -22.39 -14.62 4.62
CA LEU B 490 -23.62 -15.00 3.92
C LEU B 490 -24.69 -13.90 3.95
N LEU B 491 -24.31 -12.68 4.39
CA LEU B 491 -25.28 -11.59 4.54
C LEU B 491 -25.46 -10.87 3.22
N PRO B 492 -26.56 -10.08 3.08
CA PRO B 492 -26.76 -9.31 1.84
C PRO B 492 -25.59 -8.36 1.47
N VAL B 493 -25.23 -8.40 0.19
CA VAL B 493 -24.23 -7.53 -0.33
C VAL B 493 -24.95 -6.41 -1.05
N ILE B 494 -24.66 -5.17 -0.67
CA ILE B 494 -25.25 -4.04 -1.37
C ILE B 494 -24.18 -3.32 -2.18
N PRO B 495 -24.38 -3.17 -3.52
CA PRO B 495 -23.34 -2.63 -4.40
C PRO B 495 -22.94 -1.18 -4.15
N ALA B 496 -23.89 -0.34 -3.67
CA ALA B 496 -23.68 1.07 -3.41
C ALA B 496 -24.78 1.56 -2.45
N ALA B 497 -24.55 2.71 -1.82
CA ALA B 497 -25.60 3.42 -1.05
C ALA B 497 -26.30 4.46 -1.94
N SER B 498 -25.67 4.81 -3.06
CA SER B 498 -26.32 5.53 -4.15
C SER B 498 -27.12 4.58 -5.06
N ALA B 499 -27.75 5.15 -6.10
CA ALA B 499 -28.53 4.36 -7.05
C ALA B 499 -27.66 3.67 -8.11
N ARG B 500 -26.35 3.84 -8.00
CA ARG B 500 -25.39 3.19 -8.91
C ARG B 500 -25.36 1.65 -8.78
N PRO B 501 -25.51 0.94 -9.93
CA PRO B 501 -25.39 -0.51 -9.93
C PRO B 501 -23.94 -1.04 -10.06
N SER B 502 -23.70 -2.29 -9.64
CA SER B 502 -22.45 -2.99 -9.89
C SER B 502 -22.69 -3.99 -11.03
N PRO B 503 -21.64 -4.39 -11.77
CA PRO B 503 -21.87 -5.41 -12.82
C PRO B 503 -22.44 -6.76 -12.32
N ILE B 504 -22.02 -7.24 -11.16
CA ILE B 504 -22.42 -8.61 -10.78
C ILE B 504 -23.65 -8.61 -9.89
N THR B 505 -23.54 -7.94 -8.73
CA THR B 505 -24.62 -7.88 -7.77
C THR B 505 -25.86 -7.17 -8.29
N GLY B 506 -25.70 -6.14 -9.12
CA GLY B 506 -26.84 -5.48 -9.74
C GLY B 506 -27.24 -4.14 -9.13
N ALA B 507 -28.53 -3.81 -9.25
CA ALA B 507 -29.15 -2.56 -8.73
C ALA B 507 -28.94 -2.44 -7.21
N SER B 508 -28.69 -1.25 -6.69
CA SER B 508 -28.51 -1.10 -5.24
C SER B 508 -29.84 -1.12 -4.45
N GLY B 509 -30.90 -0.59 -5.06
CA GLY B 509 -32.17 -0.28 -4.36
C GLY B 509 -32.08 0.86 -3.32
N MET B 510 -31.09 1.76 -3.49
CA MET B 510 -30.86 2.86 -2.55
C MET B 510 -30.65 4.12 -3.36
N LYS B 511 -30.62 5.27 -2.70
CA LYS B 511 -30.38 6.55 -3.37
C LYS B 511 -29.57 7.47 -2.45
N MET B 512 -28.68 8.26 -3.05
CA MET B 512 -28.12 9.46 -2.45
C MET B 512 -28.38 10.64 -3.39
N ASN B 513 -29.60 11.17 -3.33
CA ASN B 513 -30.02 12.29 -4.20
C ASN B 513 -29.86 13.66 -3.50
N GLY B 514 -29.27 13.65 -2.30
CA GLY B 514 -29.34 14.81 -1.39
C GLY B 514 -30.68 14.82 -0.66
N PRO B 515 -30.92 15.81 0.21
CA PRO B 515 -30.08 16.94 0.60
C PRO B 515 -29.03 16.64 1.70
N TYR B 516 -28.12 17.59 1.92
CA TYR B 516 -27.14 17.58 3.02
C TYR B 516 -27.16 18.92 3.65
N ASP B 517 -28.05 19.77 3.14
CA ASP B 517 -28.18 21.14 3.65
C ASP B 517 -29.64 21.56 3.63
N TYR B 518 -29.90 22.81 4.00
CA TYR B 518 -31.26 23.17 4.41
C TYR B 518 -32.35 23.01 3.36
N VAL B 519 -33.39 22.26 3.74
CA VAL B 519 -34.65 22.10 2.99
C VAL B 519 -35.76 22.19 4.03
N PRO B 520 -36.94 22.74 3.67
CA PRO B 520 -38.04 22.94 4.61
C PRO B 520 -38.74 21.61 4.93
N PRO B 521 -39.42 21.51 6.09
CA PRO B 521 -39.99 20.20 6.49
C PRO B 521 -40.83 19.47 5.44
N VAL B 522 -41.65 20.20 4.64
CA VAL B 522 -42.47 19.59 3.59
C VAL B 522 -41.67 18.88 2.47
N TYR B 523 -40.42 19.25 2.29
CA TYR B 523 -39.60 18.66 1.23
C TYR B 523 -39.58 17.13 1.35
N TRP B 524 -39.52 16.64 2.59
CA TRP B 524 -39.36 15.22 2.94
C TRP B 524 -40.58 14.40 2.51
N TYR B 525 -41.71 15.09 2.42
CA TYR B 525 -42.98 14.51 2.00
C TYR B 525 -43.15 14.37 0.49
N ASP B 526 -42.19 14.85 -0.29
CA ASP B 526 -42.28 14.75 -1.76
C ASP B 526 -42.06 13.34 -2.30
N LYS B 527 -42.90 12.95 -3.29
CA LYS B 527 -42.71 11.76 -4.08
C LYS B 527 -42.72 12.00 -5.59
N SER B 528 -42.96 13.26 -6.03
CA SER B 528 -42.96 13.66 -7.46
C SER B 528 -41.59 13.78 -8.14
N GLN B 529 -40.57 14.21 -7.40
CA GLN B 529 -39.26 14.47 -7.98
C GLN B 529 -38.39 13.23 -7.88
N LYS B 530 -38.17 12.54 -9.00
CA LYS B 530 -37.37 11.30 -8.99
C LYS B 530 -35.86 11.53 -8.76
N ASP B 531 -35.38 12.77 -8.89
CA ASP B 531 -33.96 13.09 -8.63
C ASP B 531 -33.67 13.64 -7.22
N ARG B 532 -34.65 13.58 -6.32
CA ARG B 532 -34.50 14.27 -5.03
C ARG B 532 -34.68 13.31 -3.87
N GLY B 533 -34.61 13.84 -2.64
CA GLY B 533 -34.53 13.01 -1.46
C GLY B 533 -35.80 12.78 -0.65
N GLY B 534 -36.96 12.83 -1.30
CA GLY B 534 -38.23 12.57 -0.61
C GLY B 534 -38.35 11.15 -0.07
N ALA B 535 -39.35 10.95 0.79
CA ALA B 535 -39.59 9.65 1.44
C ALA B 535 -40.11 8.63 0.44
N TRP B 536 -39.17 7.90 -0.17
CA TRP B 536 -39.46 6.84 -1.12
C TRP B 536 -38.13 6.18 -1.39
N SER B 537 -38.15 4.87 -1.66
CA SER B 537 -36.92 4.08 -1.78
C SER B 537 -36.10 4.15 -0.48
N PHE B 538 -34.82 3.76 -0.55
CA PHE B 538 -33.96 3.68 0.64
C PHE B 538 -33.03 4.88 0.68
N ASN B 539 -33.41 5.86 1.50
CA ASN B 539 -32.58 7.04 1.76
C ASN B 539 -31.36 6.70 2.66
N SER B 540 -30.25 6.35 2.01
CA SER B 540 -29.05 5.83 2.71
C SER B 540 -28.18 6.88 3.44
N ALA B 541 -28.40 8.17 3.18
CA ALA B 541 -27.58 9.19 3.85
C ALA B 541 -28.09 10.58 3.55
N THR B 542 -28.97 11.11 4.41
CA THR B 542 -29.52 12.44 4.12
C THR B 542 -29.91 13.24 5.37
N SER B 543 -29.78 14.56 5.27
CA SER B 543 -30.21 15.46 6.34
C SER B 543 -30.47 16.86 5.79
N ALA B 544 -30.92 17.77 6.67
CA ALA B 544 -31.06 19.22 6.32
C ALA B 544 -29.90 20.07 6.85
N GLY B 545 -28.80 19.40 7.19
CA GLY B 545 -27.49 20.04 7.30
C GLY B 545 -27.09 20.45 8.71
N VAL B 546 -27.13 21.77 8.94
CA VAL B 546 -26.71 22.36 10.20
C VAL B 546 -27.53 21.86 11.41
N ASP B 547 -26.81 21.65 12.51
CA ASP B 547 -27.37 21.08 13.73
C ASP B 547 -26.56 21.71 14.85
N ILE B 548 -26.86 22.97 15.15
CA ILE B 548 -26.24 23.71 16.27
C ILE B 548 -26.46 22.97 17.60
N PRO B 549 -25.39 22.62 18.31
CA PRO B 549 -25.59 21.96 19.60
C PRO B 549 -26.10 22.89 20.72
N THR B 550 -26.37 22.31 21.88
CA THR B 550 -26.85 23.05 23.04
C THR B 550 -25.86 24.17 23.31
N MET B 551 -26.32 25.23 23.98
CA MET B 551 -25.40 26.30 24.45
C MET B 551 -24.25 25.78 25.34
N ASP B 552 -24.50 24.75 26.16
CA ASP B 552 -23.46 24.22 27.01
C ASP B 552 -22.30 23.62 26.19
N THR B 553 -22.63 22.96 25.07
CA THR B 553 -21.61 22.40 24.18
C THR B 553 -20.88 23.51 23.37
N LEU B 554 -21.68 24.47 22.89
CA LEU B 554 -21.16 25.66 22.17
C LEU B 554 -20.00 26.35 22.91
N LYS B 555 -20.17 26.58 24.21
CA LYS B 555 -19.21 27.34 25.02
C LYS B 555 -17.95 26.56 25.35
N ARG B 556 -18.01 25.25 25.10
CA ARG B 556 -16.89 24.32 25.27
C ARG B 556 -16.11 24.13 23.97
N MET B 557 -16.75 24.38 22.84
CA MET B 557 -16.13 24.13 21.52
C MET B 557 -15.67 25.40 20.74
N MET B 558 -16.15 26.58 21.16
CA MET B 558 -16.02 27.81 20.37
C MET B 558 -15.86 29.02 21.28
N SER B 559 -15.09 29.99 20.83
CA SER B 559 -14.87 31.17 21.68
C SER B 559 -16.03 32.13 21.53
N ALA B 560 -16.14 33.08 22.47
CA ALA B 560 -17.20 34.11 22.44
C ALA B 560 -17.26 34.86 21.14
N SER B 561 -16.11 35.20 20.55
CA SER B 561 -16.11 35.89 19.27
C SER B 561 -16.50 35.04 18.03
N GLU B 562 -16.04 33.78 17.98
CA GLU B 562 -16.50 32.76 17.02
C GLU B 562 -18.02 32.57 17.14
N LEU B 563 -18.53 32.50 18.35
CA LEU B 563 -19.97 32.39 18.58
C LEU B 563 -20.73 33.67 18.16
N ASP B 564 -20.13 34.84 18.44
CA ASP B 564 -20.65 36.15 18.00
C ASP B 564 -20.79 36.24 16.50
N THR B 565 -19.73 35.81 15.79
CA THR B 565 -19.70 35.79 14.32
C THR B 565 -20.70 34.80 13.77
N MET B 566 -20.86 33.68 14.46
CA MET B 566 -21.80 32.65 14.03
C MET B 566 -23.24 33.15 13.81
N TRP B 567 -23.79 33.87 14.79
CA TRP B 567 -25.16 34.37 14.65
C TRP B 567 -25.29 35.63 13.78
N LYS B 568 -24.31 36.54 13.92
CA LYS B 568 -24.28 37.79 13.16
C LYS B 568 -24.07 37.55 11.67
N ASN B 569 -23.22 36.57 11.35
CA ASN B 569 -22.95 36.24 9.97
C ASN B 569 -22.79 34.71 9.77
N PRO B 570 -23.92 33.97 9.70
CA PRO B 570 -23.89 32.55 9.34
C PRO B 570 -23.14 32.27 8.02
N SER B 571 -22.99 33.28 7.15
CA SER B 571 -22.23 33.10 5.89
C SER B 571 -20.74 32.90 6.08
N ALA B 572 -20.21 33.31 7.23
CA ALA B 572 -18.81 33.13 7.53
C ALA B 572 -18.42 31.63 7.69
N LYS B 573 -17.20 31.33 7.29
CA LYS B 573 -16.60 30.00 7.39
C LYS B 573 -16.51 29.55 8.83
N GLN B 574 -16.88 28.29 9.08
CA GLN B 574 -16.74 27.76 10.45
C GLN B 574 -15.87 26.51 10.47
N TYR B 575 -14.77 26.59 11.20
CA TYR B 575 -13.85 25.46 11.34
C TYR B 575 -14.56 24.21 11.85
N HIS B 576 -15.51 24.39 12.77
CA HIS B 576 -16.27 23.26 13.32
C HIS B 576 -17.47 22.81 12.50
N ARG B 577 -17.54 23.26 11.27
CA ARG B 577 -18.41 22.58 10.35
C ARG B 577 -17.57 21.64 9.49
N SER B 578 -17.15 22.07 8.31
CA SER B 578 -16.51 21.16 7.36
C SER B 578 -15.33 21.77 6.58
N SER B 579 -14.32 20.94 6.31
CA SER B 579 -13.22 21.26 5.40
C SER B 579 -13.67 21.42 3.94
N SER B 580 -14.84 20.91 3.59
CA SER B 580 -15.45 21.09 2.24
C SER B 580 -15.98 22.50 2.05
N ASP B 581 -15.73 23.09 0.87
CA ASP B 581 -16.18 24.46 0.56
C ASP B 581 -17.70 24.53 0.52
N THR B 582 -18.30 23.40 0.13
CA THR B 582 -19.73 23.28 -0.02
C THR B 582 -20.41 23.43 1.35
N PHE B 583 -19.76 22.90 2.37
CA PHE B 583 -20.33 22.84 3.71
C PHE B 583 -19.44 23.60 4.65
N GLY B 584 -18.76 24.62 4.14
CA GLY B 584 -17.83 25.40 4.93
C GLY B 584 -18.47 26.43 5.85
N ASN B 585 -19.70 26.82 5.58
CA ASN B 585 -20.38 27.87 6.32
C ASN B 585 -21.80 27.47 6.72
N LEU B 586 -22.53 28.40 7.34
CA LEU B 586 -23.93 28.14 7.76
C LEU B 586 -24.91 29.04 7.03
N LYS B 587 -24.62 29.40 5.79
CA LYS B 587 -25.39 30.41 5.06
C LYS B 587 -26.85 30.00 4.73
N LEU B 588 -27.03 28.87 4.05
CA LEU B 588 -28.34 28.35 3.75
C LEU B 588 -29.18 28.19 5.05
N PHE B 589 -28.60 27.63 6.10
CA PHE B 589 -29.30 27.50 7.36
C PHE B 589 -29.74 28.86 7.92
N GLY B 590 -28.79 29.78 8.06
CA GLY B 590 -29.05 31.08 8.62
C GLY B 590 -30.05 31.91 7.85
N ASP B 591 -30.01 31.83 6.52
CA ASP B 591 -31.00 32.52 5.68
C ASP B 591 -32.44 31.98 5.85
N ALA B 592 -32.60 30.66 5.91
CA ALA B 592 -33.94 30.09 6.17
C ALA B 592 -34.38 30.30 7.62
N LEU B 593 -33.44 30.25 8.57
CA LEU B 593 -33.75 30.57 9.96
C LEU B 593 -34.31 31.98 10.08
N THR B 594 -33.60 32.95 9.53
CA THR B 594 -34.07 34.35 9.44
C THR B 594 -35.42 34.47 8.75
N LYS B 595 -35.57 33.87 7.57
CA LYS B 595 -36.79 34.05 6.83
C LYS B 595 -38.00 33.38 7.47
N ARG B 596 -37.78 32.29 8.21
CA ARG B 596 -38.91 31.53 8.68
C ARG B 596 -39.40 31.61 10.14
N TYR B 597 -38.54 31.43 11.13
CA TYR B 597 -38.30 32.27 12.34
C TYR B 597 -38.19 33.76 12.63
N GLY B 598 -37.77 34.61 11.69
CA GLY B 598 -37.46 36.01 12.04
C GLY B 598 -35.98 36.19 12.43
N ALA B 599 -35.42 37.36 12.09
CA ALA B 599 -34.04 37.67 12.39
C ALA B 599 -33.65 37.49 13.87
N SER B 600 -32.43 36.99 14.10
CA SER B 600 -31.93 36.80 15.45
C SER B 600 -31.51 38.14 16.08
N ALA B 601 -31.93 38.32 17.34
CA ALA B 601 -31.59 39.51 18.14
C ALA B 601 -30.21 39.42 18.79
N ASN B 602 -29.73 38.18 18.94
CA ASN B 602 -28.53 37.86 19.73
C ASN B 602 -28.27 36.37 19.60
N LEU B 603 -27.18 35.93 20.24
CA LEU B 603 -26.76 34.52 20.23
C LEU B 603 -27.85 33.56 20.76
N ASN B 604 -28.39 33.87 21.95
CA ASN B 604 -29.44 33.09 22.62
C ASN B 604 -30.64 32.90 21.71
N ASP B 605 -31.01 33.96 21.00
CA ASP B 605 -32.12 33.96 20.04
C ASP B 605 -31.87 33.04 18.84
N PHE B 606 -30.63 33.02 18.37
CA PHE B 606 -30.21 32.26 17.20
C PHE B 606 -30.27 30.79 17.58
N VAL B 607 -29.77 30.50 18.80
CA VAL B 607 -29.64 29.14 19.31
C VAL B 607 -31.00 28.51 19.60
N ARG B 608 -31.93 29.31 20.15
CA ARG B 608 -33.24 28.86 20.51
C ARG B 608 -34.07 28.60 19.23
N LYS B 609 -33.89 29.45 18.21
CA LYS B 609 -34.61 29.29 16.94
C LYS B 609 -34.00 28.10 16.22
N ALA B 610 -32.68 27.93 16.35
CA ALA B 610 -31.98 26.80 15.71
C ALA B 610 -32.48 25.44 16.28
N GLN B 611 -32.69 25.37 17.58
CA GLN B 611 -33.23 24.13 18.16
C GLN B 611 -34.60 23.76 17.63
N LEU B 612 -35.44 24.77 17.45
CA LEU B 612 -36.79 24.57 16.95
C LEU B 612 -36.72 24.14 15.52
N SER B 613 -35.90 24.84 14.74
CA SER B 613 -35.73 24.52 13.31
C SER B 613 -35.24 23.08 13.14
N GLN B 614 -34.26 22.71 13.98
CA GLN B 614 -33.69 21.38 13.95
C GLN B 614 -34.67 20.28 14.34
N TYR B 615 -35.35 20.50 15.45
CA TYR B 615 -36.41 19.63 15.96
C TYR B 615 -37.49 19.46 14.91
N GLU B 616 -37.98 20.59 14.41
CA GLU B 616 -38.99 20.62 13.32
C GLU B 616 -38.60 19.82 12.07
N ASN B 617 -37.37 19.99 11.62
CA ASN B 617 -36.96 19.37 10.38
C ASN B 617 -36.66 17.89 10.56
N VAL B 618 -35.94 17.55 11.63
CA VAL B 618 -35.49 16.17 11.84
C VAL B 618 -36.74 15.30 12.07
N ARG B 619 -37.69 15.84 12.84
CA ARG B 619 -39.01 15.19 13.00
C ARG B 619 -39.72 14.87 11.67
N ALA B 620 -39.85 15.87 10.79
CA ALA B 620 -40.45 15.70 9.45
C ALA B 620 -39.69 14.72 8.57
N GLU B 621 -38.36 14.81 8.54
CA GLU B 621 -37.55 13.80 7.86
C GLU B 621 -37.93 12.36 8.29
N PHE B 622 -37.92 12.07 9.59
CA PHE B 622 -38.26 10.71 10.02
C PHE B 622 -39.75 10.39 9.83
N GLU B 623 -40.65 11.29 10.27
CA GLU B 623 -42.10 11.03 10.17
C GLU B 623 -42.61 10.70 8.74
N SER B 624 -42.05 11.35 7.73
CA SER B 624 -42.46 11.13 6.33
C SER B 624 -42.12 9.73 5.86
N HIS B 625 -40.91 9.29 6.24
CA HIS B 625 -40.44 7.97 5.87
C HIS B 625 -41.19 6.85 6.59
N SER B 626 -41.54 7.07 7.86
CA SER B 626 -42.44 6.16 8.61
C SER B 626 -43.82 6.05 7.93
N ARG B 627 -44.43 7.18 7.60
CA ARG B 627 -45.75 7.19 6.93
C ARG B 627 -45.71 6.47 5.56
N ASN B 628 -44.71 6.79 4.75
CA ASN B 628 -44.66 6.29 3.37
C ASN B 628 -44.17 4.86 3.27
N TYR B 629 -43.77 4.30 4.40
CA TYR B 629 -43.28 2.92 4.44
C TYR B 629 -44.31 1.90 3.94
N THR B 630 -45.59 2.16 4.22
CA THR B 630 -46.64 1.24 3.81
C THR B 630 -47.39 1.65 2.56
N ASP B 631 -46.80 2.55 1.76
CA ASP B 631 -47.34 2.87 0.43
C ASP B 631 -47.29 1.69 -0.53
N SER B 632 -48.35 1.54 -1.34
CA SER B 632 -48.44 0.45 -2.33
C SER B 632 -47.38 0.58 -3.41
N THR B 633 -47.05 1.82 -3.72
CA THR B 633 -46.17 2.13 -4.83
C THR B 633 -45.09 3.04 -4.32
N ASN B 634 -43.85 2.64 -4.62
CA ASN B 634 -42.72 3.43 -4.20
C ASN B 634 -42.67 3.76 -2.71
N PRO B 635 -42.72 2.73 -1.86
CA PRO B 635 -42.68 3.07 -0.47
C PRO B 635 -41.27 3.53 -0.05
N SER B 636 -41.19 4.27 1.05
CA SER B 636 -39.88 4.46 1.69
C SER B 636 -39.47 3.15 2.39
N THR B 637 -38.20 2.76 2.27
CA THR B 637 -37.79 1.44 2.82
C THR B 637 -36.66 1.57 3.83
N GLY B 638 -36.09 2.77 3.90
CA GLY B 638 -35.00 3.00 4.81
C GLY B 638 -34.72 4.48 4.90
N LEU B 639 -34.26 4.92 6.07
CA LEU B 639 -33.75 6.27 6.24
C LEU B 639 -32.55 6.19 7.17
N ILE B 640 -31.43 6.68 6.69
CA ILE B 640 -30.23 6.84 7.47
C ILE B 640 -30.00 8.35 7.58
N TYR B 641 -30.29 8.94 8.74
CA TYR B 641 -30.02 10.36 8.99
C TYR B 641 -28.50 10.64 8.89
N TRP B 642 -28.13 11.68 8.13
CA TRP B 642 -26.72 12.14 8.07
C TRP B 642 -26.46 13.29 9.03
N MET B 643 -25.86 13.03 10.21
CA MET B 643 -25.40 11.71 10.68
C MET B 643 -25.89 11.50 12.12
N LEU B 644 -25.73 10.30 12.66
CA LEU B 644 -26.13 10.03 14.04
C LEU B 644 -25.38 10.97 14.98
N ASN B 645 -24.09 11.14 14.72
CA ASN B 645 -23.21 11.81 15.64
C ASN B 645 -22.04 12.34 14.80
N SER B 646 -21.12 13.03 15.46
CA SER B 646 -19.99 13.66 14.80
C SER B 646 -18.65 13.08 15.32
N PRO B 647 -17.58 13.12 14.50
CA PRO B 647 -16.27 12.69 14.98
C PRO B 647 -15.65 13.62 16.02
N TRP B 648 -16.24 14.81 16.19
CA TRP B 648 -15.71 15.81 17.09
C TRP B 648 -16.82 16.79 17.45
N THR B 649 -16.43 17.90 18.07
CA THR B 649 -17.35 19.00 18.29
C THR B 649 -17.73 19.68 16.97
N SER B 650 -19.03 19.73 16.69
CA SER B 650 -19.47 20.04 15.34
C SER B 650 -20.68 20.99 15.31
N LEU B 651 -20.82 21.71 14.20
CA LEU B 651 -22.03 22.49 13.94
C LEU B 651 -23.04 21.82 13.00
N HIS B 652 -22.80 20.56 12.58
CA HIS B 652 -23.68 19.92 11.58
C HIS B 652 -23.77 18.40 11.64
N TRP B 653 -24.74 17.86 10.91
CA TRP B 653 -24.84 16.42 10.66
C TRP B 653 -24.63 15.60 11.95
N GLN B 654 -25.53 15.80 12.90
CA GLN B 654 -25.49 15.07 14.18
C GLN B 654 -26.83 15.09 14.91
N LEU B 655 -27.11 14.01 15.65
CA LEU B 655 -28.24 14.00 16.56
C LEU B 655 -27.73 14.28 17.98
N PHE B 656 -26.83 13.45 18.49
CA PHE B 656 -26.12 13.83 19.72
C PHE B 656 -24.75 14.32 19.35
N ASP B 657 -24.28 15.28 20.13
CA ASP B 657 -22.97 15.91 19.93
C ASP B 657 -21.86 15.07 20.61
N ALA B 658 -20.61 15.53 20.43
CA ALA B 658 -19.42 14.85 20.93
C ALA B 658 -19.42 14.65 22.45
N TYR B 659 -20.16 15.49 23.17
CA TYR B 659 -20.21 15.40 24.61
C TYR B 659 -21.42 14.58 25.06
N MET B 660 -22.20 14.05 24.10
CA MET B 660 -23.40 13.25 24.43
C MET B 660 -24.57 14.11 24.91
N ASP B 661 -24.50 15.43 24.63
CA ASP B 661 -25.61 16.30 24.94
C ASP B 661 -26.67 16.20 23.84
N GLN B 662 -27.89 16.63 24.17
CA GLN B 662 -29.06 16.27 23.41
C GLN B 662 -29.79 17.57 23.18
N ASN B 663 -29.94 17.94 21.92
CA ASN B 663 -30.48 19.25 21.52
C ASN B 663 -31.80 19.07 20.76
N GLY B 664 -32.20 20.11 19.99
CA GLY B 664 -33.48 20.06 19.25
C GLY B 664 -33.50 19.00 18.17
N ALA B 665 -32.38 18.80 17.49
CA ALA B 665 -32.29 17.70 16.51
C ALA B 665 -32.45 16.33 17.20
N TYR B 666 -31.76 16.13 18.33
CA TYR B 666 -31.91 14.94 19.12
C TYR B 666 -33.37 14.71 19.49
N TYR B 667 -34.02 15.70 20.10
CA TYR B 667 -35.36 15.48 20.62
C TYR B 667 -36.39 15.29 19.51
N GLY B 668 -36.19 15.97 18.38
CA GLY B 668 -37.02 15.81 17.18
C GLY B 668 -36.97 14.40 16.59
N ALA B 669 -35.76 13.82 16.52
CA ALA B 669 -35.63 12.40 16.08
C ALA B 669 -36.31 11.42 17.07
N LYS B 670 -36.04 11.59 18.36
CA LYS B 670 -36.66 10.83 19.43
C LYS B 670 -38.20 10.86 19.38
N LYS B 671 -38.74 12.08 19.24
CA LYS B 671 -40.17 12.30 19.10
C LYS B 671 -40.71 11.49 17.93
N ALA B 672 -40.07 11.60 16.77
CA ALA B 672 -40.58 10.94 15.55
C ALA B 672 -40.56 9.43 15.61
N ASN B 673 -39.66 8.90 16.45
CA ASN B 673 -39.36 7.47 16.47
C ASN B 673 -39.93 6.75 17.66
N GLU B 674 -40.89 7.37 18.34
CA GLU B 674 -41.64 6.76 19.45
C GLU B 674 -42.32 5.47 19.02
N PRO B 675 -42.40 4.45 19.91
CA PRO B 675 -42.96 3.14 19.48
C PRO B 675 -44.45 3.14 19.11
N LEU B 676 -45.18 4.05 19.72
CA LEU B 676 -46.58 4.20 19.46
C LEU B 676 -46.74 5.72 19.38
N HIS B 677 -46.90 6.23 18.16
CA HIS B 677 -46.58 7.62 17.88
C HIS B 677 -47.69 8.27 17.10
N ILE B 678 -48.03 9.50 17.46
CA ILE B 678 -48.97 10.32 16.65
C ILE B 678 -48.24 11.46 15.92
N GLN B 679 -48.58 11.71 14.65
CA GLN B 679 -47.87 12.69 13.84
C GLN B 679 -48.77 13.48 12.87
N TYR B 680 -48.31 14.67 12.50
CA TYR B 680 -49.00 15.55 11.54
C TYR B 680 -48.25 15.62 10.22
N SER B 681 -48.92 15.28 9.13
CA SER B 681 -48.29 15.29 7.82
C SER B 681 -48.26 16.72 7.30
N HIS B 682 -47.06 17.25 7.08
CA HIS B 682 -46.91 18.60 6.51
C HIS B 682 -47.48 18.81 5.10
N ASP B 683 -47.62 17.72 4.32
CA ASP B 683 -48.11 17.83 2.93
C ASP B 683 -49.65 17.90 2.83
N ASN B 684 -50.35 16.94 3.43
CA ASN B 684 -51.82 16.81 3.26
C ASN B 684 -52.63 17.02 4.55
N ARG B 685 -51.95 17.43 5.63
CA ARG B 685 -52.58 17.68 6.95
C ARG B 685 -53.23 16.48 7.63
N SER B 686 -52.97 15.27 7.15
CA SER B 686 -53.52 14.09 7.82
C SER B 686 -52.80 13.90 9.16
N VAL B 687 -53.55 13.36 10.11
CA VAL B 687 -53.03 13.04 11.44
C VAL B 687 -52.96 11.52 11.48
N VAL B 688 -51.75 11.02 11.75
CA VAL B 688 -51.40 9.62 11.48
C VAL B 688 -50.77 8.94 12.72
N VAL B 689 -51.20 7.71 12.99
CA VAL B 689 -50.65 6.94 14.08
C VAL B 689 -49.75 5.87 13.48
N ILE B 690 -48.55 5.74 14.06
CA ILE B 690 -47.57 4.76 13.66
C ILE B 690 -47.35 3.83 14.85
N ASN B 691 -47.34 2.54 14.58
CA ASN B 691 -47.08 1.54 15.63
C ASN B 691 -45.78 0.84 15.22
N GLN B 692 -44.69 1.18 15.95
CA GLN B 692 -43.38 0.55 15.64
C GLN B 692 -43.25 -0.82 16.32
N THR B 693 -44.14 -1.11 17.27
CA THR B 693 -43.97 -2.28 18.14
C THR B 693 -44.24 -3.58 17.38
N SER B 694 -43.93 -4.71 18.00
CA SER B 694 -44.13 -5.98 17.31
C SER B 694 -45.54 -6.56 17.48
N ASN B 695 -46.42 -5.85 18.21
CA ASN B 695 -47.82 -6.25 18.34
C ASN B 695 -48.85 -5.27 17.80
N ALA B 696 -49.88 -5.78 17.13
CA ALA B 696 -51.03 -4.95 16.73
C ALA B 696 -51.63 -4.31 17.97
N VAL B 697 -52.02 -3.04 17.86
CA VAL B 697 -52.64 -2.32 18.97
C VAL B 697 -54.03 -1.82 18.58
N SER B 698 -54.98 -1.90 19.51
CA SER B 698 -56.35 -1.44 19.28
C SER B 698 -56.88 -0.56 20.41
N GLY B 699 -58.08 -0.01 20.24
CA GLY B 699 -58.72 0.82 21.26
C GLY B 699 -57.95 2.09 21.56
N LEU B 700 -57.35 2.70 20.53
CA LEU B 700 -56.52 3.90 20.69
C LEU B 700 -57.37 5.14 20.44
N THR B 701 -57.16 6.20 21.22
CA THR B 701 -57.79 7.49 20.82
C THR B 701 -56.83 8.62 20.49
N ALA B 702 -57.10 9.24 19.35
CA ALA B 702 -56.35 10.38 18.83
C ALA B 702 -57.16 11.66 19.02
N THR B 703 -56.57 12.61 19.74
CA THR B 703 -57.15 13.92 19.95
C THR B 703 -56.29 14.95 19.20
N THR B 704 -56.92 15.81 18.39
CA THR B 704 -56.18 16.88 17.72
C THR B 704 -56.83 18.25 17.82
N LYS B 705 -56.02 19.22 18.23
CA LYS B 705 -56.52 20.55 18.47
C LYS B 705 -55.60 21.57 17.83
N LEU B 706 -56.23 22.59 17.24
CA LEU B 706 -55.52 23.75 16.73
C LEU B 706 -55.71 24.94 17.66
N TYR B 707 -54.63 25.65 17.94
CA TYR B 707 -54.67 26.87 18.74
C TYR B 707 -54.01 28.04 18.01
N ASN B 708 -54.56 29.23 18.21
CA ASN B 708 -53.84 30.45 17.85
C ASN B 708 -52.82 30.73 18.92
N LEU B 709 -51.90 31.65 18.63
CA LEU B 709 -50.82 31.96 19.59
C LEU B 709 -51.29 32.74 20.82
N ASP B 710 -52.53 33.27 20.77
CA ASP B 710 -53.15 33.88 21.97
C ASP B 710 -53.86 32.81 22.83
N GLY B 711 -53.90 31.57 22.32
CA GLY B 711 -54.36 30.41 23.08
C GLY B 711 -55.79 30.00 22.79
N THR B 712 -56.41 30.68 21.84
CA THR B 712 -57.76 30.41 21.39
C THR B 712 -57.75 29.09 20.65
N GLU B 713 -58.61 28.18 21.06
CA GLU B 713 -58.74 26.92 20.37
C GLU B 713 -59.56 27.16 19.12
N LYS B 714 -59.10 26.60 18.01
CA LYS B 714 -59.67 26.85 16.69
C LYS B 714 -60.22 25.65 15.97
N TYR B 715 -59.80 24.46 16.39
CA TYR B 715 -60.23 23.22 15.77
C TYR B 715 -60.09 22.14 16.83
N SER B 716 -61.00 21.16 16.80
CA SER B 716 -60.94 20.04 17.70
C SER B 716 -61.48 18.80 17.01
N ASN B 717 -60.81 17.66 17.25
CA ASN B 717 -61.27 16.37 16.78
C ASN B 717 -60.81 15.33 17.79
N THR B 718 -61.73 14.42 18.09
CA THR B 718 -61.45 13.27 18.92
C THR B 718 -61.88 12.05 18.12
N LYS B 719 -60.94 11.15 17.89
CA LYS B 719 -61.16 9.94 17.11
C LYS B 719 -60.85 8.74 17.99
N THR B 720 -61.87 7.92 18.23
CA THR B 720 -61.80 6.77 19.12
C THR B 720 -61.68 5.46 18.34
N GLY B 721 -61.28 4.41 19.05
CA GLY B 721 -61.33 3.05 18.49
C GLY B 721 -60.36 2.84 17.34
N LEU B 722 -59.23 3.54 17.36
CA LEU B 722 -58.21 3.36 16.33
C LEU B 722 -57.44 2.08 16.59
N SER B 723 -57.32 1.23 15.56
CA SER B 723 -56.35 0.13 15.65
C SER B 723 -55.27 0.22 14.55
N VAL B 724 -54.08 -0.26 14.88
CA VAL B 724 -52.96 -0.17 13.93
C VAL B 724 -52.06 -1.40 14.00
N GLY B 725 -51.70 -1.93 12.83
CA GLY B 725 -50.94 -3.16 12.74
C GLY B 725 -49.53 -2.99 13.24
N ALA B 726 -48.80 -4.11 13.30
CA ALA B 726 -47.42 -4.15 13.86
C ALA B 726 -46.33 -3.59 12.95
N LEU B 727 -45.19 -3.32 13.58
CA LEU B 727 -43.89 -3.12 12.91
C LEU B 727 -43.86 -2.07 11.81
N GLY B 728 -44.39 -0.89 12.13
CA GLY B 728 -44.35 0.23 11.20
C GLY B 728 -45.62 0.55 10.44
N ALA B 729 -46.69 -0.24 10.63
CA ALA B 729 -48.00 0.11 10.03
C ALA B 729 -48.60 1.40 10.61
N LYS B 730 -49.56 1.96 9.90
CA LYS B 730 -50.10 3.28 10.26
C LYS B 730 -51.64 3.30 10.26
N ALA B 731 -52.23 4.34 10.84
CA ALA B 731 -53.65 4.63 10.61
C ALA B 731 -53.89 6.12 10.64
N THR B 732 -54.80 6.60 9.79
CA THR B 732 -55.21 7.99 9.75
C THR B 732 -56.32 8.25 10.74
N ALA B 733 -56.08 9.18 11.65
CA ALA B 733 -57.06 9.60 12.64
C ALA B 733 -58.06 10.60 12.07
N VAL B 734 -57.55 11.61 11.37
CA VAL B 734 -58.37 12.66 10.77
C VAL B 734 -57.48 13.44 9.80
N THR B 735 -58.08 14.04 8.78
CA THR B 735 -57.38 15.08 7.97
C THR B 735 -57.92 16.45 8.39
N VAL B 736 -57.04 17.28 8.96
CA VAL B 736 -57.43 18.61 9.39
C VAL B 736 -57.88 19.38 8.14
N PRO B 737 -59.15 19.85 8.13
CA PRO B 737 -59.65 20.70 7.04
C PRO B 737 -59.01 22.11 7.11
N ALA B 738 -59.29 22.95 6.11
CA ALA B 738 -58.95 24.36 6.17
C ALA B 738 -59.78 25.00 7.30
N VAL B 739 -59.10 25.60 8.27
CA VAL B 739 -59.77 26.27 9.38
C VAL B 739 -59.65 27.80 9.21
N SER B 740 -60.77 28.51 9.29
CA SER B 740 -60.77 30.00 9.26
C SER B 740 -60.19 30.59 10.53
N GLY B 741 -59.63 31.80 10.47
CA GLY B 741 -59.27 32.55 11.68
C GLY B 741 -58.00 32.12 12.40
N LEU B 742 -57.16 31.31 11.76
CA LEU B 742 -55.84 30.98 12.33
C LEU B 742 -54.88 32.17 12.31
N SER B 743 -54.08 32.32 13.38
CA SER B 743 -52.99 33.25 13.37
C SER B 743 -51.92 32.75 12.38
N THR B 744 -51.09 33.66 11.89
CA THR B 744 -50.10 33.36 10.84
C THR B 744 -49.17 32.21 11.25
N THR B 745 -48.68 32.25 12.48
CA THR B 745 -48.09 31.11 13.16
C THR B 745 -49.10 30.62 14.18
N TYR B 746 -49.34 29.30 14.16
CA TYR B 746 -50.28 28.65 15.05
C TYR B 746 -49.75 27.30 15.54
N LEU B 747 -50.44 26.69 16.51
CA LEU B 747 -50.06 25.41 17.13
C LEU B 747 -51.04 24.29 16.79
N ALA B 748 -50.49 23.11 16.49
CA ALA B 748 -51.27 21.89 16.34
C ALA B 748 -50.89 20.94 17.49
N LYS B 749 -51.86 20.53 18.30
CA LYS B 749 -51.59 19.66 19.45
C LYS B 749 -52.23 18.27 19.24
N ASN B 750 -51.37 17.26 19.05
CA ASN B 750 -51.75 15.87 18.85
C ASN B 750 -51.47 15.08 20.13
N VAL B 751 -52.44 14.26 20.55
CA VAL B 751 -52.29 13.41 21.72
C VAL B 751 -52.91 12.05 21.43
N LEU B 752 -52.12 11.01 21.72
CA LEU B 752 -52.56 9.65 21.55
C LEU B 752 -52.68 9.04 22.92
N THR B 753 -53.85 8.46 23.23
CA THR B 753 -53.99 7.75 24.50
C THR B 753 -54.35 6.28 24.24
N ASP B 754 -53.91 5.35 25.10
CA ASP B 754 -54.26 3.92 24.84
C ASP B 754 -55.62 3.54 25.41
N SER B 755 -56.00 2.26 25.23
CA SER B 755 -57.28 1.74 25.72
C SER B 755 -57.41 1.92 27.23
N SER B 756 -56.29 1.96 27.93
CA SER B 756 -56.31 2.11 29.38
C SER B 756 -56.33 3.56 29.84
N GLY B 757 -56.40 4.51 28.89
CA GLY B 757 -56.51 5.94 29.22
C GLY B 757 -55.17 6.63 29.44
N LYS B 758 -54.07 5.91 29.18
CA LYS B 758 -52.70 6.43 29.33
C LYS B 758 -52.26 7.18 28.06
N GLU B 759 -51.59 8.31 28.25
CA GLU B 759 -51.09 9.12 27.15
C GLU B 759 -49.77 8.51 26.66
N VAL B 760 -49.78 7.95 25.47
CA VAL B 760 -48.58 7.28 24.96
C VAL B 760 -47.74 8.16 24.01
N SER B 761 -48.39 9.18 23.42
CA SER B 761 -47.69 10.11 22.54
C SER B 761 -48.34 11.48 22.58
N ARG B 762 -47.50 12.49 22.77
CA ARG B 762 -47.86 13.90 22.66
C ARG B 762 -46.90 14.50 21.65
N ASN B 763 -47.45 15.31 20.74
CA ASN B 763 -46.69 15.88 19.62
C ASN B 763 -47.24 17.23 19.18
N VAL B 764 -46.46 18.28 19.38
CA VAL B 764 -46.90 19.66 19.10
C VAL B 764 -46.10 20.25 17.94
N TYR B 765 -46.83 20.78 16.97
CA TYR B 765 -46.29 21.44 15.77
C TYR B 765 -46.57 22.95 15.80
N TRP B 766 -45.54 23.74 15.52
CA TRP B 766 -45.68 25.19 15.26
C TRP B 766 -45.78 25.30 13.75
N LEU B 767 -46.95 25.77 13.28
CA LEU B 767 -47.33 25.75 11.86
C LEU B 767 -47.62 27.18 11.35
N SER B 768 -47.71 27.34 10.03
CA SER B 768 -47.94 28.63 9.41
C SER B 768 -49.04 28.51 8.37
N THR B 769 -49.82 29.58 8.25
CA THR B 769 -50.84 29.68 7.18
C THR B 769 -50.19 30.03 5.84
N LYS B 770 -48.91 30.41 5.92
CA LYS B 770 -48.05 30.59 4.75
C LYS B 770 -47.13 29.36 4.59
N ALA B 771 -47.19 28.73 3.42
CA ALA B 771 -46.53 27.47 3.19
C ALA B 771 -45.08 27.63 2.74
N ASP B 772 -44.23 26.68 3.15
CA ASP B 772 -42.93 26.47 2.51
C ASP B 772 -43.28 25.83 1.16
N THR B 773 -42.68 26.31 0.07
CA THR B 773 -42.78 25.65 -1.23
C THR B 773 -41.39 25.60 -1.84
N LEU B 774 -41.20 24.67 -2.79
CA LEU B 774 -39.86 24.38 -3.32
C LEU B 774 -39.67 24.82 -4.75
N ASN B 775 -38.53 25.46 -4.96
CA ASN B 775 -38.01 25.73 -6.27
C ASN B 775 -37.21 24.52 -6.71
N TRP B 776 -37.90 23.51 -7.22
CA TRP B 776 -37.25 22.27 -7.63
C TRP B 776 -36.17 22.50 -8.69
N GLY B 777 -36.52 23.26 -9.74
CA GLY B 777 -35.66 23.52 -10.87
C GLY B 777 -34.34 24.15 -10.49
N GLY B 778 -34.31 24.81 -9.33
CA GLY B 778 -33.12 25.47 -8.85
C GLY B 778 -32.29 24.54 -7.97
N SER B 779 -32.68 23.27 -7.92
CA SER B 779 -32.00 22.25 -7.10
C SER B 779 -30.54 22.08 -7.49
N ASP B 780 -29.72 21.92 -6.46
CA ASP B 780 -28.40 21.35 -6.57
C ASP B 780 -28.41 19.91 -6.03
N TRP B 781 -27.26 19.23 -6.15
CA TRP B 781 -27.09 17.87 -5.65
C TRP B 781 -27.33 17.75 -4.12
N TYR B 782 -27.11 18.85 -3.39
CA TYR B 782 -27.11 18.80 -1.91
C TYR B 782 -28.27 19.53 -1.20
N TYR B 783 -29.14 20.18 -1.99
CA TYR B 783 -30.26 20.93 -1.47
C TYR B 783 -31.18 21.42 -2.58
N THR B 784 -32.38 21.82 -2.19
CA THR B 784 -33.36 22.46 -3.06
C THR B 784 -33.72 23.81 -2.41
N PRO B 785 -33.58 24.92 -3.19
CA PRO B 785 -33.93 26.23 -2.65
C PRO B 785 -35.45 26.39 -2.56
N GLN B 786 -35.92 27.39 -1.84
CA GLN B 786 -37.37 27.55 -1.69
C GLN B 786 -37.92 28.65 -2.59
N SER B 787 -39.06 28.38 -3.23
CA SER B 787 -39.83 29.41 -3.88
C SER B 787 -40.69 30.26 -2.89
N ALA B 788 -41.03 29.72 -1.72
CA ALA B 788 -41.62 30.51 -0.63
C ALA B 788 -41.25 29.95 0.73
N PHE B 789 -41.26 30.81 1.74
CA PHE B 789 -40.91 30.42 3.11
C PHE B 789 -42.12 30.55 4.05
N ALA B 790 -42.35 29.52 4.87
CA ALA B 790 -43.37 29.57 5.91
C ALA B 790 -43.08 30.73 6.83
N ASP B 791 -44.13 31.26 7.48
CA ASP B 791 -43.99 32.29 8.48
C ASP B 791 -44.27 31.76 9.93
N LEU B 792 -43.19 31.39 10.60
CA LEU B 792 -43.23 30.93 12.01
C LEU B 792 -42.75 31.99 12.96
N SER B 793 -42.66 33.24 12.48
CA SER B 793 -42.16 34.32 13.33
C SER B 793 -43.11 34.78 14.45
N GLY B 794 -44.36 34.32 14.46
CA GLY B 794 -45.30 34.61 15.57
C GLY B 794 -44.75 34.16 16.93
N LEU B 795 -43.92 33.12 16.92
CA LEU B 795 -43.34 32.59 18.16
C LEU B 795 -42.49 33.58 18.92
N ASN B 796 -41.92 34.59 18.23
CA ASN B 796 -41.19 35.66 18.93
C ASN B 796 -42.09 36.45 19.91
N ASN B 797 -43.39 36.45 19.66
CA ASN B 797 -44.31 37.29 20.43
C ASN B 797 -45.29 36.46 21.26
N LEU B 798 -45.12 35.14 21.24
CA LEU B 798 -45.89 34.24 22.10
C LEU B 798 -45.73 34.70 23.56
N GLY B 799 -46.86 34.92 24.25
CA GLY B 799 -46.84 35.47 25.58
C GLY B 799 -46.30 34.50 26.60
N GLN B 800 -45.82 35.03 27.73
CA GLN B 800 -45.23 34.20 28.79
C GLN B 800 -46.26 33.28 29.44
N SER B 801 -45.81 32.07 29.75
CA SER B 801 -46.62 31.15 30.52
C SER B 801 -45.81 30.74 31.73
N ALA B 802 -46.12 29.60 32.34
CA ALA B 802 -45.37 29.15 33.53
C ALA B 802 -45.43 27.64 33.76
N VAL B 803 -44.39 27.11 34.40
CA VAL B 803 -44.25 25.69 34.84
C VAL B 803 -43.43 25.87 36.15
N GLY B 804 -43.64 25.23 37.30
CA GLY B 804 -44.47 24.10 37.61
C GLY B 804 -43.62 22.85 37.75
N ALA B 805 -42.59 22.84 38.58
CA ALA B 805 -41.68 21.67 38.65
C ALA B 805 -41.33 21.11 40.03
N THR B 806 -41.46 19.78 40.16
CA THR B 806 -41.00 19.01 41.32
C THR B 806 -40.07 17.88 40.79
N ALA B 807 -38.94 17.64 41.48
CA ALA B 807 -37.96 16.60 41.11
C ALA B 807 -37.42 15.88 42.37
N ASN B 808 -37.14 14.58 42.23
CA ASN B 808 -36.50 13.74 43.25
C ASN B 808 -35.69 12.66 42.51
N SER B 809 -34.73 12.06 43.23
CA SER B 809 -33.82 11.06 42.67
C SER B 809 -33.66 9.85 43.56
N VAL B 810 -33.37 8.71 42.93
CA VAL B 810 -33.10 7.45 43.62
C VAL B 810 -31.78 6.94 43.07
N ALA B 811 -30.79 6.78 43.94
CA ALA B 811 -29.50 6.19 43.57
C ALA B 811 -29.64 4.69 43.68
N GLY B 812 -29.63 3.98 42.54
CA GLY B 812 -29.81 2.51 42.53
C GLY B 812 -28.57 1.71 42.88
N ALA B 813 -28.75 0.48 43.37
CA ALA B 813 -27.62 -0.42 43.69
C ALA B 813 -26.70 -0.75 42.50
N ASP B 814 -27.19 -0.53 41.28
CA ASP B 814 -26.45 -0.78 40.03
C ASP B 814 -25.53 0.36 39.55
N GLY B 815 -25.49 1.45 40.31
CA GLY B 815 -24.67 2.59 39.96
C GLY B 815 -25.37 3.55 39.03
N THR B 816 -26.66 3.36 38.80
CA THR B 816 -27.44 4.36 38.11
C THR B 816 -28.29 5.19 39.07
N THR B 817 -28.53 6.44 38.69
CA THR B 817 -29.52 7.25 39.36
C THR B 817 -30.69 7.49 38.41
N THR B 818 -31.91 7.36 38.95
CA THR B 818 -33.12 7.79 38.23
C THR B 818 -33.70 9.07 38.90
N THR B 819 -33.85 10.13 38.10
CA THR B 819 -34.43 11.38 38.55
C THR B 819 -35.79 11.44 37.89
N THR B 820 -36.81 11.69 38.70
CA THR B 820 -38.21 11.73 38.26
C THR B 820 -38.63 13.21 38.40
N VAL B 821 -39.08 13.82 37.32
CA VAL B 821 -39.44 15.22 37.38
C VAL B 821 -40.89 15.44 36.96
N THR B 822 -41.65 16.19 37.77
CA THR B 822 -43.04 16.44 37.44
C THR B 822 -43.25 17.86 36.94
N LEU B 823 -43.84 18.00 35.76
CA LEU B 823 -44.07 19.34 35.25
C LEU B 823 -45.54 19.62 35.15
N LYS B 824 -45.91 20.88 35.43
CA LYS B 824 -47.32 21.29 35.39
C LYS B 824 -47.43 22.71 34.85
N ASN B 825 -48.39 22.95 33.95
CA ASN B 825 -48.67 24.32 33.55
C ASN B 825 -49.44 25.03 34.68
N THR B 826 -48.76 26.01 35.32
CA THR B 826 -49.25 26.71 36.52
C THR B 826 -49.75 28.14 36.22
N SER B 827 -49.93 28.41 34.93
CA SER B 827 -50.52 29.66 34.48
C SER B 827 -52.07 29.66 34.60
N GLY B 828 -52.61 30.83 34.94
CA GLY B 828 -54.05 31.01 35.05
C GLY B 828 -54.63 31.60 33.79
N GLY B 829 -53.89 31.51 32.69
CA GLY B 829 -54.35 31.98 31.39
C GLY B 829 -54.70 30.88 30.42
N ARG B 830 -54.50 31.16 29.14
CA ARG B 830 -54.82 30.19 28.11
C ARG B 830 -53.56 29.75 27.35
N LEU B 831 -52.42 30.37 27.70
CA LEU B 831 -51.15 30.09 27.00
C LEU B 831 -50.50 28.77 27.42
N PRO B 832 -50.14 27.92 26.43
CA PRO B 832 -49.36 26.70 26.70
C PRO B 832 -47.96 27.04 27.20
N ALA B 833 -47.37 26.18 28.01
CA ALA B 833 -45.95 26.26 28.31
C ALA B 833 -45.29 25.46 27.19
N PHE B 834 -44.63 26.20 26.30
CA PHE B 834 -44.19 25.70 25.01
C PHE B 834 -42.70 25.38 25.00
N TYR B 835 -42.38 24.17 24.53
CA TYR B 835 -41.03 23.69 24.32
C TYR B 835 -40.18 23.77 25.59
N VAL B 836 -40.56 22.97 26.59
CA VAL B 836 -39.90 22.93 27.91
C VAL B 836 -38.85 21.79 28.00
N ASP B 837 -37.59 22.18 28.23
CA ASP B 837 -36.42 21.31 28.19
C ASP B 837 -35.89 21.17 29.61
N SER B 838 -35.73 19.92 30.04
CA SER B 838 -35.33 19.59 31.40
C SER B 838 -33.96 18.95 31.29
N LYS B 839 -33.03 19.42 32.11
CA LYS B 839 -31.64 18.99 32.04
C LYS B 839 -31.19 18.60 33.44
N VAL B 840 -30.71 17.37 33.59
CA VAL B 840 -30.00 16.97 34.80
C VAL B 840 -28.70 17.77 34.87
N VAL B 841 -28.55 18.56 35.92
CA VAL B 841 -27.37 19.40 36.06
C VAL B 841 -26.78 19.13 37.43
N ASP B 842 -25.51 19.47 37.60
CA ASP B 842 -24.87 19.35 38.90
C ASP B 842 -25.03 20.67 39.64
N SER B 843 -24.39 20.81 40.81
CA SER B 843 -24.54 22.00 41.65
C SER B 843 -24.02 23.28 40.96
N ALA B 844 -23.12 23.11 39.99
CA ALA B 844 -22.56 24.21 39.22
C ALA B 844 -23.42 24.55 37.99
N GLY B 845 -24.44 23.74 37.70
CA GLY B 845 -25.32 23.94 36.52
C GLY B 845 -24.85 23.28 35.23
N LYS B 846 -23.89 22.36 35.33
CA LYS B 846 -23.29 21.69 34.17
C LYS B 846 -24.07 20.41 33.89
N PRO B 847 -24.51 20.20 32.63
CA PRO B 847 -25.24 18.97 32.32
C PRO B 847 -24.53 17.70 32.74
N VAL B 848 -25.30 16.75 33.26
CA VAL B 848 -24.73 15.48 33.62
C VAL B 848 -25.00 14.57 32.43
N LEU B 849 -23.94 14.02 31.86
CA LEU B 849 -23.97 13.29 30.59
C LEU B 849 -23.03 12.08 30.67
N PRO B 850 -23.37 10.98 29.96
CA PRO B 850 -24.59 10.83 29.14
C PRO B 850 -25.83 10.68 30.02
N VAL B 851 -27.01 10.80 29.40
CA VAL B 851 -28.34 10.80 30.07
C VAL B 851 -29.46 10.26 29.15
N GLU B 852 -30.45 9.64 29.75
CA GLU B 852 -31.52 9.04 28.97
C GLU B 852 -32.87 9.39 29.56
N TRP B 853 -33.64 10.19 28.83
CA TRP B 853 -34.98 10.56 29.24
C TRP B 853 -35.98 9.68 28.51
N ASN B 854 -37.11 9.38 29.16
CA ASN B 854 -38.23 8.74 28.46
C ASN B 854 -38.88 9.70 27.45
N ASP B 855 -38.84 10.99 27.79
CA ASP B 855 -39.39 12.09 27.05
C ASP B 855 -38.74 13.42 27.47
N ASN B 856 -38.80 14.44 26.61
CA ASN B 856 -38.29 15.79 26.94
C ASN B 856 -38.80 16.82 25.92
N ALA B 857 -38.44 18.10 26.08
CA ALA B 857 -38.93 19.20 25.18
C ALA B 857 -40.44 19.17 25.04
N VAL B 858 -41.12 19.25 26.17
CA VAL B 858 -42.57 19.06 26.23
C VAL B 858 -43.30 20.40 26.16
N SER B 859 -44.58 20.33 25.82
CA SER B 859 -45.44 21.50 25.75
C SER B 859 -46.71 21.12 26.48
N LEU B 860 -47.09 21.94 27.48
CA LEU B 860 -48.21 21.64 28.39
C LEU B 860 -49.23 22.78 28.36
N TRP B 861 -50.48 22.46 28.07
CA TRP B 861 -51.55 23.49 28.16
C TRP B 861 -51.96 23.70 29.60
N PRO B 862 -52.74 24.78 29.90
CA PRO B 862 -53.03 25.00 31.31
C PRO B 862 -53.85 23.85 31.85
N GLY B 863 -53.61 23.45 33.09
CA GLY B 863 -54.28 22.27 33.66
C GLY B 863 -53.59 20.93 33.39
N GLU B 864 -52.55 20.93 32.54
CA GLU B 864 -51.81 19.72 32.17
C GLU B 864 -50.53 19.50 32.95
N THR B 865 -50.21 18.22 33.08
CA THR B 865 -49.10 17.75 33.90
C THR B 865 -48.41 16.65 33.09
N THR B 866 -47.12 16.47 33.35
CA THR B 866 -46.41 15.30 32.85
C THR B 866 -45.29 14.93 33.80
N THR B 867 -45.01 13.63 33.83
CA THR B 867 -43.91 13.13 34.64
C THR B 867 -42.83 12.55 33.71
N LEU B 868 -41.61 13.03 33.90
CA LEU B 868 -40.46 12.61 33.13
C LEU B 868 -39.46 11.85 33.97
N THR B 869 -38.72 10.97 33.30
CA THR B 869 -37.72 10.15 33.96
C THR B 869 -36.41 10.27 33.21
N ALA B 870 -35.35 10.54 33.97
CA ALA B 870 -33.96 10.54 33.46
C ALA B 870 -33.17 9.44 34.14
N LYS B 871 -32.42 8.67 33.33
CA LYS B 871 -31.45 7.73 33.88
C LYS B 871 -30.02 8.09 33.44
N TYR B 872 -29.08 7.95 34.37
CA TYR B 872 -27.67 8.24 34.14
C TYR B 872 -26.89 7.50 35.23
N ARG B 873 -25.57 7.44 35.07
CA ARG B 873 -24.67 6.86 36.05
C ARG B 873 -24.46 7.81 37.24
N THR B 874 -24.65 7.29 38.45
CA THR B 874 -24.48 8.08 39.68
C THR B 874 -23.11 8.78 39.64
N ALA B 875 -22.07 8.02 39.25
CA ALA B 875 -20.69 8.53 39.16
C ALA B 875 -20.50 9.78 38.28
N ASP B 876 -21.34 9.94 37.25
CA ASP B 876 -21.23 11.12 36.38
C ASP B 876 -21.69 12.47 37.00
N LEU B 877 -22.20 12.41 38.23
CA LEU B 877 -22.50 13.56 39.10
C LEU B 877 -21.21 14.05 39.75
N LYS B 878 -20.21 13.17 39.81
CA LYS B 878 -18.88 13.45 40.39
C LYS B 878 -19.01 14.04 41.79
N GLY B 879 -19.87 13.44 42.61
CA GLY B 879 -19.98 13.83 44.00
C GLY B 879 -21.02 14.89 44.26
N SER B 880 -21.52 15.51 43.20
CA SER B 880 -22.60 16.50 43.34
C SER B 880 -23.95 15.84 43.61
N LYS B 881 -24.83 16.60 44.27
CA LYS B 881 -26.26 16.28 44.29
C LYS B 881 -26.85 16.63 42.94
N PRO B 882 -27.86 15.87 42.49
CA PRO B 882 -28.56 16.23 41.27
C PRO B 882 -29.54 17.40 41.42
N SER B 883 -29.53 18.29 40.43
CA SER B 883 -30.61 19.25 40.21
C SER B 883 -31.17 19.15 38.76
N VAL B 884 -32.30 19.80 38.53
CA VAL B 884 -32.90 19.81 37.20
C VAL B 884 -33.10 21.26 36.73
N ARG B 885 -32.37 21.66 35.69
CA ARG B 885 -32.61 22.90 34.99
C ARG B 885 -33.71 22.78 33.92
N ILE B 886 -34.69 23.68 34.01
CA ILE B 886 -35.89 23.65 33.19
C ILE B 886 -36.01 24.96 32.44
N SER B 887 -35.88 24.91 31.11
CA SER B 887 -35.98 26.10 30.27
C SER B 887 -37.10 25.91 29.26
N GLY B 888 -38.01 26.89 29.20
CA GLY B 888 -39.06 26.87 28.19
C GLY B 888 -38.97 28.04 27.25
N TRP B 889 -39.38 27.85 25.99
CA TRP B 889 -39.42 28.97 25.07
C TRP B 889 -40.11 30.23 25.68
N ASN B 890 -41.31 30.05 26.23
CA ASN B 890 -42.06 31.16 26.86
C ASN B 890 -42.20 30.99 28.39
N THR B 891 -41.26 30.32 29.06
CA THR B 891 -41.40 30.08 30.51
C THR B 891 -40.13 30.40 31.26
N GLY B 892 -39.13 30.92 30.57
CA GLY B 892 -37.83 31.22 31.21
C GLY B 892 -37.05 29.99 31.64
N THR B 893 -36.21 30.16 32.66
CA THR B 893 -35.34 29.12 33.20
C THR B 893 -35.43 29.11 34.72
N GLN B 894 -35.66 27.93 35.28
CA GLN B 894 -35.57 27.69 36.74
C GLN B 894 -34.73 26.43 36.98
N THR B 895 -34.00 26.40 38.07
CA THR B 895 -33.42 25.13 38.47
C THR B 895 -34.02 24.68 39.81
N VAL B 896 -34.40 23.42 39.87
CA VAL B 896 -34.95 22.83 41.09
C VAL B 896 -33.98 21.77 41.61
N PRO B 897 -33.84 21.62 42.95
CA PRO B 897 -33.12 20.47 43.51
C PRO B 897 -33.87 19.16 43.19
N ALA B 898 -33.12 18.06 43.06
CA ALA B 898 -33.69 16.77 42.71
C ALA B 898 -33.41 15.75 43.83
N ASP B 899 -33.54 16.09 45.01
CD CD C . 13.75 11.55 -43.51
CD CD D . 35.95 6.98 -34.78
C1 PNJ E . 35.55 -3.41 -24.05
C2 PNJ E . 34.20 -2.72 -24.18
C4 PNJ E . 33.25 -4.86 -24.98
C5 PNJ E . 34.65 -5.49 -24.71
C6 PNJ E . 34.99 -6.75 -25.51
C7 PNJ E . 37.77 -2.75 -24.42
C8 PNJ E . 38.66 -1.90 -25.03
C9 PNJ E . 40.01 -2.23 -25.10
C10 PNJ E . 40.46 -3.42 -24.58
C11 PNJ E . 39.57 -4.30 -23.96
C12 PNJ E . 38.22 -3.96 -23.89
N1 PNJ E . 41.77 -3.68 -24.70
O1 PNJ E . 36.44 -2.37 -24.41
O3 PNJ E . 31.75 -3.18 -24.28
O4 PNJ E . 32.18 -5.81 -24.86
C3 PNJ E . 33.04 -3.73 -23.98
O5 PNJ E . 35.62 -4.44 -24.98
O6 PNJ E . 35.01 -6.38 -26.89
O7 PNJ E . 42.37 -4.84 -24.23
N2 PNJ E . 34.20 -1.56 -23.27
O8 PNJ E . 42.55 -2.72 -25.32
CD CD F . -31.76 -29.90 11.13
CD CD G . -34.88 -31.89 16.29
CD CD H . 13.20 3.76 7.86
CD CD I . -10.32 9.49 -8.27
C ACT J . -43.67 18.92 22.13
O ACT J . -43.19 20.00 22.62
OXT ACT J . -43.41 18.64 20.88
CH3 ACT J . -44.56 18.02 23.01
C1 PNJ K . -22.11 11.27 0.26
C2 PNJ K . -20.96 10.60 1.05
C4 PNJ K . -20.83 12.66 2.45
C5 PNJ K . -22.06 13.24 1.73
C6 PNJ K . -22.03 14.73 1.53
C7 PNJ K . -22.67 11.38 -2.08
C8 PNJ K . -22.31 11.21 -3.41
C9 PNJ K . -23.16 11.68 -4.41
C10 PNJ K . -24.35 12.35 -4.09
C11 PNJ K . -24.71 12.49 -2.76
C12 PNJ K . -23.86 12.03 -1.76
N1 PNJ K . -25.13 12.81 -5.08
O1 PNJ K . -21.83 10.90 -1.12
O3 PNJ K . -19.77 10.70 3.21
O4 PNJ K . -20.73 13.17 3.78
C3 PNJ K . -20.91 11.14 2.48
O5 PNJ K . -22.09 12.72 0.40
O6 PNJ K . -20.91 15.07 0.74
O7 PNJ K . -26.29 13.57 -4.86
N2 PNJ K . -21.06 9.12 0.96
O8 PNJ K . -24.83 12.51 -6.39
#